data_2Y1X
#
_entry.id   2Y1X
#
_cell.length_a   75.558
_cell.length_b   98.757
_cell.length_c   207.456
_cell.angle_alpha   90.00
_cell.angle_beta   90.00
_cell.angle_gamma   90.00
#
_symmetry.space_group_name_H-M   'P 21 21 2'
#
loop_
_entity.id
_entity.type
_entity.pdbx_description
1 polymer 'HISTONE-ARGININE METHYLTRANSFERASE CARM1'
2 non-polymer S-ADENOSYL-L-HOMOCYSTEINE
3 non-polymer N-(3-{5-[5-(1H-INDOL-4-YL)-1,3,4-OXADIAZOL-2-YL]-3-(TRIFLUOROMETHYL)-1H-PYRAZOL-1-YL}BENZYL)-L-ALANINAMIDE
4 non-polymer 'CHLORIDE ION'
5 water water
#
_entity_poly.entity_id   1
_entity_poly.type   'polypeptide(L)'
_entity_poly.pdbx_seq_one_letter_code
;SVFSERTEESSAVQYFQFYGYLSQQQNMMQDYVRTGTYQRAILQNHTDFKDKIVLDVGCGSGILSFFAAQAGARKIYAVE
ASTMAQHAEVLVKSNNLTDRIVVIPGKVEEVSLPEQVDIIISEPMGYMLFNERMLESYLHAKKYLKPSGNMFPTIGDVHL
APFTDEQLYMEQFTKANFWYQPSFHGVDLSALRGAAVDEYFRQPVVDTFDIRILMAKSVKYTVNFLEAKEGDLHRIEIPF
KFHMLHSGLVHGLAFWFDVAFIGSIMTVWLSTAPTEPLTHWYQVRCLFQSPLFAKAGDTLSGTCLLIANKRQSYDISIVA
QVDQTGSKSSNLLDLKNPFFRYTGTTPS
;
_entity_poly.pdbx_strand_id   A,B,C,D
#
loop_
_chem_comp.id
_chem_comp.type
_chem_comp.name
_chem_comp.formula
845 non-polymer N-(3-{5-[5-(1H-INDOL-4-YL)-1,3,4-OXADIAZOL-2-YL]-3-(TRIFLUOROMETHYL)-1H-PYRAZOL-1-YL}BENZYL)-L-ALANINAMIDE 'C24 H22 F3 N7 O2'
CL non-polymer 'CHLORIDE ION' 'Cl -1'
SAH non-polymer S-ADENOSYL-L-HOMOCYSTEINE 'C14 H20 N6 O5 S'
#
# COMPACT_ATOMS: atom_id res chain seq x y z
N SER A 1 -43.09 -17.46 3.40
CA SER A 1 -43.18 -16.31 2.44
C SER A 1 -43.00 -16.82 1.00
N VAL A 2 -43.24 -15.97 0.00
CA VAL A 2 -43.01 -16.46 -1.35
C VAL A 2 -41.58 -16.96 -1.45
N PHE A 3 -40.64 -16.18 -0.94
CA PHE A 3 -39.24 -16.55 -1.03
C PHE A 3 -38.93 -17.89 -0.31
N SER A 4 -39.38 -18.02 0.93
CA SER A 4 -38.99 -19.17 1.72
C SER A 4 -39.69 -20.41 1.18
N GLU A 5 -40.81 -20.19 0.51
CA GLU A 5 -41.62 -21.28 -0.03
C GLU A 5 -40.87 -21.93 -1.19
N ARG A 6 -40.30 -21.10 -2.06
CA ARG A 6 -39.57 -21.61 -3.23
C ARG A 6 -38.09 -21.91 -2.96
N THR A 7 -37.63 -21.70 -1.73
CA THR A 7 -36.19 -21.84 -1.45
C THR A 7 -35.92 -22.73 -0.24
N GLU A 8 -35.09 -23.75 -0.39
CA GLU A 8 -34.78 -24.48 0.81
C GLU A 8 -33.77 -23.72 1.65
N GLU A 9 -34.05 -23.69 2.95
CA GLU A 9 -33.45 -22.74 3.86
C GLU A 9 -31.93 -22.74 3.79
N SER A 10 -31.33 -23.92 3.57
CA SER A 10 -29.88 -24.01 3.60
C SER A 10 -29.23 -23.37 2.37
N SER A 11 -29.93 -23.41 1.25
CA SER A 11 -29.43 -22.75 0.06
C SER A 11 -29.45 -21.28 0.35
N ALA A 12 -30.47 -20.84 1.06
CA ALA A 12 -30.66 -19.42 1.28
C ALA A 12 -29.59 -18.86 2.21
N VAL A 13 -29.20 -19.66 3.21
CA VAL A 13 -28.18 -19.25 4.19
C VAL A 13 -26.85 -19.09 3.50
N GLN A 14 -26.43 -20.07 2.70
CA GLN A 14 -25.15 -19.93 2.04
C GLN A 14 -25.24 -18.90 0.90
N TYR A 15 -26.43 -18.70 0.36
CA TYR A 15 -26.59 -17.68 -0.66
C TYR A 15 -26.40 -16.28 -0.08
N PHE A 16 -27.11 -15.94 0.98
CA PHE A 16 -26.97 -14.60 1.51
C PHE A 16 -25.67 -14.40 2.28
N GLN A 17 -25.09 -15.49 2.77
CA GLN A 17 -23.78 -15.41 3.37
C GLN A 17 -22.75 -14.96 2.34
N PHE A 18 -22.88 -15.52 1.13
CA PHE A 18 -21.97 -15.21 0.02
C PHE A 18 -22.01 -13.73 -0.30
N TYR A 19 -23.20 -13.13 -0.30
CA TYR A 19 -23.32 -11.72 -0.63
C TYR A 19 -22.98 -10.80 0.55
N GLY A 20 -22.79 -11.39 1.73
CA GLY A 20 -22.27 -10.63 2.86
C GLY A 20 -20.78 -10.35 2.79
N TYR A 21 -20.08 -10.96 1.84
CA TYR A 21 -18.66 -10.67 1.70
C TYR A 21 -18.43 -9.42 0.88
N LEU A 22 -17.66 -8.49 1.42
CA LEU A 22 -17.37 -7.25 0.72
C LEU A 22 -16.67 -7.58 -0.60
N SER A 23 -15.81 -8.60 -0.57
CA SER A 23 -15.08 -8.96 -1.77
C SER A 23 -16.00 -9.39 -2.94
N GLN A 24 -17.16 -9.96 -2.63
CA GLN A 24 -18.07 -10.38 -3.68
C GLN A 24 -18.90 -9.20 -4.17
N GLN A 25 -19.23 -8.29 -3.29
CA GLN A 25 -19.84 -7.03 -3.75
C GLN A 25 -18.84 -6.33 -4.64
N GLN A 26 -17.58 -6.34 -4.21
CA GLN A 26 -16.53 -5.73 -4.98
C GLN A 26 -16.47 -6.31 -6.41
N ASN A 27 -16.55 -7.64 -6.52
CA ASN A 27 -16.48 -8.29 -7.82
C ASN A 27 -17.50 -7.70 -8.78
N MET A 28 -18.66 -7.32 -8.27
CA MET A 28 -19.67 -6.74 -9.13
C MET A 28 -19.39 -5.26 -9.38
N MET A 29 -19.02 -4.55 -8.33
CA MET A 29 -18.79 -3.11 -8.43
C MET A 29 -17.63 -2.83 -9.38
N GLN A 30 -16.57 -3.62 -9.26
CA GLN A 30 -15.39 -3.53 -10.13
C GLN A 30 -15.68 -3.78 -11.60
N ASP A 31 -16.78 -4.48 -11.88
CA ASP A 31 -17.17 -4.74 -13.26
C ASP A 31 -17.55 -3.40 -13.87
N TYR A 32 -16.60 -2.76 -14.55
CA TYR A 32 -16.81 -1.39 -14.95
C TYR A 32 -17.95 -1.25 -15.95
N VAL A 33 -18.00 -2.13 -16.96
CA VAL A 33 -19.11 -2.09 -17.92
C VAL A 33 -20.46 -2.14 -17.21
N ARG A 34 -20.58 -3.08 -16.27
CA ARG A 34 -21.82 -3.25 -15.55
C ARG A 34 -22.15 -2.00 -14.72
N THR A 35 -21.23 -1.62 -13.84
CA THR A 35 -21.53 -0.54 -12.90
C THR A 35 -21.64 0.78 -13.66
N GLY A 36 -20.75 0.95 -14.64
CA GLY A 36 -20.72 2.19 -15.40
C GLY A 36 -21.97 2.36 -16.23
N THR A 37 -22.44 1.27 -16.82
CA THR A 37 -23.63 1.37 -17.64
C THR A 37 -24.85 1.63 -16.75
N TYR A 38 -24.90 1.05 -15.57
CA TYR A 38 -26.03 1.35 -14.69
C TYR A 38 -26.06 2.84 -14.33
N GLN A 39 -24.91 3.41 -13.96
CA GLN A 39 -24.84 4.80 -13.56
C GLN A 39 -25.29 5.70 -14.70
N ARG A 40 -24.79 5.41 -15.89
CA ARG A 40 -25.12 6.20 -17.06
C ARG A 40 -26.63 6.07 -17.38
N ALA A 41 -27.17 4.85 -17.30
CA ALA A 41 -28.58 4.61 -17.62
C ALA A 41 -29.44 5.44 -16.68
N ILE A 42 -28.99 5.56 -15.43
CA ILE A 42 -29.75 6.28 -14.41
C ILE A 42 -29.58 7.80 -14.48
N LEU A 43 -28.35 8.26 -14.68
CA LEU A 43 -28.10 9.69 -14.74
C LEU A 43 -28.63 10.30 -16.05
N GLN A 44 -28.63 9.52 -17.13
CA GLN A 44 -29.09 10.06 -18.40
C GLN A 44 -30.61 10.00 -18.54
N ASN A 45 -31.26 9.24 -17.68
CA ASN A 45 -32.71 9.35 -17.58
C ASN A 45 -33.13 9.99 -16.28
N HIS A 46 -32.54 11.16 -15.99
CA HIS A 46 -32.69 11.80 -14.70
C HIS A 46 -34.12 12.23 -14.43
N THR A 47 -34.87 12.48 -15.50
CA THR A 47 -36.28 12.83 -15.28
C THR A 47 -37.06 11.63 -14.76
N ASP A 48 -36.54 10.43 -14.95
CA ASP A 48 -37.17 9.26 -14.36
C ASP A 48 -36.87 9.15 -12.88
N PHE A 49 -35.94 9.95 -12.39
CA PHE A 49 -35.57 9.85 -10.97
C PHE A 49 -35.76 11.12 -10.18
N LYS A 50 -35.74 12.27 -10.86
CA LYS A 50 -35.83 13.54 -10.16
C LYS A 50 -37.09 13.60 -9.29
N ASP A 51 -36.91 13.77 -7.98
CA ASP A 51 -38.03 13.93 -7.05
C ASP A 51 -38.96 12.72 -6.93
N LYS A 52 -38.52 11.60 -7.49
CA LYS A 52 -39.28 10.36 -7.45
C LYS A 52 -38.98 9.52 -6.21
N ILE A 53 -39.81 8.49 -6.01
CA ILE A 53 -39.56 7.49 -4.97
C ILE A 53 -39.03 6.27 -5.72
N VAL A 54 -37.96 5.66 -5.21
CA VAL A 54 -37.41 4.51 -5.88
C VAL A 54 -37.13 3.36 -4.93
N LEU A 55 -37.29 2.14 -5.46
CA LEU A 55 -36.95 0.94 -4.72
C LEU A 55 -35.76 0.26 -5.39
N ASP A 56 -34.74 -0.09 -4.60
CA ASP A 56 -33.55 -0.78 -5.06
C ASP A 56 -33.63 -2.20 -4.52
N VAL A 57 -33.90 -3.17 -5.38
CA VAL A 57 -34.09 -4.54 -4.91
C VAL A 57 -32.75 -5.27 -4.79
N GLY A 58 -32.38 -5.62 -3.56
CA GLY A 58 -31.07 -6.19 -3.30
C GLY A 58 -29.97 -5.16 -3.49
N CYS A 59 -29.90 -4.17 -2.60
CA CYS A 59 -29.06 -3.00 -2.85
C CYS A 59 -27.56 -3.32 -2.69
N GLY A 60 -27.26 -4.41 -1.99
CA GLY A 60 -25.88 -4.79 -1.75
C GLY A 60 -25.14 -3.64 -1.09
N SER A 61 -24.07 -3.17 -1.71
CA SER A 61 -23.28 -2.09 -1.13
C SER A 61 -24.13 -0.80 -1.04
N GLY A 62 -25.18 -0.75 -1.84
CA GLY A 62 -25.97 0.47 -1.92
C GLY A 62 -25.69 1.21 -3.21
N ILE A 63 -24.68 0.77 -3.93
CA ILE A 63 -24.15 1.51 -5.08
C ILE A 63 -25.22 2.06 -6.02
N LEU A 64 -26.24 1.27 -6.32
CA LEU A 64 -27.23 1.71 -7.30
C LEU A 64 -28.11 2.82 -6.73
N SER A 65 -28.43 2.71 -5.45
CA SER A 65 -29.21 3.74 -4.80
C SER A 65 -28.45 5.07 -4.81
N PHE A 66 -27.14 5.05 -4.59
CA PHE A 66 -26.37 6.30 -4.67
C PHE A 66 -26.51 6.91 -6.07
N PHE A 67 -26.61 6.06 -7.08
CA PHE A 67 -26.77 6.56 -8.43
C PHE A 67 -28.14 7.24 -8.58
N ALA A 68 -29.16 6.62 -8.01
CA ALA A 68 -30.49 7.20 -7.99
C ALA A 68 -30.39 8.54 -7.28
N ALA A 69 -29.67 8.57 -6.16
CA ALA A 69 -29.55 9.80 -5.38
C ALA A 69 -28.89 10.88 -6.20
N GLN A 70 -27.78 10.54 -6.84
CA GLN A 70 -27.09 11.49 -7.71
C GLN A 70 -28.03 12.03 -8.77
N ALA A 71 -29.10 11.31 -9.07
CA ALA A 71 -29.96 11.69 -10.18
C ALA A 71 -31.20 12.42 -9.69
N GLY A 72 -31.25 12.74 -8.40
CA GLY A 72 -32.31 13.59 -7.88
C GLY A 72 -33.46 12.89 -7.18
N ALA A 73 -33.43 11.57 -7.05
CA ALA A 73 -34.52 10.85 -6.40
C ALA A 73 -34.79 11.57 -5.10
N ARG A 74 -36.04 11.60 -4.65
CA ARG A 74 -36.35 12.21 -3.37
C ARG A 74 -36.23 11.22 -2.23
N LYS A 75 -36.66 9.98 -2.49
CA LYS A 75 -36.54 8.92 -1.50
C LYS A 75 -36.22 7.59 -2.18
N ILE A 76 -35.31 6.82 -1.57
CA ILE A 76 -34.88 5.53 -2.10
C ILE A 76 -34.90 4.50 -0.99
N TYR A 77 -35.73 3.47 -1.17
CA TYR A 77 -35.70 2.37 -0.23
C TYR A 77 -34.76 1.32 -0.81
N ALA A 78 -33.75 0.96 -0.04
CA ALA A 78 -32.73 0.05 -0.50
C ALA A 78 -32.84 -1.23 0.32
N VAL A 79 -33.35 -2.28 -0.30
CA VAL A 79 -33.68 -3.51 0.42
C VAL A 79 -32.57 -4.52 0.19
N GLU A 80 -32.16 -5.21 1.24
CA GLU A 80 -31.03 -6.12 1.17
C GLU A 80 -31.09 -7.17 2.27
N ALA A 81 -31.01 -8.43 1.87
CA ALA A 81 -31.31 -9.51 2.78
C ALA A 81 -30.10 -10.04 3.50
N SER A 82 -28.91 -9.86 2.93
CA SER A 82 -27.70 -10.33 3.60
C SER A 82 -27.18 -9.28 4.58
N THR A 83 -26.11 -9.59 5.29
CA THR A 83 -25.57 -8.69 6.29
C THR A 83 -24.90 -7.49 5.61
N MET A 84 -24.77 -7.54 4.28
CA MET A 84 -24.23 -6.41 3.54
C MET A 84 -25.04 -5.17 3.90
N ALA A 85 -26.28 -5.38 4.33
CA ALA A 85 -27.19 -4.26 4.56
C ALA A 85 -26.64 -3.30 5.62
N GLN A 86 -25.87 -3.81 6.57
CA GLN A 86 -25.27 -2.99 7.62
C GLN A 86 -24.20 -2.10 7.02
N HIS A 87 -23.36 -2.68 6.19
CA HIS A 87 -22.33 -1.90 5.51
C HIS A 87 -22.96 -0.81 4.63
N ALA A 88 -24.12 -1.10 4.06
CA ALA A 88 -24.77 -0.13 3.20
C ALA A 88 -25.22 1.04 4.03
N GLU A 89 -25.74 0.73 5.22
CA GLU A 89 -26.18 1.77 6.15
C GLU A 89 -25.00 2.69 6.53
N VAL A 90 -23.87 2.08 6.88
CA VAL A 90 -22.65 2.82 7.13
C VAL A 90 -22.32 3.77 5.99
N LEU A 91 -22.43 3.29 4.75
CA LEU A 91 -22.13 4.14 3.61
C LEU A 91 -23.11 5.29 3.45
N VAL A 92 -24.39 4.99 3.59
CA VAL A 92 -25.41 6.02 3.58
C VAL A 92 -25.14 7.14 4.60
N LYS A 93 -24.72 6.78 5.81
CA LYS A 93 -24.32 7.78 6.81
C LYS A 93 -23.08 8.52 6.38
N SER A 94 -22.03 7.79 6.03
CA SER A 94 -20.75 8.44 5.77
C SER A 94 -20.86 9.32 4.54
N ASN A 95 -21.87 9.05 3.70
CA ASN A 95 -22.08 9.85 2.50
C ASN A 95 -23.17 10.91 2.69
N ASN A 96 -23.63 11.07 3.94
CA ASN A 96 -24.59 12.12 4.33
C ASN A 96 -25.85 12.10 3.45
N LEU A 97 -26.45 10.91 3.35
CA LEU A 97 -27.62 10.76 2.52
C LEU A 97 -28.72 10.08 3.30
N THR A 98 -28.60 10.11 4.63
CA THR A 98 -29.61 9.49 5.49
C THR A 98 -31.01 10.06 5.25
N ASP A 99 -31.07 11.28 4.72
CA ASP A 99 -32.38 11.89 4.45
C ASP A 99 -33.03 11.32 3.19
N ARG A 100 -32.28 10.57 2.39
CA ARG A 100 -32.78 10.21 1.08
C ARG A 100 -32.70 8.72 0.76
N ILE A 101 -31.70 8.04 1.29
CA ILE A 101 -31.64 6.60 1.09
C ILE A 101 -31.99 5.90 2.37
N VAL A 102 -32.95 4.99 2.32
CA VAL A 102 -33.33 4.25 3.51
C VAL A 102 -33.04 2.78 3.31
N VAL A 103 -32.14 2.25 4.12
CA VAL A 103 -31.78 0.86 4.02
C VAL A 103 -32.72 0.01 4.85
N ILE A 104 -33.30 -0.99 4.20
CA ILE A 104 -34.27 -1.90 4.82
C ILE A 104 -33.73 -3.31 4.69
N PRO A 105 -33.28 -3.88 5.82
CA PRO A 105 -32.76 -5.25 5.91
C PRO A 105 -33.88 -6.25 5.69
N GLY A 106 -33.56 -7.35 5.04
CA GLY A 106 -34.54 -8.39 4.83
C GLY A 106 -34.77 -8.67 3.36
N LYS A 107 -35.57 -9.71 3.11
CA LYS A 107 -35.88 -10.13 1.75
C LYS A 107 -37.02 -9.25 1.19
N VAL A 108 -36.94 -8.88 -0.07
CA VAL A 108 -37.93 -7.97 -0.63
C VAL A 108 -39.33 -8.59 -0.55
N GLU A 109 -39.38 -9.91 -0.37
CA GLU A 109 -40.64 -10.62 -0.34
C GLU A 109 -41.27 -10.53 1.03
N GLU A 110 -40.47 -10.12 2.02
CA GLU A 110 -40.87 -10.20 3.42
C GLU A 110 -40.90 -8.89 4.21
N VAL A 111 -40.39 -7.81 3.62
CA VAL A 111 -40.33 -6.54 4.36
C VAL A 111 -41.54 -5.69 4.01
N SER A 112 -41.66 -4.54 4.65
CA SER A 112 -42.71 -3.58 4.32
C SER A 112 -42.12 -2.27 3.80
N LEU A 113 -42.70 -1.71 2.76
CA LEU A 113 -42.36 -0.35 2.39
C LEU A 113 -43.42 0.65 2.84
N PRO A 114 -42.99 1.73 3.51
CA PRO A 114 -43.96 2.77 3.86
C PRO A 114 -44.79 3.31 2.69
N GLU A 115 -44.28 3.22 1.48
CA GLU A 115 -45.07 3.75 0.36
C GLU A 115 -44.80 3.05 -0.97
N GLN A 116 -45.62 3.37 -1.97
CA GLN A 116 -45.45 2.82 -3.30
C GLN A 116 -44.39 3.66 -3.97
N VAL A 117 -43.79 3.12 -5.04
CA VAL A 117 -42.63 3.76 -5.66
C VAL A 117 -42.89 4.05 -7.12
N ASP A 118 -42.16 5.00 -7.68
CA ASP A 118 -42.32 5.37 -9.08
C ASP A 118 -41.49 4.46 -9.98
N ILE A 119 -40.45 3.87 -9.41
CA ILE A 119 -39.51 3.12 -10.21
C ILE A 119 -38.68 2.17 -9.36
N ILE A 120 -38.51 0.96 -9.88
CA ILE A 120 -37.67 -0.01 -9.19
C ILE A 120 -36.44 -0.13 -10.03
N ILE A 121 -35.31 -0.16 -9.35
CA ILE A 121 -34.04 -0.47 -10.00
C ILE A 121 -33.49 -1.72 -9.32
N SER A 122 -32.73 -2.49 -10.08
CA SER A 122 -32.10 -3.68 -9.52
C SER A 122 -31.04 -4.20 -10.46
N GLU A 123 -30.09 -4.93 -9.91
CA GLU A 123 -29.17 -5.68 -10.73
C GLU A 123 -29.20 -7.13 -10.23
N PRO A 124 -30.23 -7.88 -10.67
CA PRO A 124 -30.56 -9.23 -10.22
C PRO A 124 -30.09 -10.32 -11.17
N MET A 125 -29.44 -9.93 -12.28
CA MET A 125 -29.03 -10.90 -13.29
C MET A 125 -27.93 -11.84 -12.81
N GLY A 126 -28.12 -13.15 -13.04
CA GLY A 126 -27.08 -14.12 -12.78
C GLY A 126 -26.50 -14.69 -14.07
N TYR A 127 -25.67 -15.73 -13.93
CA TYR A 127 -25.10 -16.38 -15.11
C TYR A 127 -26.27 -16.83 -15.97
N MET A 128 -26.14 -16.72 -17.28
CA MET A 128 -27.22 -17.14 -18.17
C MET A 128 -28.48 -16.35 -17.85
N LEU A 129 -28.29 -15.14 -17.32
CA LEU A 129 -29.40 -14.27 -16.93
C LEU A 129 -30.15 -14.79 -15.71
N PHE A 130 -30.63 -16.03 -15.76
CA PHE A 130 -31.64 -16.47 -14.82
C PHE A 130 -31.11 -17.08 -13.54
N ASN A 131 -29.83 -17.46 -13.54
CA ASN A 131 -29.29 -18.17 -12.39
C ASN A 131 -29.47 -17.34 -11.16
N GLU A 132 -29.73 -18.01 -10.05
CA GLU A 132 -29.98 -17.41 -8.72
C GLU A 132 -31.46 -17.15 -8.44
N ARG A 133 -32.26 -17.15 -9.50
CA ARG A 133 -33.71 -16.90 -9.40
C ARG A 133 -34.02 -15.56 -8.73
N MET A 134 -33.07 -14.63 -8.81
CA MET A 134 -33.37 -13.32 -8.28
C MET A 134 -34.31 -12.48 -9.18
N LEU A 135 -34.39 -12.81 -10.46
CA LEU A 135 -35.33 -12.13 -11.31
C LEU A 135 -36.76 -12.25 -10.76
N GLU A 136 -37.06 -13.34 -10.09
CA GLU A 136 -38.38 -13.48 -9.49
C GLU A 136 -38.59 -12.46 -8.39
N SER A 137 -37.57 -12.28 -7.55
CA SER A 137 -37.60 -11.23 -6.52
C SER A 137 -37.85 -9.84 -7.10
N TYR A 138 -37.16 -9.53 -8.19
CA TYR A 138 -37.34 -8.26 -8.87
C TYR A 138 -38.78 -8.12 -9.37
N LEU A 139 -39.31 -9.16 -10.00
CA LEU A 139 -40.70 -9.11 -10.47
C LEU A 139 -41.67 -9.02 -9.29
N HIS A 140 -41.44 -9.85 -8.29
CA HIS A 140 -42.23 -9.79 -7.07
C HIS A 140 -42.34 -8.38 -6.49
N ALA A 141 -41.23 -7.63 -6.55
CA ALA A 141 -41.18 -6.29 -5.97
C ALA A 141 -42.19 -5.34 -6.64
N LYS A 142 -42.72 -5.73 -7.79
CA LYS A 142 -43.72 -4.90 -8.47
C LYS A 142 -44.99 -4.67 -7.65
N LYS A 143 -45.20 -5.44 -6.59
CA LYS A 143 -46.32 -5.15 -5.71
C LYS A 143 -46.17 -3.78 -5.05
N TYR A 144 -45.01 -3.15 -5.18
CA TYR A 144 -44.82 -1.81 -4.59
C TYR A 144 -44.80 -0.77 -5.71
N LEU A 145 -44.99 -1.20 -6.95
CA LEU A 145 -44.88 -0.28 -8.07
C LEU A 145 -46.19 0.45 -8.41
N LYS A 146 -46.17 1.78 -8.35
CA LYS A 146 -47.32 2.58 -8.75
C LYS A 146 -47.70 2.22 -10.17
N PRO A 147 -49.00 2.32 -10.50
CA PRO A 147 -49.47 2.02 -11.86
C PRO A 147 -48.65 2.83 -12.84
N SER A 148 -48.19 2.19 -13.90
CA SER A 148 -47.37 2.91 -14.86
C SER A 148 -46.00 3.35 -14.27
N GLY A 149 -45.64 2.75 -13.15
CA GLY A 149 -44.27 2.86 -12.65
C GLY A 149 -43.29 2.14 -13.59
N ASN A 150 -42.01 2.48 -13.50
CA ASN A 150 -41.01 1.95 -14.42
C ASN A 150 -40.06 0.94 -13.79
N MET A 151 -39.50 0.06 -14.62
CA MET A 151 -38.54 -0.94 -14.18
C MET A 151 -37.18 -0.70 -14.85
N PHE A 152 -36.13 -0.65 -14.03
CA PHE A 152 -34.77 -0.42 -14.50
C PHE A 152 -33.87 -1.53 -13.99
N PRO A 153 -33.55 -2.53 -14.85
CA PRO A 153 -33.79 -2.66 -16.29
C PRO A 153 -35.24 -2.99 -16.65
N THR A 154 -35.62 -2.64 -17.88
CA THR A 154 -37.00 -2.79 -18.33
C THR A 154 -37.25 -4.15 -19.01
N ILE A 155 -36.29 -4.64 -19.80
CA ILE A 155 -36.41 -5.96 -20.41
C ILE A 155 -35.09 -6.70 -20.38
N GLY A 156 -35.13 -8.03 -20.42
CA GLY A 156 -33.92 -8.82 -20.62
C GLY A 156 -34.02 -9.84 -21.75
N ASP A 157 -32.98 -9.93 -22.58
CA ASP A 157 -32.91 -10.93 -23.64
C ASP A 157 -31.85 -11.96 -23.27
N VAL A 158 -32.22 -13.23 -23.31
CA VAL A 158 -31.22 -14.32 -23.31
C VAL A 158 -30.97 -14.74 -24.76
N HIS A 159 -29.70 -14.89 -25.12
CA HIS A 159 -29.34 -15.35 -26.45
C HIS A 159 -28.75 -16.75 -26.34
N LEU A 160 -29.08 -17.61 -27.30
CA LEU A 160 -28.37 -18.86 -27.47
C LEU A 160 -28.00 -19.11 -28.92
N ALA A 161 -26.89 -19.82 -29.11
CA ALA A 161 -26.33 -20.05 -30.42
C ALA A 161 -25.51 -21.33 -30.37
N PRO A 162 -25.57 -22.12 -31.45
CA PRO A 162 -24.75 -23.34 -31.46
C PRO A 162 -23.29 -22.93 -31.64
N PHE A 163 -22.38 -23.69 -31.05
CA PHE A 163 -20.97 -23.44 -31.27
C PHE A 163 -20.32 -24.74 -31.66
N THR A 164 -19.16 -24.62 -32.29
CA THR A 164 -18.29 -25.77 -32.47
C THR A 164 -17.01 -25.50 -31.68
N ASP A 165 -16.59 -26.45 -30.88
CA ASP A 165 -15.33 -26.34 -30.14
C ASP A 165 -14.85 -27.76 -29.88
N GLU A 166 -14.08 -28.32 -30.82
CA GLU A 166 -13.70 -29.73 -30.75
C GLU A 166 -12.87 -29.97 -29.50
N GLN A 167 -12.04 -28.99 -29.15
CA GLN A 167 -11.20 -29.14 -27.99
C GLN A 167 -11.98 -29.15 -26.66
N LEU A 168 -12.87 -28.18 -26.46
CA LEU A 168 -13.65 -28.19 -25.24
C LEU A 168 -14.34 -29.55 -25.10
N TYR A 169 -14.91 -30.05 -26.18
CA TYR A 169 -15.56 -31.36 -26.16
C TYR A 169 -14.61 -32.50 -25.82
N MET A 170 -13.51 -32.63 -26.53
CA MET A 170 -12.61 -33.77 -26.31
C MET A 170 -12.02 -33.66 -24.90
N GLU A 171 -11.83 -32.44 -24.43
CA GLU A 171 -11.29 -32.18 -23.10
C GLU A 171 -12.05 -32.95 -21.99
N GLN A 172 -13.34 -33.12 -22.17
CA GLN A 172 -14.17 -33.82 -21.19
C GLN A 172 -13.70 -35.26 -21.03
N PHE A 173 -13.35 -35.92 -22.14
CA PHE A 173 -12.99 -37.35 -22.08
C PHE A 173 -11.54 -37.52 -21.71
N THR A 174 -10.74 -36.52 -22.02
CA THR A 174 -9.38 -36.47 -21.55
C THR A 174 -9.32 -36.36 -20.04
N LYS A 175 -10.24 -35.62 -19.46
CA LYS A 175 -10.22 -35.54 -18.02
C LYS A 175 -10.72 -36.86 -17.47
N ALA A 176 -11.80 -37.39 -18.04
CA ALA A 176 -12.44 -38.57 -17.44
C ALA A 176 -11.46 -39.72 -17.49
N ASN A 177 -10.55 -39.66 -18.47
CA ASN A 177 -9.67 -40.80 -18.71
C ASN A 177 -8.63 -41.07 -17.64
N PHE A 178 -8.51 -40.18 -16.66
CA PHE A 178 -7.78 -40.50 -15.43
C PHE A 178 -8.22 -41.85 -14.85
N TRP A 179 -9.52 -42.08 -14.86
CA TRP A 179 -10.09 -43.30 -14.31
C TRP A 179 -9.93 -44.51 -15.23
N TYR A 180 -9.44 -44.33 -16.44
CA TYR A 180 -9.32 -45.49 -17.32
C TYR A 180 -7.88 -46.00 -17.32
N GLN A 181 -7.60 -46.76 -16.28
CA GLN A 181 -6.27 -47.00 -15.79
C GLN A 181 -6.40 -48.39 -15.16
N PRO A 182 -5.80 -49.42 -15.74
CA PRO A 182 -6.00 -50.79 -15.23
C PRO A 182 -5.33 -51.00 -13.90
N SER A 183 -4.28 -50.24 -13.63
CA SER A 183 -3.47 -50.43 -12.42
C SER A 183 -2.99 -49.11 -11.82
N PHE A 184 -3.87 -48.43 -11.12
CA PHE A 184 -3.50 -47.21 -10.43
C PHE A 184 -3.03 -47.63 -9.04
N HIS A 185 -1.74 -47.52 -8.79
CA HIS A 185 -1.19 -48.08 -7.57
C HIS A 185 -1.78 -49.46 -7.34
N GLY A 186 -1.91 -50.20 -8.44
CA GLY A 186 -2.40 -51.57 -8.37
C GLY A 186 -3.91 -51.68 -8.41
N VAL A 187 -4.63 -50.56 -8.47
CA VAL A 187 -6.08 -50.68 -8.57
C VAL A 187 -6.60 -50.33 -9.96
N ASP A 188 -7.50 -51.17 -10.50
CA ASP A 188 -8.12 -50.91 -11.79
C ASP A 188 -9.29 -49.94 -11.57
N LEU A 189 -9.10 -48.69 -12.01
CA LEU A 189 -10.12 -47.65 -11.83
C LEU A 189 -11.15 -47.62 -12.94
N SER A 190 -10.97 -48.45 -13.98
CA SER A 190 -11.66 -48.17 -15.23
C SER A 190 -13.19 -48.14 -15.11
N ALA A 191 -13.72 -48.88 -14.16
CA ALA A 191 -15.16 -49.10 -14.09
C ALA A 191 -15.88 -47.80 -13.76
N LEU A 192 -15.12 -46.78 -13.34
CA LEU A 192 -15.74 -45.49 -13.03
C LEU A 192 -15.53 -44.43 -14.12
N ARG A 193 -14.88 -44.79 -15.21
CA ARG A 193 -14.65 -43.79 -16.24
C ARG A 193 -15.96 -43.19 -16.72
N GLY A 194 -16.96 -44.04 -16.91
CA GLY A 194 -18.28 -43.57 -17.33
C GLY A 194 -18.91 -42.55 -16.41
N ALA A 195 -18.80 -42.77 -15.11
CA ALA A 195 -19.39 -41.88 -14.13
C ALA A 195 -18.66 -40.57 -14.17
N ALA A 196 -17.35 -40.63 -14.41
CA ALA A 196 -16.56 -39.42 -14.51
C ALA A 196 -17.04 -38.59 -15.72
N VAL A 197 -17.21 -39.24 -16.88
CA VAL A 197 -17.81 -38.55 -18.01
C VAL A 197 -19.15 -37.86 -17.69
N ASP A 198 -20.07 -38.56 -17.02
CA ASP A 198 -21.39 -37.99 -16.75
C ASP A 198 -21.29 -36.78 -15.85
N GLU A 199 -20.33 -36.83 -14.94
CA GLU A 199 -20.16 -35.77 -13.96
C GLU A 199 -19.73 -34.47 -14.65
N TYR A 200 -18.76 -34.53 -15.56
CA TYR A 200 -18.35 -33.32 -16.27
C TYR A 200 -19.43 -32.74 -17.19
N PHE A 201 -20.07 -33.61 -17.98
CA PHE A 201 -21.12 -33.15 -18.89
C PHE A 201 -22.30 -32.49 -18.21
N ARG A 202 -22.48 -32.76 -16.92
CA ARG A 202 -23.60 -32.24 -16.17
C ARG A 202 -23.41 -30.75 -15.85
N GLN A 203 -22.23 -30.22 -16.16
CA GLN A 203 -21.88 -28.86 -15.76
C GLN A 203 -21.90 -27.80 -16.84
N PRO A 204 -22.68 -26.74 -16.65
CA PRO A 204 -22.49 -25.67 -17.64
C PRO A 204 -21.09 -25.11 -17.48
N VAL A 205 -20.44 -24.79 -18.59
CA VAL A 205 -19.12 -24.19 -18.54
C VAL A 205 -19.19 -22.66 -18.60
N VAL A 206 -18.65 -22.02 -17.55
CA VAL A 206 -18.53 -20.57 -17.49
C VAL A 206 -17.12 -20.13 -17.90
N ASP A 207 -17.04 -19.46 -19.05
CA ASP A 207 -15.84 -18.73 -19.42
C ASP A 207 -16.17 -17.99 -20.72
N THR A 208 -15.17 -17.40 -21.35
CA THR A 208 -15.47 -16.69 -22.56
C THR A 208 -14.77 -17.38 -23.72
N PHE A 209 -14.99 -16.90 -24.93
CA PHE A 209 -14.49 -17.60 -26.11
C PHE A 209 -14.49 -16.71 -27.34
N ASP A 210 -13.75 -17.13 -28.36
CA ASP A 210 -13.71 -16.44 -29.64
C ASP A 210 -15.04 -16.62 -30.31
N ILE A 211 -15.57 -15.53 -30.86
CA ILE A 211 -16.89 -15.53 -31.45
C ILE A 211 -16.88 -16.36 -32.70
N ARG A 212 -15.70 -16.73 -33.18
CA ARG A 212 -15.64 -17.57 -34.36
C ARG A 212 -16.10 -19.00 -34.12
N ILE A 213 -16.35 -19.39 -32.87
CA ILE A 213 -16.89 -20.73 -32.64
C ILE A 213 -18.40 -20.74 -32.91
N LEU A 214 -19.01 -19.57 -33.06
CA LEU A 214 -20.46 -19.53 -33.21
C LEU A 214 -20.85 -19.85 -34.66
N MET A 215 -21.85 -20.71 -34.83
CA MET A 215 -22.20 -21.25 -36.14
C MET A 215 -23.53 -20.76 -36.66
N ALA A 216 -24.21 -19.94 -35.90
CA ALA A 216 -25.42 -19.28 -36.39
C ALA A 216 -25.73 -18.07 -35.55
N LYS A 217 -26.60 -17.24 -36.10
CA LYS A 217 -27.14 -16.11 -35.40
C LYS A 217 -27.91 -16.61 -34.17
N SER A 218 -27.74 -15.90 -33.07
CA SER A 218 -28.41 -16.23 -31.82
C SER A 218 -29.91 -16.18 -31.92
N VAL A 219 -30.56 -17.00 -31.11
CA VAL A 219 -31.98 -16.89 -30.91
C VAL A 219 -32.23 -16.20 -29.59
N LYS A 220 -33.27 -15.37 -29.57
CA LYS A 220 -33.46 -14.48 -28.47
C LYS A 220 -34.68 -14.94 -27.71
N TYR A 221 -34.61 -14.90 -26.38
CA TYR A 221 -35.79 -15.07 -25.55
C TYR A 221 -35.93 -13.88 -24.62
N THR A 222 -37.08 -13.21 -24.64
CA THR A 222 -37.25 -11.95 -23.94
C THR A 222 -38.19 -11.99 -22.76
N VAL A 223 -37.75 -11.35 -21.68
CA VAL A 223 -38.61 -11.13 -20.53
C VAL A 223 -38.87 -9.62 -20.46
N ASN A 224 -40.13 -9.25 -20.30
CA ASN A 224 -40.48 -7.86 -20.14
C ASN A 224 -40.80 -7.67 -18.66
N PHE A 225 -39.91 -6.99 -17.94
CA PHE A 225 -40.08 -6.92 -16.50
C PHE A 225 -41.33 -6.12 -16.10
N LEU A 226 -41.75 -5.19 -16.94
CA LEU A 226 -42.98 -4.44 -16.70
C LEU A 226 -44.20 -5.36 -16.72
N GLU A 227 -44.14 -6.43 -17.51
CA GLU A 227 -45.31 -7.30 -17.68
C GLU A 227 -45.30 -8.66 -17.02
N ALA A 228 -44.12 -9.29 -16.94
CA ALA A 228 -44.02 -10.70 -16.55
C ALA A 228 -44.46 -10.89 -15.10
N LYS A 229 -44.86 -12.11 -14.75
CA LYS A 229 -45.08 -12.45 -13.34
C LYS A 229 -43.99 -13.41 -12.84
N GLU A 230 -43.75 -13.41 -11.54
CA GLU A 230 -42.86 -14.40 -10.93
C GLU A 230 -43.01 -15.76 -11.60
N GLY A 231 -44.26 -16.19 -11.78
CA GLY A 231 -44.50 -17.55 -12.16
C GLY A 231 -44.00 -17.85 -13.55
N ASP A 232 -43.90 -16.81 -14.37
CA ASP A 232 -43.41 -17.00 -15.75
C ASP A 232 -41.98 -17.54 -15.80
N LEU A 233 -41.29 -17.55 -14.67
CA LEU A 233 -39.88 -17.94 -14.67
C LEU A 233 -39.66 -19.30 -14.02
N HIS A 234 -40.73 -19.94 -13.60
CA HIS A 234 -40.64 -21.27 -13.00
C HIS A 234 -40.29 -22.32 -14.04
N ARG A 235 -40.77 -22.10 -15.25
CA ARG A 235 -40.54 -23.05 -16.32
C ARG A 235 -40.41 -22.21 -17.58
N ILE A 236 -39.17 -22.06 -18.01
CA ILE A 236 -38.86 -21.23 -19.16
C ILE A 236 -38.59 -22.13 -20.36
N GLU A 237 -39.48 -22.15 -21.33
CA GLU A 237 -39.26 -22.96 -22.50
C GLU A 237 -38.77 -22.07 -23.62
N ILE A 238 -37.60 -22.37 -24.15
CA ILE A 238 -37.03 -21.57 -25.23
C ILE A 238 -36.86 -22.43 -26.46
N PRO A 239 -37.77 -22.29 -27.43
CA PRO A 239 -37.66 -23.07 -28.67
C PRO A 239 -36.56 -22.42 -29.48
N PHE A 240 -35.88 -23.20 -30.31
CA PHE A 240 -34.94 -22.61 -31.23
C PHE A 240 -34.94 -23.29 -32.58
N LYS A 241 -34.79 -22.47 -33.62
CA LYS A 241 -34.54 -22.94 -34.97
C LYS A 241 -33.42 -22.07 -35.50
N PHE A 242 -32.22 -22.65 -35.58
CA PHE A 242 -31.07 -21.88 -36.08
C PHE A 242 -30.88 -22.13 -37.55
N HIS A 243 -30.74 -21.03 -38.29
CA HIS A 243 -30.32 -21.12 -39.68
C HIS A 243 -28.78 -21.15 -39.69
N MET A 244 -28.22 -22.33 -39.94
CA MET A 244 -26.79 -22.51 -39.79
C MET A 244 -26.07 -21.64 -40.83
N LEU A 245 -25.24 -20.72 -40.34
CA LEU A 245 -24.43 -19.88 -41.19
C LEU A 245 -23.13 -20.56 -41.53
N HIS A 246 -22.84 -21.67 -40.85
CA HIS A 246 -21.58 -22.41 -41.03
C HIS A 246 -21.74 -23.92 -40.99
N SER A 247 -20.88 -24.63 -41.72
CA SER A 247 -20.91 -26.08 -41.68
C SER A 247 -19.90 -26.65 -40.67
N GLY A 248 -20.36 -27.56 -39.81
CA GLY A 248 -19.41 -28.24 -38.93
C GLY A 248 -20.04 -29.12 -37.86
N LEU A 249 -19.22 -29.57 -36.90
CA LEU A 249 -19.76 -30.33 -35.79
C LEU A 249 -20.20 -29.34 -34.72
N VAL A 250 -21.46 -29.44 -34.34
CA VAL A 250 -22.00 -28.60 -33.30
C VAL A 250 -21.84 -29.34 -31.97
N HIS A 251 -21.15 -28.73 -31.03
CA HIS A 251 -20.87 -29.41 -29.77
C HIS A 251 -21.79 -28.97 -28.65
N GLY A 252 -22.45 -27.83 -28.83
CA GLY A 252 -23.47 -27.43 -27.88
C GLY A 252 -24.03 -26.04 -28.07
N LEU A 253 -24.58 -25.47 -27.00
CA LEU A 253 -25.16 -24.13 -27.07
C LEU A 253 -24.46 -23.17 -26.13
N ALA A 254 -24.14 -21.99 -26.67
CA ALA A 254 -23.60 -20.90 -25.89
C ALA A 254 -24.71 -19.95 -25.49
N PHE A 255 -24.59 -19.36 -24.30
CA PHE A 255 -25.62 -18.46 -23.79
C PHE A 255 -24.96 -17.14 -23.38
N TRP A 256 -25.67 -16.03 -23.59
CA TRP A 256 -25.33 -14.78 -22.93
C TRP A 256 -26.62 -13.95 -22.79
N PHE A 257 -26.53 -12.75 -22.24
CA PHE A 257 -27.73 -11.94 -22.11
C PHE A 257 -27.45 -10.46 -22.21
N ASP A 258 -28.50 -9.71 -22.54
CA ASP A 258 -28.49 -8.23 -22.55
C ASP A 258 -29.69 -7.79 -21.73
N VAL A 259 -29.62 -6.61 -21.14
CA VAL A 259 -30.82 -5.98 -20.60
C VAL A 259 -30.93 -4.55 -21.13
N ALA A 260 -32.14 -4.02 -21.20
CA ALA A 260 -32.30 -2.64 -21.66
C ALA A 260 -32.98 -1.82 -20.60
N PHE A 261 -32.46 -0.60 -20.39
CA PHE A 261 -33.14 0.34 -19.53
C PHE A 261 -33.87 1.30 -20.45
N ILE A 262 -35.19 1.20 -20.47
CA ILE A 262 -35.99 2.04 -21.37
C ILE A 262 -36.50 3.26 -20.62
N GLY A 263 -35.74 4.34 -20.71
CA GLY A 263 -36.05 5.51 -19.92
C GLY A 263 -36.82 6.52 -20.74
N SER A 264 -37.31 7.56 -20.07
CA SER A 264 -38.04 8.62 -20.74
C SER A 264 -37.18 9.36 -21.75
N ILE A 265 -35.89 9.52 -21.44
CA ILE A 265 -34.98 10.25 -22.32
C ILE A 265 -34.27 9.35 -23.33
N MET A 266 -33.79 8.20 -22.89
CA MET A 266 -33.17 7.28 -23.84
C MET A 266 -33.10 5.86 -23.31
N THR A 267 -32.98 4.92 -24.24
CA THR A 267 -32.80 3.51 -23.90
C THR A 267 -31.33 3.14 -23.91
N VAL A 268 -30.89 2.52 -22.82
CA VAL A 268 -29.49 2.12 -22.67
C VAL A 268 -29.41 0.62 -22.50
N TRP A 269 -28.42 0.04 -23.17
CA TRP A 269 -28.21 -1.40 -23.17
C TRP A 269 -26.97 -1.84 -22.38
N LEU A 270 -27.13 -2.88 -21.58
CA LEU A 270 -25.98 -3.56 -20.97
C LEU A 270 -25.91 -4.95 -21.61
N SER A 271 -24.81 -5.24 -22.30
CA SER A 271 -24.66 -6.52 -22.98
C SER A 271 -23.52 -7.38 -22.38
N THR A 272 -23.76 -8.68 -22.19
CA THR A 272 -22.68 -9.59 -21.86
C THR A 272 -22.35 -10.51 -23.03
N ALA A 273 -22.59 -10.04 -24.25
CA ALA A 273 -22.31 -10.84 -25.46
C ALA A 273 -20.81 -11.02 -25.68
N PRO A 274 -20.41 -12.13 -26.34
CA PRO A 274 -19.00 -12.42 -26.61
C PRO A 274 -18.37 -11.46 -27.64
N THR A 275 -19.20 -10.69 -28.33
CA THR A 275 -18.72 -9.63 -29.22
C THR A 275 -18.41 -8.37 -28.44
N GLU A 276 -18.79 -8.34 -27.17
CA GLU A 276 -18.59 -7.14 -26.33
C GLU A 276 -17.46 -7.34 -25.33
N PRO A 277 -16.98 -6.26 -24.73
CA PRO A 277 -15.97 -6.45 -23.69
C PRO A 277 -16.45 -7.30 -22.49
N LEU A 278 -15.54 -8.10 -21.97
CA LEU A 278 -15.84 -9.07 -20.93
C LEU A 278 -16.48 -8.46 -19.68
N THR A 279 -17.47 -9.15 -19.10
CA THR A 279 -18.04 -8.74 -17.83
C THR A 279 -17.83 -9.85 -16.81
N HIS A 280 -18.20 -9.63 -15.56
CA HIS A 280 -17.96 -10.66 -14.55
C HIS A 280 -18.84 -11.89 -14.79
N TRP A 281 -19.82 -11.78 -15.70
CA TRP A 281 -20.71 -12.89 -16.03
C TRP A 281 -20.11 -13.80 -17.09
N TYR A 282 -19.06 -13.33 -17.74
CA TYR A 282 -18.47 -14.10 -18.85
C TYR A 282 -19.58 -14.54 -19.82
N GLN A 283 -19.46 -15.76 -20.35
CA GLN A 283 -20.60 -16.42 -21.00
C GLN A 283 -20.73 -17.86 -20.51
N VAL A 284 -21.75 -18.57 -20.97
CA VAL A 284 -22.00 -19.90 -20.48
C VAL A 284 -22.16 -20.85 -21.64
N ARG A 285 -21.57 -22.05 -21.52
CA ARG A 285 -21.80 -23.07 -22.52
C ARG A 285 -22.23 -24.42 -21.94
N CYS A 286 -23.19 -25.06 -22.62
CA CYS A 286 -23.67 -26.40 -22.30
C CYS A 286 -23.42 -27.28 -23.51
N LEU A 287 -22.66 -28.36 -23.33
CA LEU A 287 -22.38 -29.29 -24.42
C LEU A 287 -23.56 -30.23 -24.68
N PHE A 288 -23.81 -30.60 -25.93
CA PHE A 288 -24.58 -31.81 -26.18
C PHE A 288 -23.77 -33.00 -25.73
N GLN A 289 -24.45 -34.11 -25.42
CA GLN A 289 -23.76 -35.35 -25.12
C GLN A 289 -22.89 -35.85 -26.27
N SER A 290 -23.38 -35.71 -27.50
CA SER A 290 -22.57 -35.98 -28.69
C SER A 290 -22.86 -35.00 -29.83
N PRO A 291 -21.83 -34.66 -30.60
CA PRO A 291 -21.96 -33.56 -31.56
C PRO A 291 -22.97 -33.87 -32.66
N LEU A 292 -23.49 -32.84 -33.31
CA LEU A 292 -24.34 -33.02 -34.49
C LEU A 292 -23.70 -32.36 -35.73
N PHE A 293 -23.63 -33.09 -36.84
CA PHE A 293 -23.13 -32.45 -38.05
C PHE A 293 -24.19 -31.56 -38.69
N ALA A 294 -23.79 -30.35 -39.08
CA ALA A 294 -24.68 -29.46 -39.80
C ALA A 294 -23.95 -28.73 -40.94
N LYS A 295 -24.62 -28.60 -42.08
CA LYS A 295 -24.08 -27.82 -43.18
C LYS A 295 -24.64 -26.41 -43.07
N ALA A 296 -23.93 -25.41 -43.59
CA ALA A 296 -24.54 -24.08 -43.66
C ALA A 296 -25.84 -24.21 -44.48
N GLY A 297 -26.87 -23.48 -44.05
CA GLY A 297 -28.16 -23.59 -44.71
C GLY A 297 -29.10 -24.64 -44.12
N ASP A 298 -28.58 -25.64 -43.41
CA ASP A 298 -29.44 -26.55 -42.66
C ASP A 298 -30.10 -25.78 -41.52
N THR A 299 -31.06 -26.41 -40.86
CA THR A 299 -31.63 -25.87 -39.64
C THR A 299 -31.46 -26.83 -38.46
N LEU A 300 -31.01 -26.27 -37.34
CA LEU A 300 -30.85 -27.02 -36.09
C LEU A 300 -31.96 -26.55 -35.16
N SER A 301 -32.83 -27.47 -34.79
CA SER A 301 -34.00 -27.09 -34.03
C SER A 301 -34.14 -27.90 -32.75
N GLY A 302 -34.88 -27.34 -31.80
CA GLY A 302 -35.06 -28.01 -30.54
C GLY A 302 -35.56 -27.07 -29.48
N THR A 303 -35.38 -27.48 -28.23
CA THR A 303 -35.83 -26.72 -27.11
C THR A 303 -34.75 -26.66 -26.04
N CYS A 304 -34.64 -25.49 -25.42
CA CYS A 304 -33.88 -25.38 -24.19
C CYS A 304 -34.89 -25.12 -23.08
N LEU A 305 -35.02 -26.07 -22.18
CA LEU A 305 -36.02 -25.95 -21.15
C LEU A 305 -35.36 -25.74 -19.77
N LEU A 306 -35.63 -24.61 -19.14
CA LEU A 306 -35.06 -24.28 -17.85
C LEU A 306 -36.08 -24.50 -16.75
N ILE A 307 -35.83 -25.47 -15.88
CA ILE A 307 -36.75 -25.76 -14.78
C ILE A 307 -36.20 -25.29 -13.43
N ALA A 308 -36.86 -24.30 -12.84
CA ALA A 308 -36.36 -23.72 -11.61
C ALA A 308 -36.44 -24.80 -10.54
N ASN A 309 -35.46 -24.80 -9.64
CA ASN A 309 -35.47 -25.72 -8.50
C ASN A 309 -35.31 -24.92 -7.19
N LYS A 310 -35.39 -25.63 -6.07
CA LYS A 310 -35.37 -25.02 -4.73
C LYS A 310 -33.96 -24.65 -4.27
N ARG A 311 -32.95 -24.87 -5.11
CA ARG A 311 -31.56 -24.46 -4.83
C ARG A 311 -31.25 -23.09 -5.45
N GLN A 312 -32.28 -22.31 -5.73
CA GLN A 312 -32.13 -21.01 -6.37
C GLN A 312 -31.40 -21.12 -7.71
N SER A 313 -31.69 -22.18 -8.44
CA SER A 313 -31.09 -22.33 -9.75
C SER A 313 -32.04 -23.08 -10.66
N TYR A 314 -31.48 -23.60 -11.76
CA TYR A 314 -32.27 -24.31 -12.75
C TYR A 314 -31.65 -25.61 -13.18
N ASP A 315 -32.49 -26.60 -13.43
CA ASP A 315 -32.07 -27.73 -14.22
C ASP A 315 -32.32 -27.41 -15.68
N ILE A 316 -31.27 -27.53 -16.47
CA ILE A 316 -31.28 -27.18 -17.87
C ILE A 316 -31.45 -28.44 -18.71
N SER A 317 -32.44 -28.40 -19.59
CA SER A 317 -32.69 -29.50 -20.50
C SER A 317 -32.55 -29.00 -21.92
N ILE A 318 -31.67 -29.62 -22.67
CA ILE A 318 -31.48 -29.23 -24.05
C ILE A 318 -31.68 -30.41 -24.99
N VAL A 319 -32.57 -30.22 -25.95
CA VAL A 319 -32.79 -31.20 -27.00
C VAL A 319 -32.57 -30.48 -28.31
N ALA A 320 -31.81 -31.08 -29.23
CA ALA A 320 -31.57 -30.45 -30.51
C ALA A 320 -31.50 -31.45 -31.61
N GLN A 321 -31.92 -31.03 -32.79
CA GLN A 321 -31.83 -31.90 -33.95
C GLN A 321 -31.61 -31.12 -35.23
N VAL A 322 -30.94 -31.77 -36.18
CA VAL A 322 -30.73 -31.16 -37.48
C VAL A 322 -31.88 -31.60 -38.40
N ASP A 323 -32.74 -30.66 -38.75
CA ASP A 323 -33.97 -31.05 -39.40
C ASP A 323 -33.71 -31.87 -40.65
N GLN A 324 -32.75 -31.44 -41.48
CA GLN A 324 -32.54 -32.05 -42.79
C GLN A 324 -32.07 -33.47 -42.72
N THR A 325 -31.52 -33.88 -41.57
CA THR A 325 -30.82 -35.16 -41.50
C THR A 325 -31.37 -36.08 -40.44
N GLY A 326 -32.20 -35.53 -39.57
CA GLY A 326 -32.66 -36.28 -38.42
C GLY A 326 -31.71 -36.37 -37.23
N SER A 327 -30.45 -36.00 -37.38
CA SER A 327 -29.50 -36.22 -36.32
C SER A 327 -29.83 -35.41 -35.09
N LYS A 328 -29.82 -36.08 -33.95
CA LYS A 328 -30.26 -35.46 -32.71
C LYS A 328 -29.35 -35.75 -31.54
N SER A 329 -29.40 -34.86 -30.55
CA SER A 329 -28.73 -35.11 -29.29
C SER A 329 -29.40 -34.32 -28.17
N SER A 330 -28.94 -34.52 -26.94
CA SER A 330 -29.50 -33.84 -25.80
C SER A 330 -28.47 -33.69 -24.66
N ASN A 331 -28.83 -32.95 -23.63
CA ASN A 331 -28.12 -33.02 -22.35
C ASN A 331 -28.96 -32.49 -21.21
N LEU A 332 -28.62 -32.89 -20.00
CA LEU A 332 -29.25 -32.38 -18.80
C LEU A 332 -28.13 -31.87 -17.91
N LEU A 333 -28.19 -30.59 -17.60
CA LEU A 333 -27.13 -29.96 -16.86
C LEU A 333 -27.69 -29.26 -15.64
N ASP A 334 -26.82 -29.10 -14.65
CA ASP A 334 -27.21 -28.62 -13.35
C ASP A 334 -26.58 -27.23 -13.13
N LEU A 335 -27.36 -26.20 -13.42
CA LEU A 335 -26.83 -24.84 -13.30
C LEU A 335 -26.38 -24.50 -11.87
N LYS A 336 -26.79 -25.28 -10.87
CA LYS A 336 -26.37 -25.00 -9.48
C LYS A 336 -24.86 -25.13 -9.35
N ASN A 337 -24.28 -25.90 -10.26
CA ASN A 337 -22.93 -26.35 -10.11
C ASN A 337 -22.09 -26.05 -11.32
N PRO A 338 -21.86 -24.77 -11.61
CA PRO A 338 -21.15 -24.42 -12.83
C PRO A 338 -19.67 -24.84 -12.78
N PHE A 339 -19.08 -25.16 -13.92
CA PHE A 339 -17.62 -25.33 -14.00
C PHE A 339 -16.99 -24.06 -14.54
N PHE A 340 -16.17 -23.43 -13.70
CA PHE A 340 -15.45 -22.21 -14.04
C PHE A 340 -14.14 -22.56 -14.72
N ARG A 341 -14.19 -22.56 -16.04
CA ARG A 341 -13.07 -23.00 -16.86
C ARG A 341 -12.02 -21.90 -16.98
N TYR A 342 -12.44 -20.65 -16.89
CA TYR A 342 -11.57 -19.50 -17.09
C TYR A 342 -10.41 -19.32 -16.06
N THR A 343 -10.46 -19.96 -14.96
N SER B 1 9.85 46.96 -0.62
CA SER B 1 8.59 47.78 -0.52
C SER B 1 7.40 46.92 -0.90
N VAL B 2 7.00 47.01 -2.16
CA VAL B 2 6.18 45.98 -2.79
C VAL B 2 6.69 44.60 -2.38
N PHE B 3 8.01 44.49 -2.15
CA PHE B 3 8.60 43.22 -1.77
C PHE B 3 8.36 42.90 -0.31
N SER B 4 8.77 43.82 0.56
CA SER B 4 8.53 43.66 2.01
C SER B 4 7.04 43.41 2.27
N GLU B 5 6.18 44.07 1.50
CA GLU B 5 4.74 43.86 1.58
C GLU B 5 4.32 42.39 1.49
N ARG B 6 4.80 41.70 0.47
CA ARG B 6 4.34 40.35 0.19
C ARG B 6 5.20 39.28 0.83
N THR B 7 6.21 39.70 1.58
CA THR B 7 7.20 38.75 2.06
C THR B 7 7.49 38.91 3.54
N GLU B 8 7.37 37.82 4.29
CA GLU B 8 7.85 37.76 5.65
C GLU B 8 9.38 37.74 5.69
N GLU B 9 9.97 38.36 6.72
CA GLU B 9 11.40 38.34 6.86
C GLU B 9 11.91 36.92 7.08
N SER B 10 11.26 36.16 7.96
CA SER B 10 11.69 34.77 8.18
C SER B 10 11.84 34.00 6.85
N SER B 11 11.32 34.58 5.78
CA SER B 11 11.38 33.97 4.46
C SER B 11 12.44 34.67 3.59
N ALA B 12 12.33 35.99 3.48
CA ALA B 12 13.19 36.79 2.61
C ALA B 12 14.65 36.77 3.04
N VAL B 13 14.89 36.49 4.32
CA VAL B 13 16.24 36.40 4.85
C VAL B 13 16.83 35.04 4.53
N GLN B 14 16.08 33.98 4.84
CA GLN B 14 16.50 32.63 4.53
C GLN B 14 16.71 32.45 3.02
N TYR B 15 15.88 33.12 2.24
CA TYR B 15 15.87 32.98 0.80
C TYR B 15 17.16 33.53 0.22
N PHE B 16 17.48 34.77 0.58
CA PHE B 16 18.63 35.43 -0.01
C PHE B 16 19.94 34.91 0.56
N GLN B 17 19.86 34.25 1.70
CA GLN B 17 21.03 33.61 2.25
C GLN B 17 21.38 32.42 1.35
N PHE B 18 20.35 31.69 0.94
CA PHE B 18 20.51 30.57 0.03
C PHE B 18 21.23 30.97 -1.26
N TYR B 19 20.80 32.07 -1.85
CA TYR B 19 21.45 32.49 -3.08
C TYR B 19 22.77 33.20 -2.83
N GLY B 20 23.18 33.30 -1.56
CA GLY B 20 24.51 33.77 -1.24
C GLY B 20 25.59 32.70 -1.35
N TYR B 21 25.19 31.45 -1.43
CA TYR B 21 26.17 30.38 -1.61
C TYR B 21 26.61 30.22 -3.05
N LEU B 22 27.93 30.23 -3.26
CA LEU B 22 28.48 30.00 -4.58
C LEU B 22 27.98 28.67 -5.15
N SER B 23 27.85 27.66 -4.30
CA SER B 23 27.46 26.35 -4.79
C SER B 23 26.05 26.31 -5.36
N GLN B 24 25.17 27.16 -4.84
CA GLN B 24 23.82 27.24 -5.40
C GLN B 24 23.76 28.05 -6.70
N GLN B 25 24.63 29.04 -6.85
CA GLN B 25 24.74 29.76 -8.12
C GLN B 25 25.32 28.78 -9.12
N GLN B 26 26.28 28.00 -8.64
CA GLN B 26 26.91 26.99 -9.49
C GLN B 26 25.87 26.01 -9.99
N ASN B 27 24.97 25.59 -9.12
CA ASN B 27 23.92 24.66 -9.55
C ASN B 27 23.16 25.17 -10.77
N MET B 28 22.95 26.47 -10.86
CA MET B 28 22.22 27.00 -12.01
C MET B 28 23.15 27.17 -13.21
N MET B 29 24.34 27.66 -12.95
CA MET B 29 25.30 27.95 -14.00
C MET B 29 25.65 26.67 -14.74
N GLN B 30 25.94 25.62 -13.97
CA GLN B 30 26.24 24.27 -14.47
C GLN B 30 25.14 23.67 -15.33
N ASP B 31 23.90 24.12 -15.16
CA ASP B 31 22.79 23.61 -15.97
C ASP B 31 23.03 24.10 -17.40
N TYR B 32 23.61 23.23 -18.23
CA TYR B 32 24.14 23.68 -19.51
C TYR B 32 23.01 24.08 -20.44
N VAL B 33 21.92 23.34 -20.40
CA VAL B 33 20.80 23.70 -21.26
C VAL B 33 20.32 25.12 -20.92
N ARG B 34 20.24 25.40 -19.62
CA ARG B 34 19.71 26.66 -19.18
C ARG B 34 20.71 27.75 -19.60
N THR B 35 21.95 27.62 -19.14
CA THR B 35 22.90 28.70 -19.32
C THR B 35 23.23 28.89 -20.80
N GLY B 36 23.36 27.76 -21.51
CA GLY B 36 23.75 27.80 -22.91
C GLY B 36 22.63 28.36 -23.74
N THR B 37 21.39 28.05 -23.38
CA THR B 37 20.28 28.60 -24.14
C THR B 37 20.17 30.11 -23.92
N TYR B 38 20.38 30.57 -22.68
CA TYR B 38 20.34 32.01 -22.43
C TYR B 38 21.41 32.72 -23.25
N GLN B 39 22.61 32.19 -23.26
CA GLN B 39 23.68 32.86 -23.99
C GLN B 39 23.34 32.96 -25.48
N ARG B 40 22.79 31.88 -26.02
CA ARG B 40 22.49 31.82 -27.43
C ARG B 40 21.32 32.76 -27.77
N ALA B 41 20.30 32.78 -26.92
CA ALA B 41 19.17 33.68 -27.10
C ALA B 41 19.66 35.12 -27.15
N ILE B 42 20.67 35.42 -26.33
CA ILE B 42 21.17 36.77 -26.22
C ILE B 42 22.13 37.13 -27.34
N LEU B 43 23.08 36.24 -27.65
CA LEU B 43 24.06 36.52 -28.69
C LEU B 43 23.44 36.51 -30.08
N GLN B 44 22.40 35.70 -30.27
CA GLN B 44 21.80 35.60 -31.59
C GLN B 44 20.77 36.67 -31.81
N ASN B 45 20.35 37.34 -30.76
CA ASN B 45 19.59 38.57 -30.93
C ASN B 45 20.44 39.78 -30.54
N HIS B 46 21.65 39.83 -31.07
CA HIS B 46 22.61 40.86 -30.71
C HIS B 46 22.07 42.25 -31.01
N THR B 47 21.20 42.39 -32.00
CA THR B 47 20.68 43.71 -32.31
C THR B 47 19.79 44.20 -31.20
N ASP B 48 19.29 43.27 -30.39
CA ASP B 48 18.48 43.67 -29.24
C ASP B 48 19.33 44.18 -28.10
N PHE B 49 20.65 44.00 -28.21
CA PHE B 49 21.55 44.40 -27.13
C PHE B 49 22.59 45.44 -27.56
N LYS B 50 22.94 45.44 -28.84
CA LYS B 50 24.00 46.32 -29.34
C LYS B 50 23.73 47.77 -28.95
N ASP B 51 24.63 48.35 -28.15
CA ASP B 51 24.52 49.76 -27.77
C ASP B 51 23.31 50.09 -26.93
N LYS B 52 22.66 49.07 -26.40
CA LYS B 52 21.46 49.28 -25.60
C LYS B 52 21.77 49.37 -24.10
N ILE B 53 20.77 49.76 -23.33
CA ILE B 53 20.86 49.74 -21.89
C ILE B 53 20.04 48.54 -21.42
N VAL B 54 20.60 47.74 -20.52
CA VAL B 54 19.84 46.58 -20.07
C VAL B 54 19.83 46.44 -18.56
N LEU B 55 18.74 45.90 -18.04
CA LEU B 55 18.64 45.54 -16.65
C LEU B 55 18.58 44.00 -16.47
N ASP B 56 19.40 43.49 -15.57
CA ASP B 56 19.47 42.06 -15.26
C ASP B 56 18.85 41.90 -13.90
N VAL B 57 17.65 41.33 -13.83
CA VAL B 57 16.96 41.24 -12.55
C VAL B 57 17.38 40.02 -11.74
N GLY B 58 18.11 40.25 -10.67
CA GLY B 58 18.67 39.15 -9.89
C GLY B 58 19.88 38.53 -10.56
N CYS B 59 20.95 39.31 -10.73
CA CYS B 59 22.07 38.89 -11.56
C CYS B 59 22.86 37.67 -11.03
N GLY B 60 22.74 37.40 -9.74
CA GLY B 60 23.49 36.30 -9.17
C GLY B 60 24.97 36.53 -9.42
N SER B 61 25.64 35.54 -10.00
CA SER B 61 27.06 35.61 -10.33
C SER B 61 27.31 36.73 -11.31
N GLY B 62 26.28 37.12 -12.04
CA GLY B 62 26.44 38.13 -13.07
C GLY B 62 26.45 37.53 -14.47
N ILE B 63 26.35 36.20 -14.52
CA ILE B 63 26.53 35.48 -15.77
C ILE B 63 25.72 36.04 -16.94
N LEU B 64 24.44 36.37 -16.74
CA LEU B 64 23.62 36.86 -17.84
C LEU B 64 24.04 38.26 -18.31
N SER B 65 24.57 39.06 -17.39
CA SER B 65 25.01 40.38 -17.79
C SER B 65 26.25 40.29 -18.65
N PHE B 66 27.10 39.31 -18.36
CA PHE B 66 28.28 39.13 -19.20
C PHE B 66 27.84 38.76 -20.61
N PHE B 67 26.76 38.01 -20.72
CA PHE B 67 26.24 37.65 -22.02
C PHE B 67 25.77 38.90 -22.77
N ALA B 68 25.01 39.74 -22.05
CA ALA B 68 24.57 41.02 -22.58
C ALA B 68 25.77 41.83 -23.02
N ALA B 69 26.83 41.80 -22.22
CA ALA B 69 28.05 42.51 -22.57
C ALA B 69 28.66 41.94 -23.83
N GLN B 70 28.82 40.62 -23.87
CA GLN B 70 29.36 39.98 -25.07
C GLN B 70 28.60 40.43 -26.32
N ALA B 71 27.31 40.73 -26.16
CA ALA B 71 26.45 41.01 -27.30
C ALA B 71 26.36 42.52 -27.61
N GLY B 72 27.18 43.32 -26.93
CA GLY B 72 27.35 44.69 -27.36
C GLY B 72 26.58 45.74 -26.58
N ALA B 73 25.88 45.34 -25.52
CA ALA B 73 25.14 46.30 -24.70
C ALA B 73 26.10 47.40 -24.31
N ARG B 74 25.59 48.61 -24.17
CA ARG B 74 26.43 49.72 -23.79
C ARG B 74 26.49 49.87 -22.29
N LYS B 75 25.39 49.56 -21.61
CA LYS B 75 25.38 49.64 -20.16
C LYS B 75 24.40 48.64 -19.58
N ILE B 76 24.83 47.94 -18.53
CA ILE B 76 24.05 46.89 -17.90
C ILE B 76 23.94 47.07 -16.38
N TYR B 77 22.72 47.22 -15.89
CA TYR B 77 22.53 47.34 -14.45
C TYR B 77 22.15 45.99 -13.92
N ALA B 78 22.96 45.48 -13.01
CA ALA B 78 22.84 44.11 -12.59
C ALA B 78 22.43 44.12 -11.14
N VAL B 79 21.15 43.86 -10.92
CA VAL B 79 20.60 44.01 -9.59
C VAL B 79 20.58 42.67 -8.87
N GLU B 80 21.04 42.66 -7.62
CA GLU B 80 21.11 41.42 -6.85
C GLU B 80 20.97 41.69 -5.35
N ALA B 81 20.05 40.99 -4.71
CA ALA B 81 19.71 41.31 -3.34
C ALA B 81 20.52 40.54 -2.33
N SER B 82 21.03 39.37 -2.69
CA SER B 82 21.84 38.60 -1.74
C SER B 82 23.30 39.07 -1.74
N THR B 83 24.12 38.43 -0.90
CA THR B 83 25.51 38.83 -0.81
C THR B 83 26.27 38.44 -2.05
N MET B 84 25.68 37.59 -2.88
CA MET B 84 26.31 37.19 -4.13
C MET B 84 26.70 38.44 -4.94
N ALA B 85 26.00 39.54 -4.67
CA ALA B 85 26.27 40.80 -5.38
C ALA B 85 27.75 41.21 -5.30
N GLN B 86 28.36 40.96 -4.15
CA GLN B 86 29.75 41.31 -3.96
C GLN B 86 30.68 40.46 -4.84
N HIS B 87 30.41 39.15 -4.91
CA HIS B 87 31.15 38.28 -5.80
C HIS B 87 30.95 38.69 -7.27
N ALA B 88 29.77 39.16 -7.61
CA ALA B 88 29.54 39.58 -8.99
C ALA B 88 30.40 40.79 -9.31
N GLU B 89 30.52 41.70 -8.35
CA GLU B 89 31.34 42.89 -8.54
C GLU B 89 32.79 42.47 -8.77
N VAL B 90 33.26 41.50 -7.99
CA VAL B 90 34.60 40.97 -8.17
C VAL B 90 34.82 40.46 -9.60
N LEU B 91 33.84 39.74 -10.12
CA LEU B 91 33.96 39.20 -11.47
C LEU B 91 33.96 40.31 -12.50
N VAL B 92 33.12 41.32 -12.31
CA VAL B 92 33.10 42.45 -13.23
C VAL B 92 34.47 43.08 -13.31
N LYS B 93 35.13 43.25 -12.16
CA LYS B 93 36.46 43.84 -12.14
C LYS B 93 37.46 42.90 -12.80
N SER B 94 37.51 41.66 -12.34
CA SER B 94 38.50 40.74 -12.85
C SER B 94 38.30 40.49 -14.34
N ASN B 95 37.10 40.76 -14.86
CA ASN B 95 36.87 40.61 -16.30
C ASN B 95 36.98 41.92 -17.06
N ASN B 96 37.44 42.97 -16.39
CA ASN B 96 37.60 44.28 -17.00
C ASN B 96 36.37 44.80 -17.72
N LEU B 97 35.25 44.81 -17.01
CA LEU B 97 33.99 45.27 -17.60
C LEU B 97 33.30 46.29 -16.70
N THR B 98 34.10 46.99 -15.89
CA THR B 98 33.57 47.99 -14.98
C THR B 98 32.96 49.15 -15.74
N ASP B 99 33.37 49.34 -16.98
CA ASP B 99 32.81 50.42 -17.77
C ASP B 99 31.43 50.09 -18.37
N ARG B 100 30.95 48.86 -18.17
CA ARG B 100 29.71 48.46 -18.83
C ARG B 100 28.73 47.74 -17.94
N ILE B 101 29.23 46.94 -17.00
CA ILE B 101 28.34 46.27 -16.10
C ILE B 101 28.37 46.94 -14.75
N VAL B 102 27.21 47.40 -14.29
CA VAL B 102 27.13 48.07 -13.00
C VAL B 102 26.30 47.25 -12.04
N VAL B 103 26.97 46.69 -11.04
CA VAL B 103 26.28 45.92 -10.02
C VAL B 103 25.59 46.88 -9.07
N ILE B 104 24.34 46.55 -8.72
CA ILE B 104 23.54 47.33 -7.80
C ILE B 104 22.92 46.40 -6.77
N PRO B 105 23.46 46.38 -5.54
CA PRO B 105 23.00 45.51 -4.46
C PRO B 105 21.62 45.96 -4.01
N GLY B 106 20.82 44.98 -3.59
CA GLY B 106 19.47 45.31 -3.18
C GLY B 106 18.37 44.65 -4.01
N LYS B 107 17.13 44.77 -3.52
CA LYS B 107 15.98 44.17 -4.16
C LYS B 107 15.56 45.10 -5.29
N VAL B 108 15.21 44.52 -6.44
CA VAL B 108 14.83 45.32 -7.59
C VAL B 108 13.61 46.19 -7.25
N GLU B 109 12.89 45.81 -6.21
CA GLU B 109 11.71 46.57 -5.80
C GLU B 109 12.12 47.82 -5.00
N GLU B 110 13.36 47.86 -4.53
CA GLU B 110 13.80 48.85 -3.57
C GLU B 110 14.96 49.72 -4.00
N VAL B 111 15.59 49.44 -5.13
CA VAL B 111 16.76 50.22 -5.53
C VAL B 111 16.35 51.29 -6.51
N SER B 112 17.31 52.12 -6.94
CA SER B 112 17.05 53.10 -7.98
C SER B 112 17.98 52.90 -9.16
N LEU B 113 17.47 53.01 -10.37
CA LEU B 113 18.33 52.99 -11.53
C LEU B 113 18.47 54.37 -12.09
N PRO B 114 19.70 54.78 -12.41
CA PRO B 114 19.94 56.10 -13.01
C PRO B 114 19.17 56.40 -14.30
N GLU B 115 18.66 55.37 -14.97
CA GLU B 115 17.97 55.57 -16.26
C GLU B 115 17.05 54.41 -16.61
N GLN B 116 16.22 54.64 -17.61
CA GLN B 116 15.34 53.61 -18.12
C GLN B 116 16.13 52.71 -19.07
N VAL B 117 15.64 51.49 -19.27
CA VAL B 117 16.38 50.47 -19.99
C VAL B 117 15.62 50.01 -21.23
N ASP B 118 16.35 49.54 -22.22
CA ASP B 118 15.76 49.08 -23.46
C ASP B 118 15.24 47.67 -23.30
N ILE B 119 15.84 46.91 -22.41
CA ILE B 119 15.49 45.50 -22.31
C ILE B 119 15.81 44.98 -20.93
N ILE B 120 14.91 44.16 -20.40
CA ILE B 120 15.22 43.48 -19.16
C ILE B 120 15.48 42.00 -19.47
N ILE B 121 16.56 41.48 -18.90
CA ILE B 121 16.77 40.05 -18.91
C ILE B 121 16.69 39.55 -17.50
N SER B 122 16.30 38.30 -17.33
CA SER B 122 16.28 37.69 -16.02
C SER B 122 16.17 36.19 -16.16
N GLU B 123 16.54 35.48 -15.11
CA GLU B 123 16.25 34.06 -15.05
C GLU B 123 15.62 33.83 -13.70
N PRO B 124 14.35 34.17 -13.59
CA PRO B 124 13.53 34.16 -12.36
C PRO B 124 12.71 32.89 -12.18
N MET B 125 12.80 31.95 -13.11
CA MET B 125 11.89 30.78 -13.06
C MET B 125 12.19 29.81 -11.92
N GLY B 126 11.13 29.38 -11.24
CA GLY B 126 11.29 28.44 -10.14
C GLY B 126 10.70 27.09 -10.52
N TYR B 127 10.70 26.15 -9.58
CA TYR B 127 10.04 24.87 -9.81
C TYR B 127 8.60 25.15 -10.20
N MET B 128 8.07 24.41 -11.17
CA MET B 128 6.72 24.68 -11.65
C MET B 128 6.59 26.10 -12.20
N LEU B 129 7.72 26.68 -12.61
CA LEU B 129 7.77 28.06 -13.14
C LEU B 129 7.61 29.10 -12.02
N PHE B 130 6.58 28.95 -11.18
CA PHE B 130 6.15 30.07 -10.35
C PHE B 130 6.77 30.08 -8.98
N ASN B 131 7.31 28.95 -8.54
CA ASN B 131 7.83 28.93 -7.18
C ASN B 131 8.86 30.02 -6.99
N GLU B 132 8.93 30.52 -5.75
CA GLU B 132 9.81 31.63 -5.32
C GLU B 132 9.19 33.01 -5.50
N ARG B 133 8.18 33.09 -6.34
CA ARG B 133 7.48 34.34 -6.60
C ARG B 133 8.36 35.40 -7.20
N MET B 134 9.48 34.97 -7.77
CA MET B 134 10.38 35.92 -8.39
C MET B 134 9.90 36.47 -9.72
N LEU B 135 8.96 35.79 -10.36
CA LEU B 135 8.35 36.33 -11.57
C LEU B 135 7.69 37.69 -11.30
N GLU B 136 7.18 37.87 -10.08
CA GLU B 136 6.61 39.17 -9.74
C GLU B 136 7.70 40.25 -9.73
N SER B 137 8.86 39.93 -9.14
CA SER B 137 9.98 40.88 -9.19
C SER B 137 10.33 41.24 -10.62
N TYR B 138 10.40 40.25 -11.49
CA TYR B 138 10.73 40.46 -12.90
C TYR B 138 9.70 41.39 -13.56
N LEU B 139 8.40 41.12 -13.32
CA LEU B 139 7.34 41.97 -13.84
C LEU B 139 7.40 43.37 -13.22
N HIS B 140 7.65 43.41 -11.91
CA HIS B 140 7.80 44.68 -11.21
C HIS B 140 8.85 45.56 -11.85
N ALA B 141 9.95 44.95 -12.26
CA ALA B 141 11.07 45.69 -12.83
C ALA B 141 10.64 46.46 -14.08
N LYS B 142 9.47 46.14 -14.62
CA LYS B 142 9.05 46.82 -15.84
C LYS B 142 8.85 48.31 -15.64
N LYS B 143 8.83 48.76 -14.38
CA LYS B 143 8.73 50.20 -14.15
C LYS B 143 9.98 50.89 -14.67
N TYR B 144 11.03 50.13 -15.00
CA TYR B 144 12.22 50.75 -15.56
C TYR B 144 12.31 50.55 -17.06
N LEU B 145 11.32 49.91 -17.63
CA LEU B 145 11.39 49.57 -19.05
C LEU B 145 10.84 50.68 -19.94
N LYS B 146 11.65 51.12 -20.89
CA LYS B 146 11.20 52.11 -21.86
C LYS B 146 10.01 51.60 -22.65
N PRO B 147 9.13 52.51 -23.11
CA PRO B 147 7.98 52.09 -23.92
C PRO B 147 8.47 51.23 -25.08
N SER B 148 7.84 50.08 -25.27
CA SER B 148 8.24 49.18 -26.34
C SER B 148 9.63 48.57 -26.09
N GLY B 149 10.07 48.64 -24.84
CA GLY B 149 11.23 47.85 -24.43
C GLY B 149 10.89 46.36 -24.45
N ASN B 150 11.92 45.53 -24.49
CA ASN B 150 11.74 44.08 -24.57
C ASN B 150 12.03 43.33 -23.25
N MET B 151 11.45 42.14 -23.12
CA MET B 151 11.66 41.27 -21.97
C MET B 151 12.26 39.95 -22.43
N PHE B 152 13.38 39.59 -21.82
CA PHE B 152 14.04 38.32 -22.12
C PHE B 152 14.13 37.54 -20.83
N PRO B 153 13.28 36.52 -20.64
CA PRO B 153 12.32 35.89 -21.56
C PRO B 153 11.06 36.72 -21.80
N THR B 154 10.40 36.49 -22.92
CA THR B 154 9.24 37.28 -23.30
C THR B 154 7.92 36.65 -22.83
N ILE B 155 7.83 35.33 -22.91
CA ILE B 155 6.65 34.65 -22.38
C ILE B 155 7.01 33.35 -21.65
N GLY B 156 6.08 32.84 -20.85
CA GLY B 156 6.30 31.54 -20.24
C GLY B 156 5.06 30.68 -20.33
N ASP B 157 5.23 29.40 -20.65
CA ASP B 157 4.14 28.43 -20.66
C ASP B 157 4.37 27.44 -19.53
N VAL B 158 3.34 27.26 -18.70
CA VAL B 158 3.26 26.13 -17.81
C VAL B 158 2.42 25.04 -18.47
N HIS B 159 2.93 23.82 -18.44
CA HIS B 159 2.17 22.67 -18.92
C HIS B 159 1.79 21.77 -17.76
N LEU B 160 0.56 21.24 -17.83
CA LEU B 160 0.15 20.16 -16.94
C LEU B 160 -0.49 19.04 -17.73
N ALA B 161 -0.33 17.82 -17.23
CA ALA B 161 -0.88 16.64 -17.87
C ALA B 161 -1.03 15.54 -16.83
N PRO B 162 -2.10 14.73 -16.93
CA PRO B 162 -2.35 13.63 -16.00
C PRO B 162 -1.34 12.51 -16.21
N PHE B 163 -0.92 11.84 -15.12
CA PHE B 163 0.07 10.75 -15.24
C PHE B 163 -0.34 9.58 -14.38
N THR B 164 0.11 8.39 -14.79
CA THR B 164 0.01 7.23 -13.94
C THR B 164 1.41 6.78 -13.56
N ASP B 165 1.61 6.44 -12.30
CA ASP B 165 2.92 6.02 -11.82
C ASP B 165 2.80 5.47 -10.40
N GLU B 166 2.54 4.19 -10.30
CA GLU B 166 2.07 3.64 -9.06
C GLU B 166 3.23 3.31 -8.13
N GLN B 167 4.42 3.12 -8.71
CA GLN B 167 5.59 2.95 -7.88
C GLN B 167 5.79 4.22 -7.03
N LEU B 168 5.61 5.41 -7.62
CA LEU B 168 5.70 6.66 -6.87
C LEU B 168 4.63 6.77 -5.81
N TYR B 169 3.38 6.61 -6.23
CA TYR B 169 2.24 6.69 -5.33
C TYR B 169 2.43 5.80 -4.10
N MET B 170 2.88 4.57 -4.33
CA MET B 170 3.07 3.61 -3.25
C MET B 170 4.28 3.89 -2.38
N GLU B 171 5.28 4.54 -2.95
CA GLU B 171 6.48 4.86 -2.20
C GLU B 171 6.15 5.97 -1.20
N GLN B 172 5.22 6.83 -1.57
CA GLN B 172 4.81 7.92 -0.71
C GLN B 172 3.78 7.43 0.27
N PHE B 173 2.95 6.49 -0.18
CA PHE B 173 1.90 5.97 0.66
C PHE B 173 2.53 5.14 1.79
N THR B 174 3.61 4.44 1.47
CA THR B 174 4.21 3.53 2.42
C THR B 174 4.86 4.37 3.52
N LYS B 175 5.42 5.50 3.11
CA LYS B 175 6.00 6.47 4.03
C LYS B 175 4.96 6.97 5.05
N ALA B 176 3.81 7.39 4.54
CA ALA B 176 2.70 7.78 5.38
C ALA B 176 2.28 6.68 6.35
N ASN B 177 2.38 5.42 5.92
CA ASN B 177 1.71 4.37 6.66
C ASN B 177 2.53 3.87 7.82
N PHE B 178 3.73 4.44 7.97
CA PHE B 178 4.38 4.39 9.25
C PHE B 178 3.37 4.80 10.33
N TRP B 179 2.54 5.80 10.01
CA TRP B 179 1.55 6.31 10.96
C TRP B 179 0.24 5.51 11.00
N TYR B 180 0.25 4.31 10.42
CA TYR B 180 -0.91 3.43 10.49
C TYR B 180 -0.61 2.35 11.52
N GLN B 181 0.65 2.26 11.95
CA GLN B 181 1.07 1.25 12.90
C GLN B 181 0.27 1.28 14.21
N PRO B 182 -0.40 0.17 14.55
CA PRO B 182 -1.16 0.07 15.81
C PRO B 182 -0.33 -0.22 17.07
N SER B 183 0.93 -0.63 16.88
CA SER B 183 1.75 -0.98 18.02
C SER B 183 3.27 -0.71 17.80
N PHE B 184 3.60 0.53 17.48
CA PHE B 184 5.01 0.95 17.38
C PHE B 184 5.61 0.93 18.77
N HIS B 185 6.55 0.04 19.02
CA HIS B 185 7.13 -0.12 20.36
C HIS B 185 6.01 -0.15 21.40
N GLY B 186 4.87 -0.71 21.01
CA GLY B 186 3.75 -0.86 21.93
C GLY B 186 2.79 0.30 21.87
N VAL B 187 2.98 1.22 20.92
CA VAL B 187 2.17 2.44 20.87
C VAL B 187 1.35 2.57 19.59
N ASP B 188 0.07 2.89 19.73
CA ASP B 188 -0.78 2.94 18.56
C ASP B 188 -0.78 4.33 17.93
N LEU B 189 -0.21 4.41 16.72
CA LEU B 189 -0.03 5.66 16.00
C LEU B 189 -1.20 5.95 15.06
N SER B 190 -2.08 4.95 14.88
CA SER B 190 -2.93 4.86 13.70
C SER B 190 -3.92 6.01 13.53
N ALA B 191 -4.25 6.68 14.63
CA ALA B 191 -5.14 7.81 14.58
C ALA B 191 -4.57 8.98 13.76
N LEU B 192 -3.24 8.99 13.59
CA LEU B 192 -2.60 10.07 12.85
C LEU B 192 -2.45 9.73 11.38
N ARG B 193 -2.64 8.47 11.03
CA ARG B 193 -2.45 8.05 9.66
C ARG B 193 -3.00 9.03 8.64
N GLY B 194 -4.22 9.50 8.84
CA GLY B 194 -4.81 10.43 7.89
C GLY B 194 -3.98 11.70 7.81
N ALA B 195 -3.62 12.25 8.96
CA ALA B 195 -2.77 13.44 9.02
C ALA B 195 -1.47 13.18 8.27
N ALA B 196 -0.87 12.02 8.49
CA ALA B 196 0.37 11.65 7.81
C ALA B 196 0.21 11.64 6.28
N VAL B 197 -0.73 10.85 5.79
CA VAL B 197 -1.02 10.83 4.37
C VAL B 197 -1.17 12.23 3.80
N ASP B 198 -1.92 13.09 4.48
CA ASP B 198 -2.08 14.46 4.01
C ASP B 198 -0.73 15.17 3.91
N GLU B 199 0.09 15.07 4.95
CA GLU B 199 1.37 15.76 4.95
C GLU B 199 2.26 15.31 3.78
N TYR B 200 2.39 14.01 3.57
CA TYR B 200 3.24 13.54 2.49
C TYR B 200 2.69 13.96 1.14
N PHE B 201 1.39 13.85 0.95
CA PHE B 201 0.85 14.15 -0.36
C PHE B 201 0.72 15.64 -0.62
N ARG B 202 1.01 16.44 0.40
CA ARG B 202 1.10 17.87 0.21
C ARG B 202 2.41 18.27 -0.48
N GLN B 203 3.40 17.38 -0.45
CA GLN B 203 4.69 17.71 -1.07
C GLN B 203 4.72 17.46 -2.58
N PRO B 204 4.97 18.51 -3.37
CA PRO B 204 5.09 18.24 -4.80
C PRO B 204 6.36 17.42 -5.00
N VAL B 205 6.36 16.52 -5.97
CA VAL B 205 7.52 15.65 -6.21
C VAL B 205 8.35 16.14 -7.39
N VAL B 206 9.58 16.55 -7.09
CA VAL B 206 10.50 17.06 -8.10
C VAL B 206 11.47 16.00 -8.53
N ASP B 207 11.35 15.55 -9.77
CA ASP B 207 12.36 14.73 -10.40
C ASP B 207 11.87 14.49 -11.82
N THR B 208 12.58 13.69 -12.59
CA THR B 208 12.15 13.51 -13.96
C THR B 208 11.52 12.13 -14.07
N PHE B 209 11.07 11.78 -15.27
CA PHE B 209 10.35 10.53 -15.44
C PHE B 209 10.17 10.25 -16.94
N ASP B 210 9.86 9.01 -17.26
CA ASP B 210 9.54 8.65 -18.64
C ASP B 210 8.20 9.24 -19.12
N ILE B 211 8.21 9.80 -20.31
CA ILE B 211 7.04 10.43 -20.86
C ILE B 211 5.91 9.43 -21.02
N ARG B 212 6.24 8.15 -21.05
CA ARG B 212 5.22 7.14 -21.27
C ARG B 212 4.15 7.15 -20.20
N ILE B 213 4.48 7.68 -19.03
CA ILE B 213 3.50 7.74 -17.94
C ILE B 213 2.44 8.83 -18.13
N LEU B 214 2.59 9.69 -19.12
CA LEU B 214 1.58 10.71 -19.34
C LEU B 214 0.37 10.10 -20.06
N MET B 215 -0.82 10.50 -19.65
CA MET B 215 -2.03 9.87 -20.13
C MET B 215 -2.91 10.75 -21.02
N ALA B 216 -2.40 11.92 -21.41
CA ALA B 216 -3.17 12.81 -22.28
C ALA B 216 -2.30 14.00 -22.61
N LYS B 217 -2.62 14.69 -23.70
CA LYS B 217 -1.88 15.87 -24.10
C LYS B 217 -1.96 16.93 -23.00
N SER B 218 -0.84 17.59 -22.76
CA SER B 218 -0.74 18.67 -21.78
C SER B 218 -1.68 19.81 -22.09
N VAL B 219 -2.16 20.47 -21.04
CA VAL B 219 -2.84 21.75 -21.14
C VAL B 219 -1.86 22.88 -20.82
N LYS B 220 -1.98 23.98 -21.54
CA LYS B 220 -1.00 25.04 -21.47
C LYS B 220 -1.59 26.28 -20.79
N TYR B 221 -0.85 26.87 -19.87
CA TYR B 221 -1.22 28.18 -19.36
C TYR B 221 -0.07 29.14 -19.63
N THR B 222 -0.36 30.29 -20.22
CA THR B 222 0.69 31.20 -20.67
C THR B 222 0.73 32.52 -19.94
N VAL B 223 1.94 32.95 -19.59
CA VAL B 223 2.14 34.30 -19.10
C VAL B 223 2.93 35.09 -20.10
N ASN B 224 2.41 36.25 -20.46
CA ASN B 224 3.13 37.12 -21.36
C ASN B 224 3.82 38.20 -20.55
N PHE B 225 5.13 38.11 -20.41
CA PHE B 225 5.85 38.99 -19.50
C PHE B 225 5.83 40.44 -19.99
N LEU B 226 5.69 40.64 -21.30
CA LEU B 226 5.54 41.99 -21.86
C LEU B 226 4.27 42.65 -21.35
N GLU B 227 3.24 41.84 -21.08
CA GLU B 227 1.94 42.37 -20.73
C GLU B 227 1.43 42.17 -19.33
N ALA B 228 1.84 41.10 -18.66
CA ALA B 228 1.29 40.77 -17.34
C ALA B 228 1.67 41.80 -16.27
N LYS B 229 0.88 41.87 -15.20
CA LYS B 229 1.24 42.66 -14.03
C LYS B 229 1.50 41.75 -12.86
N GLU B 230 2.35 42.21 -11.95
CA GLU B 230 2.63 41.49 -10.73
C GLU B 230 1.40 40.78 -10.24
N GLY B 231 0.31 41.53 -10.12
CA GLY B 231 -0.85 41.01 -9.43
C GLY B 231 -1.51 39.86 -10.15
N ASP B 232 -1.27 39.74 -11.45
CA ASP B 232 -1.77 38.58 -12.20
C ASP B 232 -1.30 37.24 -11.60
N LEU B 233 -0.25 37.26 -10.78
CA LEU B 233 0.35 36.02 -10.32
C LEU B 233 0.01 35.71 -8.88
N HIS B 234 -0.86 36.52 -8.27
CA HIS B 234 -1.24 36.30 -6.89
C HIS B 234 -2.22 35.14 -6.78
N ARG B 235 -3.09 35.06 -7.77
CA ARG B 235 -4.04 33.98 -7.86
C ARG B 235 -4.02 33.49 -9.32
N ILE B 236 -3.52 32.28 -9.52
CA ILE B 236 -3.44 31.74 -10.86
C ILE B 236 -4.43 30.61 -10.98
N GLU B 237 -5.42 30.77 -11.87
CA GLU B 237 -6.44 29.76 -12.03
C GLU B 237 -6.25 29.11 -13.37
N ILE B 238 -5.95 27.80 -13.35
CA ILE B 238 -5.73 27.06 -14.58
C ILE B 238 -6.79 25.96 -14.75
N PRO B 239 -7.82 26.25 -15.56
CA PRO B 239 -8.84 25.24 -15.87
C PRO B 239 -8.19 24.21 -16.78
N PHE B 240 -8.69 22.98 -16.72
CA PHE B 240 -8.27 21.94 -17.65
C PHE B 240 -9.36 20.92 -18.03
N LYS B 241 -9.30 20.45 -19.26
CA LYS B 241 -10.14 19.36 -19.73
C LYS B 241 -9.22 18.43 -20.51
N PHE B 242 -8.75 17.35 -19.91
CA PHE B 242 -7.87 16.42 -20.62
C PHE B 242 -8.70 15.36 -21.33
N HIS B 243 -8.30 15.04 -22.56
CA HIS B 243 -8.94 13.94 -23.25
C HIS B 243 -8.04 12.72 -23.12
N MET B 244 -8.51 11.75 -22.34
CA MET B 244 -7.69 10.61 -21.96
C MET B 244 -7.28 9.77 -23.16
N LEU B 245 -5.98 9.49 -23.29
CA LEU B 245 -5.47 8.72 -24.42
C LEU B 245 -5.27 7.24 -24.08
N HIS B 246 -5.37 6.92 -22.79
CA HIS B 246 -5.07 5.57 -22.32
C HIS B 246 -5.94 5.38 -21.13
N SER B 247 -6.22 4.14 -20.80
CA SER B 247 -6.99 3.90 -19.60
C SER B 247 -6.00 3.67 -18.48
N GLY B 248 -6.42 3.90 -17.24
CA GLY B 248 -5.58 3.53 -16.12
C GLY B 248 -5.84 4.41 -14.93
N LEU B 249 -5.12 4.17 -13.83
CA LEU B 249 -5.26 5.04 -12.67
C LEU B 249 -4.53 6.33 -12.95
N VAL B 250 -5.20 7.44 -12.70
CA VAL B 250 -4.53 8.73 -12.71
C VAL B 250 -4.03 9.03 -11.32
N HIS B 251 -2.72 9.12 -11.18
CA HIS B 251 -2.12 9.35 -9.87
C HIS B 251 -1.79 10.82 -9.58
N GLY B 252 -1.99 11.70 -10.57
CA GLY B 252 -1.79 13.12 -10.33
C GLY B 252 -1.56 13.94 -11.59
N LEU B 253 -1.11 15.17 -11.43
CA LEU B 253 -0.71 15.95 -12.58
C LEU B 253 0.79 16.23 -12.60
N ALA B 254 1.40 16.09 -13.75
CA ALA B 254 2.79 16.49 -13.89
C ALA B 254 2.87 17.89 -14.49
N PHE B 255 3.86 18.68 -14.06
CA PHE B 255 4.05 20.04 -14.54
C PHE B 255 5.45 20.25 -15.07
N TRP B 256 5.57 21.10 -16.08
CA TRP B 256 6.86 21.58 -16.53
C TRP B 256 6.60 22.89 -17.24
N PHE B 257 7.63 23.59 -17.68
CA PHE B 257 7.45 24.90 -18.29
C PHE B 257 8.48 25.15 -19.39
N ASP B 258 8.09 25.99 -20.35
CA ASP B 258 8.98 26.51 -21.38
C ASP B 258 8.93 28.03 -21.30
N VAL B 259 10.02 28.71 -21.62
CA VAL B 259 9.98 30.15 -21.86
C VAL B 259 10.53 30.42 -23.24
N ALA B 260 10.10 31.54 -23.82
CA ALA B 260 10.58 31.93 -25.14
C ALA B 260 11.15 33.33 -25.07
N PHE B 261 12.28 33.50 -25.76
CA PHE B 261 12.86 34.81 -25.97
C PHE B 261 12.52 35.27 -27.38
N ILE B 262 11.66 36.28 -27.47
CA ILE B 262 11.21 36.72 -28.77
C ILE B 262 12.03 37.94 -29.15
N GLY B 263 13.17 37.66 -29.81
CA GLY B 263 14.07 38.72 -30.22
C GLY B 263 13.77 39.22 -31.63
N SER B 264 14.44 40.31 -32.01
CA SER B 264 14.21 40.92 -33.31
C SER B 264 14.66 40.01 -34.43
N ILE B 265 15.76 39.30 -34.20
CA ILE B 265 16.29 38.37 -35.20
C ILE B 265 15.66 36.96 -35.17
N MET B 266 15.44 36.41 -33.99
CA MET B 266 14.79 35.11 -33.91
C MET B 266 14.24 34.83 -32.51
N THR B 267 13.22 33.99 -32.44
CA THR B 267 12.72 33.50 -31.18
C THR B 267 13.47 32.24 -30.77
N VAL B 268 13.94 32.22 -29.52
CA VAL B 268 14.61 31.04 -28.97
C VAL B 268 13.87 30.50 -27.75
N TRP B 269 13.81 29.18 -27.64
CA TRP B 269 13.01 28.52 -26.58
C TRP B 269 13.86 27.78 -25.57
N LEU B 270 13.51 27.90 -24.29
CA LEU B 270 14.15 27.09 -23.26
C LEU B 270 13.06 26.20 -22.67
N SER B 271 13.21 24.89 -22.82
CA SER B 271 12.19 23.97 -22.36
C SER B 271 12.65 23.08 -21.23
N THR B 272 11.80 22.87 -20.24
CA THR B 272 12.10 21.92 -19.18
C THR B 272 11.16 20.72 -19.28
N ALA B 273 10.70 20.44 -20.49
CA ALA B 273 9.76 19.32 -20.72
C ALA B 273 10.46 17.98 -20.54
N PRO B 274 9.71 16.94 -20.15
CA PRO B 274 10.26 15.59 -19.96
C PRO B 274 10.70 14.91 -21.27
N THR B 275 10.30 15.48 -22.41
CA THR B 275 10.79 15.03 -23.70
C THR B 275 12.14 15.67 -24.03
N GLU B 276 12.59 16.60 -23.19
CA GLU B 276 13.81 17.33 -23.47
C GLU B 276 14.88 16.93 -22.47
N PRO B 277 16.15 17.23 -22.77
CA PRO B 277 17.23 16.92 -21.83
C PRO B 277 17.02 17.58 -20.48
N LEU B 278 17.48 16.89 -19.44
CA LEU B 278 17.21 17.27 -18.06
C LEU B 278 17.77 18.66 -17.75
N THR B 279 17.04 19.44 -16.97
CA THR B 279 17.57 20.71 -16.45
C THR B 279 17.58 20.63 -14.92
N HIS B 280 18.14 21.64 -14.26
CA HIS B 280 18.15 21.62 -12.80
C HIS B 280 16.74 21.78 -12.23
N TRP B 281 15.76 22.10 -13.06
CA TRP B 281 14.38 22.17 -12.58
C TRP B 281 13.68 20.84 -12.62
N TYR B 282 14.27 19.87 -13.29
CA TYR B 282 13.57 18.59 -13.43
C TYR B 282 12.13 18.80 -13.89
N GLN B 283 11.20 18.03 -13.33
CA GLN B 283 9.78 18.34 -13.47
C GLN B 283 9.08 18.23 -12.11
N VAL B 284 7.81 18.57 -12.06
CA VAL B 284 7.07 18.50 -10.80
C VAL B 284 5.77 17.72 -10.92
N ARG B 285 5.52 16.82 -9.98
CA ARG B 285 4.27 16.08 -9.94
C ARG B 285 3.54 16.29 -8.60
N CYS B 286 2.26 16.62 -8.72
CA CYS B 286 1.40 16.72 -7.55
C CYS B 286 0.53 15.47 -7.54
N LEU B 287 0.76 14.61 -6.57
CA LEU B 287 -0.01 13.38 -6.46
C LEU B 287 -1.40 13.63 -5.88
N PHE B 288 -2.34 12.78 -6.26
CA PHE B 288 -3.61 12.65 -5.54
C PHE B 288 -3.50 11.52 -4.54
N GLN B 289 -4.01 11.72 -3.32
CA GLN B 289 -4.05 10.66 -2.30
C GLN B 289 -4.87 9.47 -2.78
N SER B 290 -5.92 9.78 -3.51
CA SER B 290 -6.84 8.76 -3.99
C SER B 290 -6.87 8.99 -5.48
N PRO B 291 -6.20 8.12 -6.23
CA PRO B 291 -6.18 8.19 -7.70
C PRO B 291 -7.55 8.00 -8.36
N LEU B 292 -7.66 8.53 -9.57
CA LEU B 292 -8.89 8.45 -10.34
C LEU B 292 -8.77 7.38 -11.41
N PHE B 293 -9.81 6.57 -11.57
CA PHE B 293 -9.81 5.57 -12.62
C PHE B 293 -10.46 6.14 -13.91
N ALA B 294 -9.72 6.08 -15.01
CA ALA B 294 -10.17 6.62 -16.27
C ALA B 294 -10.01 5.59 -17.38
N LYS B 295 -10.91 5.63 -18.36
CA LYS B 295 -10.76 4.87 -19.60
C LYS B 295 -10.34 5.83 -20.72
N ALA B 296 -9.48 5.35 -21.60
CA ALA B 296 -9.17 6.12 -22.80
C ALA B 296 -10.50 6.62 -23.33
N GLY B 297 -10.55 7.90 -23.68
CA GLY B 297 -11.76 8.47 -24.22
C GLY B 297 -12.49 9.34 -23.21
N ASP B 298 -12.26 9.09 -21.92
CA ASP B 298 -12.95 9.88 -20.92
C ASP B 298 -12.32 11.28 -20.98
N THR B 299 -13.01 12.28 -20.44
CA THR B 299 -12.37 13.55 -20.25
C THR B 299 -12.18 13.76 -18.75
N LEU B 300 -11.00 14.24 -18.36
CA LEU B 300 -10.71 14.56 -16.97
C LEU B 300 -10.64 16.07 -16.83
N SER B 301 -11.51 16.63 -16.00
CA SER B 301 -11.62 18.08 -15.94
C SER B 301 -11.58 18.60 -14.53
N GLY B 302 -11.22 19.87 -14.41
CA GLY B 302 -11.15 20.50 -13.11
C GLY B 302 -10.33 21.76 -13.18
N THR B 303 -9.73 22.10 -12.06
CA THR B 303 -9.01 23.36 -11.94
C THR B 303 -7.77 23.18 -11.10
N CYS B 304 -6.68 23.75 -11.56
CA CYS B 304 -5.50 23.87 -10.75
C CYS B 304 -5.41 25.34 -10.32
N LEU B 305 -5.54 25.59 -9.02
CA LEU B 305 -5.56 26.96 -8.51
C LEU B 305 -4.31 27.24 -7.68
N LEU B 306 -3.53 28.24 -8.11
CA LEU B 306 -2.31 28.58 -7.38
C LEU B 306 -2.49 29.90 -6.64
N ILE B 307 -2.43 29.83 -5.32
CA ILE B 307 -2.60 31.03 -4.50
C ILE B 307 -1.29 31.47 -3.83
N ALA B 308 -0.80 32.66 -4.22
CA ALA B 308 0.50 33.11 -3.75
C ALA B 308 0.40 33.39 -2.25
N ASN B 309 1.44 33.01 -1.50
CA ASN B 309 1.49 33.29 -0.08
C ASN B 309 2.70 34.16 0.28
N LYS B 310 2.79 34.53 1.54
CA LYS B 310 3.85 35.41 2.00
C LYS B 310 5.20 34.71 2.21
N ARG B 311 5.26 33.42 1.92
CA ARG B 311 6.53 32.66 1.98
C ARG B 311 7.19 32.56 0.60
N GLN B 312 6.90 33.50 -0.28
CA GLN B 312 7.44 33.49 -1.62
C GLN B 312 7.15 32.16 -2.32
N SER B 313 5.95 31.63 -2.12
CA SER B 313 5.55 30.41 -2.79
C SER B 313 4.03 30.40 -2.97
N TYR B 314 3.48 29.21 -3.21
CA TYR B 314 2.07 29.08 -3.53
C TYR B 314 1.45 27.94 -2.77
N ASP B 315 0.20 28.14 -2.39
CA ASP B 315 -0.62 27.03 -2.00
C ASP B 315 -1.35 26.55 -3.25
N ILE B 316 -1.21 25.27 -3.54
CA ILE B 316 -1.74 24.71 -4.75
C ILE B 316 -3.00 23.94 -4.43
N SER B 317 -4.04 24.23 -5.20
CA SER B 317 -5.29 23.51 -5.07
C SER B 317 -5.58 22.77 -6.38
N ILE B 318 -5.80 21.46 -6.30
CA ILE B 318 -6.16 20.75 -7.50
C ILE B 318 -7.42 19.94 -7.29
N VAL B 319 -8.41 20.22 -8.13
CA VAL B 319 -9.65 19.48 -8.10
C VAL B 319 -9.82 18.88 -9.48
N ALA B 320 -10.10 17.59 -9.53
CA ALA B 320 -10.21 16.90 -10.81
C ALA B 320 -11.33 15.89 -10.76
N GLN B 321 -12.09 15.77 -11.84
CA GLN B 321 -13.05 14.70 -11.90
C GLN B 321 -13.12 14.04 -13.27
N VAL B 322 -13.38 12.72 -13.26
CA VAL B 322 -13.67 11.97 -14.47
C VAL B 322 -15.13 12.23 -14.79
N ASP B 323 -15.35 13.02 -15.83
CA ASP B 323 -16.69 13.46 -16.16
C ASP B 323 -17.68 12.30 -16.27
N GLN B 324 -17.27 11.23 -16.95
CA GLN B 324 -18.12 10.05 -17.19
C GLN B 324 -18.60 9.31 -15.94
N THR B 325 -17.89 9.41 -14.82
CA THR B 325 -18.26 8.62 -13.64
C THR B 325 -18.61 9.50 -12.47
N GLY B 326 -18.22 10.77 -12.55
CA GLY B 326 -18.36 11.68 -11.42
C GLY B 326 -17.37 11.43 -10.29
N SER B 327 -16.33 10.64 -10.54
CA SER B 327 -15.30 10.41 -9.52
C SER B 327 -14.43 11.66 -9.33
N LYS B 328 -14.55 12.29 -8.16
CA LYS B 328 -13.82 13.52 -7.84
C LYS B 328 -12.56 13.22 -7.06
N SER B 329 -11.57 14.09 -7.22
CA SER B 329 -10.40 14.14 -6.37
C SER B 329 -9.97 15.61 -6.08
N SER B 330 -9.84 15.94 -4.80
CA SER B 330 -9.43 17.29 -4.38
C SER B 330 -8.11 17.20 -3.67
N ASN B 331 -7.22 18.14 -3.98
CA ASN B 331 -5.93 18.15 -3.31
C ASN B 331 -5.41 19.54 -3.00
N LEU B 332 -4.60 19.61 -1.95
CA LEU B 332 -3.93 20.83 -1.55
C LEU B 332 -2.44 20.54 -1.43
N LEU B 333 -1.62 21.29 -2.14
CA LEU B 333 -0.19 21.05 -2.06
C LEU B 333 0.57 22.31 -1.72
N ASP B 334 1.62 22.11 -0.96
CA ASP B 334 2.39 23.22 -0.41
C ASP B 334 3.70 23.29 -1.17
N LEU B 335 3.80 24.26 -2.05
CA LEU B 335 4.92 24.31 -2.96
C LEU B 335 6.21 24.74 -2.26
N LYS B 336 6.09 25.24 -1.03
CA LYS B 336 7.26 25.66 -0.27
C LYS B 336 8.11 24.46 0.10
N ASN B 337 7.49 23.30 0.26
CA ASN B 337 8.17 22.15 0.84
C ASN B 337 8.17 20.91 -0.08
N PRO B 338 8.89 20.98 -1.22
CA PRO B 338 8.95 19.92 -2.24
C PRO B 338 9.65 18.66 -1.74
N PHE B 339 9.36 17.53 -2.36
CA PHE B 339 10.11 16.30 -2.14
C PHE B 339 11.04 16.06 -3.33
N PHE B 340 12.35 16.17 -3.11
CA PHE B 340 13.33 15.92 -4.15
C PHE B 340 13.65 14.45 -4.16
N ARG B 341 12.92 13.72 -5.00
CA ARG B 341 13.08 12.29 -5.20
C ARG B 341 14.40 11.91 -5.88
N TYR B 342 14.92 12.78 -6.74
CA TYR B 342 16.12 12.42 -7.51
C TYR B 342 17.33 12.30 -6.59
N THR B 343 17.43 13.07 -5.59
N SER C 1 -23.72 -39.69 15.79
CA SER C 1 -24.41 -38.51 16.39
C SER C 1 -23.55 -37.59 17.25
N VAL C 2 -22.47 -38.10 17.83
CA VAL C 2 -21.38 -37.21 18.20
C VAL C 2 -21.05 -36.36 16.96
N PHE C 3 -21.25 -36.92 15.77
CA PHE C 3 -21.09 -36.13 14.56
C PHE C 3 -22.14 -35.04 14.43
N SER C 4 -23.42 -35.41 14.48
CA SER C 4 -24.47 -34.40 14.30
C SER C 4 -24.51 -33.39 15.45
N GLU C 5 -24.17 -33.80 16.66
CA GLU C 5 -24.05 -32.86 17.76
C GLU C 5 -23.07 -31.72 17.52
N ARG C 6 -21.98 -31.97 16.81
CA ARG C 6 -20.92 -30.96 16.64
C ARG C 6 -20.94 -30.31 15.26
N THR C 7 -21.88 -30.69 14.41
CA THR C 7 -21.88 -30.25 13.02
C THR C 7 -23.28 -29.78 12.63
N GLU C 8 -23.40 -28.54 12.17
CA GLU C 8 -24.67 -28.08 11.61
C GLU C 8 -25.09 -28.94 10.42
N GLU C 9 -26.35 -29.39 10.41
CA GLU C 9 -26.85 -30.23 9.33
C GLU C 9 -26.42 -29.71 7.97
N SER C 10 -26.40 -28.39 7.79
CA SER C 10 -26.22 -27.89 6.45
C SER C 10 -24.76 -27.90 6.02
N SER C 11 -23.85 -27.73 6.99
CA SER C 11 -22.43 -27.83 6.71
C SER C 11 -22.09 -29.24 6.27
N ALA C 12 -22.79 -30.21 6.85
CA ALA C 12 -22.55 -31.61 6.57
C ALA C 12 -23.09 -32.03 5.21
N VAL C 13 -24.20 -31.44 4.81
CA VAL C 13 -24.75 -31.78 3.50
C VAL C 13 -23.79 -31.29 2.42
N GLN C 14 -23.33 -30.06 2.50
CA GLN C 14 -22.41 -29.57 1.47
C GLN C 14 -21.10 -30.34 1.50
N TYR C 15 -20.63 -30.62 2.72
CA TYR C 15 -19.35 -31.26 2.91
C TYR C 15 -19.33 -32.61 2.21
N PHE C 16 -20.32 -33.45 2.50
CA PHE C 16 -20.33 -34.80 1.93
C PHE C 16 -20.72 -34.81 0.45
N GLN C 17 -21.37 -33.75 0.01
CA GLN C 17 -21.65 -33.59 -1.41
C GLN C 17 -20.34 -33.35 -2.17
N PHE C 18 -19.49 -32.53 -1.58
CA PHE C 18 -18.19 -32.24 -2.15
C PHE C 18 -17.37 -33.51 -2.37
N TYR C 19 -17.38 -34.40 -1.38
CA TYR C 19 -16.62 -35.62 -1.53
C TYR C 19 -17.34 -36.69 -2.37
N GLY C 20 -18.57 -36.40 -2.78
CA GLY C 20 -19.26 -37.27 -3.73
C GLY C 20 -18.79 -37.06 -5.16
N TYR C 21 -18.07 -35.97 -5.43
CA TYR C 21 -17.51 -35.76 -6.76
C TYR C 21 -16.24 -36.57 -7.00
N LEU C 22 -16.26 -37.34 -8.09
CA LEU C 22 -15.09 -38.10 -8.46
C LEU C 22 -13.88 -37.17 -8.62
N SER C 23 -14.11 -35.96 -9.14
CA SER C 23 -12.98 -35.09 -9.42
C SER C 23 -12.28 -34.59 -8.15
N GLN C 24 -12.99 -34.57 -7.03
CA GLN C 24 -12.35 -34.20 -5.78
C GLN C 24 -11.63 -35.36 -5.12
N GLN C 25 -12.16 -36.57 -5.28
CA GLN C 25 -11.42 -37.75 -4.92
C GLN C 25 -10.16 -37.79 -5.77
N GLN C 26 -10.31 -37.57 -7.07
CA GLN C 26 -9.16 -37.56 -7.97
C GLN C 26 -8.09 -36.58 -7.48
N ASN C 27 -8.51 -35.40 -7.04
CA ASN C 27 -7.55 -34.41 -6.56
C ASN C 27 -6.63 -34.96 -5.48
N MET C 28 -7.17 -35.82 -4.61
CA MET C 28 -6.36 -36.45 -3.58
C MET C 28 -5.56 -37.63 -4.13
N MET C 29 -6.21 -38.50 -4.87
CA MET C 29 -5.55 -39.65 -5.43
C MET C 29 -4.31 -39.27 -6.26
N GLN C 30 -4.48 -38.27 -7.13
CA GLN C 30 -3.44 -37.73 -8.01
C GLN C 30 -2.24 -37.17 -7.26
N ASP C 31 -2.45 -36.75 -6.03
CA ASP C 31 -1.36 -36.22 -5.22
C ASP C 31 -0.41 -37.38 -5.00
N TYR C 32 0.66 -37.45 -5.77
CA TYR C 32 1.46 -38.67 -5.81
C TYR C 32 2.26 -38.86 -4.54
N VAL C 33 2.76 -37.77 -3.97
CA VAL C 33 3.44 -37.84 -2.68
C VAL C 33 2.51 -38.43 -1.61
N ARG C 34 1.27 -37.94 -1.58
CA ARG C 34 0.34 -38.40 -0.56
C ARG C 34 0.04 -39.89 -0.76
N THR C 35 -0.52 -40.23 -1.93
CA THR C 35 -1.01 -41.58 -2.17
C THR C 35 0.14 -42.59 -2.20
N GLY C 36 1.25 -42.21 -2.82
CA GLY C 36 2.41 -43.08 -2.88
C GLY C 36 3.02 -43.35 -1.51
N THR C 37 3.05 -42.32 -0.66
CA THR C 37 3.57 -42.49 0.68
C THR C 37 2.65 -43.37 1.52
N TYR C 38 1.34 -43.19 1.38
CA TYR C 38 0.43 -44.10 2.06
C TYR C 38 0.68 -45.55 1.66
N GLN C 39 0.73 -45.82 0.36
CA GLN C 39 0.89 -47.20 -0.12
C GLN C 39 2.18 -47.80 0.42
N ARG C 40 3.25 -47.03 0.38
CA ARG C 40 4.54 -47.47 0.90
C ARG C 40 4.45 -47.74 2.41
N ALA C 41 3.82 -46.83 3.14
CA ALA C 41 3.68 -47.00 4.58
C ALA C 41 2.97 -48.30 4.90
N ILE C 42 1.98 -48.64 4.08
CA ILE C 42 1.20 -49.82 4.33
C ILE C 42 1.88 -51.10 3.82
N LEU C 43 2.38 -51.10 2.59
CA LEU C 43 3.07 -52.27 2.07
C LEU C 43 4.37 -52.63 2.81
N GLN C 44 5.11 -51.62 3.26
CA GLN C 44 6.35 -51.89 3.96
C GLN C 44 6.15 -52.30 5.41
N ASN C 45 4.99 -51.97 5.97
CA ASN C 45 4.62 -52.54 7.26
C ASN C 45 3.58 -53.65 7.11
N HIS C 46 3.84 -54.54 6.15
CA HIS C 46 2.91 -55.59 5.80
C HIS C 46 2.56 -56.49 6.98
N THR C 47 3.45 -56.62 7.95
CA THR C 47 3.16 -57.45 9.12
C THR C 47 2.06 -56.81 9.96
N ASP C 48 1.86 -55.50 9.81
CA ASP C 48 0.81 -54.82 10.54
C ASP C 48 -0.52 -55.04 9.88
N PHE C 49 -0.51 -55.62 8.68
CA PHE C 49 -1.74 -55.87 7.95
C PHE C 49 -2.02 -57.34 7.67
N LYS C 50 -0.96 -58.15 7.55
CA LYS C 50 -1.14 -59.55 7.19
C LYS C 50 -2.15 -60.28 8.09
N ASP C 51 -3.24 -60.74 7.50
CA ASP C 51 -4.28 -61.48 8.22
C ASP C 51 -5.00 -60.69 9.30
N LYS C 52 -4.83 -59.38 9.28
CA LYS C 52 -5.48 -58.51 10.27
C LYS C 52 -6.87 -58.02 9.80
N ILE C 53 -7.59 -57.43 10.73
CA ILE C 53 -8.86 -56.77 10.47
C ILE C 53 -8.56 -55.26 10.47
N VAL C 54 -8.98 -54.56 9.43
CA VAL C 54 -8.71 -53.15 9.40
C VAL C 54 -9.95 -52.33 9.18
N LEU C 55 -9.97 -51.17 9.79
CA LEU C 55 -10.97 -50.16 9.47
C LEU C 55 -10.32 -48.98 8.72
N ASP C 56 -10.93 -48.57 7.62
CA ASP C 56 -10.52 -47.41 6.81
C ASP C 56 -11.56 -46.34 7.05
N VAL C 57 -11.21 -45.30 7.81
CA VAL C 57 -12.18 -44.26 8.12
C VAL C 57 -12.29 -43.21 7.00
N GLY C 58 -13.45 -43.17 6.35
CA GLY C 58 -13.65 -42.28 5.22
C GLY C 58 -12.89 -42.78 3.98
N CYS C 59 -13.33 -43.91 3.42
CA CYS C 59 -12.52 -44.58 2.43
C CYS C 59 -12.50 -43.87 1.06
N GLY C 60 -13.47 -42.99 0.82
CA GLY C 60 -13.54 -42.33 -0.46
C GLY C 60 -13.65 -43.39 -1.56
N SER C 61 -12.77 -43.27 -2.55
CA SER C 61 -12.71 -44.22 -3.63
C SER C 61 -12.45 -45.63 -3.14
N GLY C 62 -11.86 -45.72 -1.93
CA GLY C 62 -11.49 -47.00 -1.38
C GLY C 62 -10.01 -47.26 -1.53
N ILE C 63 -9.31 -46.30 -2.13
CA ILE C 63 -7.91 -46.49 -2.46
C ILE C 63 -7.06 -47.09 -1.32
N LEU C 64 -7.17 -46.55 -0.11
CA LEU C 64 -6.35 -47.03 1.01
C LEU C 64 -6.69 -48.47 1.42
N SER C 65 -7.95 -48.85 1.30
CA SER C 65 -8.35 -50.21 1.61
C SER C 65 -7.73 -51.17 0.63
N PHE C 66 -7.59 -50.77 -0.64
CA PHE C 66 -6.93 -51.63 -1.61
C PHE C 66 -5.48 -51.82 -1.20
N PHE C 67 -4.87 -50.79 -0.63
CA PHE C 67 -3.51 -50.93 -0.14
C PHE C 67 -3.44 -51.93 1.02
N ALA C 68 -4.39 -51.83 1.94
CA ALA C 68 -4.47 -52.80 3.03
C ALA C 68 -4.65 -54.21 2.48
N ALA C 69 -5.49 -54.35 1.45
CA ALA C 69 -5.66 -55.63 0.81
C ALA C 69 -4.36 -56.13 0.16
N GLN C 70 -3.68 -55.28 -0.59
CA GLN C 70 -2.44 -55.70 -1.21
C GLN C 70 -1.45 -56.21 -0.15
N ALA C 71 -1.59 -55.71 1.07
CA ALA C 71 -0.63 -56.00 2.13
C ALA C 71 -1.06 -57.17 2.99
N GLY C 72 -2.15 -57.82 2.62
CA GLY C 72 -2.49 -59.08 3.26
C GLY C 72 -3.59 -59.06 4.28
N ALA C 73 -4.24 -57.91 4.50
CA ALA C 73 -5.32 -57.84 5.48
C ALA C 73 -6.32 -58.92 5.18
N ARG C 74 -6.94 -59.46 6.22
CA ARG C 74 -7.93 -60.49 6.00
C ARG C 74 -9.32 -59.90 5.74
N LYS C 75 -9.61 -58.80 6.43
CA LYS C 75 -10.89 -58.14 6.26
C LYS C 75 -10.73 -56.65 6.50
N ILE C 76 -11.37 -55.86 5.65
CA ILE C 76 -11.26 -54.41 5.72
C ILE C 76 -12.63 -53.79 5.65
N TYR C 77 -13.02 -53.07 6.70
CA TYR C 77 -14.27 -52.32 6.68
C TYR C 77 -13.93 -50.92 6.25
N ALA C 78 -14.58 -50.49 5.19
CA ALA C 78 -14.29 -49.22 4.57
C ALA C 78 -15.50 -48.32 4.73
N VAL C 79 -15.43 -47.39 5.67
CA VAL C 79 -16.57 -46.57 6.00
C VAL C 79 -16.57 -45.23 5.22
N GLU C 80 -17.69 -44.86 4.64
CA GLU C 80 -17.73 -43.64 3.83
C GLU C 80 -19.12 -42.97 3.86
N ALA C 81 -19.16 -41.70 4.23
CA ALA C 81 -20.44 -41.06 4.47
C ALA C 81 -21.06 -40.46 3.22
N SER C 82 -20.26 -40.15 2.21
CA SER C 82 -20.81 -39.51 1.03
C SER C 82 -21.25 -40.58 0.02
N THR C 83 -21.81 -40.14 -1.10
CA THR C 83 -22.24 -41.10 -2.11
C THR C 83 -21.06 -41.79 -2.81
N MET C 84 -19.85 -41.30 -2.54
CA MET C 84 -18.66 -41.96 -3.07
C MET C 84 -18.64 -43.44 -2.67
N ALA C 85 -19.29 -43.75 -1.55
CA ALA C 85 -19.39 -45.13 -1.09
C ALA C 85 -19.85 -46.13 -2.15
N GLN C 86 -20.80 -45.71 -2.98
CA GLN C 86 -21.31 -46.54 -4.07
C GLN C 86 -20.25 -46.81 -5.15
N HIS C 87 -19.52 -45.77 -5.55
CA HIS C 87 -18.43 -45.98 -6.49
C HIS C 87 -17.32 -46.86 -5.89
N ALA C 88 -17.10 -46.76 -4.59
CA ALA C 88 -16.14 -47.63 -3.95
C ALA C 88 -16.59 -49.09 -4.04
N GLU C 89 -17.87 -49.34 -3.82
CA GLU C 89 -18.41 -50.69 -3.95
C GLU C 89 -18.19 -51.23 -5.35
N VAL C 90 -18.45 -50.40 -6.34
CA VAL C 90 -18.24 -50.77 -7.74
C VAL C 90 -16.78 -51.20 -7.94
N LEU C 91 -15.85 -50.44 -7.37
CA LEU C 91 -14.44 -50.77 -7.54
C LEU C 91 -14.05 -52.07 -6.85
N VAL C 92 -14.57 -52.30 -5.64
CA VAL C 92 -14.35 -53.55 -4.93
C VAL C 92 -14.83 -54.73 -5.77
N LYS C 93 -15.99 -54.59 -6.41
CA LYS C 93 -16.46 -55.67 -7.27
C LYS C 93 -15.58 -55.82 -8.51
N SER C 94 -15.39 -54.73 -9.23
CA SER C 94 -14.62 -54.84 -10.45
C SER C 94 -13.17 -55.27 -10.15
N ASN C 95 -12.73 -55.13 -8.92
CA ASN C 95 -11.41 -55.61 -8.58
C ASN C 95 -11.37 -57.00 -7.92
N ASN C 96 -12.55 -57.62 -7.82
CA ASN C 96 -12.68 -58.96 -7.26
C ASN C 96 -12.12 -59.07 -5.85
N LEU C 97 -12.56 -58.18 -4.97
CA LEU C 97 -12.11 -58.15 -3.60
C LEU C 97 -13.28 -58.12 -2.64
N THR C 98 -14.44 -58.59 -3.10
CA THR C 98 -15.65 -58.56 -2.29
C THR C 98 -15.48 -59.44 -1.06
N ASP C 99 -14.55 -60.37 -1.12
CA ASP C 99 -14.31 -61.26 0.02
C ASP C 99 -13.46 -60.60 1.11
N ARG C 100 -12.91 -59.44 0.83
CA ARG C 100 -11.98 -58.83 1.75
C ARG C 100 -12.22 -57.37 2.09
N ILE C 101 -12.78 -56.62 1.15
CA ILE C 101 -13.12 -55.23 1.45
C ILE C 101 -14.62 -55.07 1.58
N VAL C 102 -15.07 -54.58 2.71
CA VAL C 102 -16.49 -54.40 2.93
C VAL C 102 -16.78 -52.92 3.11
N VAL C 103 -17.48 -52.36 2.13
CA VAL C 103 -17.85 -50.97 2.18
C VAL C 103 -19.04 -50.83 3.08
N ILE C 104 -18.94 -49.88 4.01
CA ILE C 104 -20.04 -49.52 4.89
C ILE C 104 -20.40 -48.05 4.76
N PRO C 105 -21.53 -47.76 4.11
CA PRO C 105 -22.02 -46.38 3.92
C PRO C 105 -22.41 -45.80 5.26
N GLY C 106 -22.14 -44.51 5.46
CA GLY C 106 -22.51 -43.87 6.70
C GLY C 106 -21.34 -43.16 7.38
N LYS C 107 -21.66 -42.38 8.40
CA LYS C 107 -20.65 -41.69 9.18
C LYS C 107 -20.04 -42.67 10.17
N VAL C 108 -18.74 -42.61 10.38
CA VAL C 108 -18.08 -43.59 11.24
C VAL C 108 -18.63 -43.47 12.67
N GLU C 109 -19.25 -42.32 12.96
CA GLU C 109 -19.83 -42.09 14.26
C GLU C 109 -21.18 -42.80 14.45
N GLU C 110 -21.78 -43.23 13.33
CA GLU C 110 -23.16 -43.69 13.33
C GLU C 110 -23.35 -45.11 12.84
N VAL C 111 -22.32 -45.75 12.32
CA VAL C 111 -22.51 -47.09 11.77
C VAL C 111 -22.15 -48.16 12.78
N SER C 112 -22.37 -49.42 12.46
CA SER C 112 -21.94 -50.52 13.32
C SER C 112 -20.93 -51.39 12.60
N LEU C 113 -19.90 -51.82 13.30
CA LEU C 113 -18.97 -52.79 12.73
C LEU C 113 -19.20 -54.14 13.38
N PRO C 114 -19.29 -55.19 12.58
CA PRO C 114 -19.44 -56.53 13.13
C PRO C 114 -18.36 -56.96 14.13
N GLU C 115 -17.19 -56.34 14.11
CA GLU C 115 -16.09 -56.74 15.00
C GLU C 115 -15.10 -55.62 15.28
N GLN C 116 -14.21 -55.85 16.25
CA GLN C 116 -13.16 -54.89 16.56
C GLN C 116 -12.01 -55.12 15.60
N VAL C 117 -11.21 -54.08 15.36
CA VAL C 117 -10.16 -54.13 14.34
C VAL C 117 -8.78 -54.08 14.97
N ASP C 118 -7.78 -54.54 14.24
CA ASP C 118 -6.39 -54.52 14.70
C ASP C 118 -5.72 -53.19 14.37
N ILE C 119 -6.24 -52.49 13.38
CA ILE C 119 -5.59 -51.28 12.93
C ILE C 119 -6.58 -50.40 12.20
N ILE C 120 -6.51 -49.11 12.45
CA ILE C 120 -7.30 -48.17 11.70
C ILE C 120 -6.36 -47.39 10.79
N ILE C 121 -6.76 -47.25 9.53
CA ILE C 121 -6.07 -46.37 8.60
C ILE C 121 -7.06 -45.31 8.17
N SER C 122 -6.54 -44.14 7.82
CA SER C 122 -7.37 -43.03 7.37
C SER C 122 -6.46 -41.98 6.77
N GLU C 123 -7.02 -41.12 5.93
CA GLU C 123 -6.33 -39.93 5.50
C GLU C 123 -7.30 -38.78 5.70
N PRO C 124 -7.36 -38.28 6.94
CA PRO C 124 -8.33 -37.29 7.43
C PRO C 124 -7.78 -35.87 7.48
N MET C 125 -6.53 -35.70 7.08
CA MET C 125 -5.87 -34.41 7.25
C MET C 125 -6.43 -33.31 6.31
N GLY C 126 -6.70 -32.14 6.88
CA GLY C 126 -7.13 -31.02 6.07
C GLY C 126 -6.03 -29.96 5.99
N TYR C 127 -6.34 -28.86 5.32
CA TYR C 127 -5.44 -27.72 5.34
C TYR C 127 -5.07 -27.44 6.78
N MET C 128 -3.80 -27.12 7.02
CA MET C 128 -3.37 -26.81 8.38
C MET C 128 -3.57 -28.01 9.28
N LEU C 129 -3.61 -29.20 8.71
CA LEU C 129 -3.87 -30.43 9.45
C LEU C 129 -5.31 -30.54 9.92
N PHE C 130 -5.80 -29.53 10.65
CA PHE C 130 -7.04 -29.69 11.39
C PHE C 130 -8.34 -29.36 10.66
N ASN C 131 -8.25 -28.57 9.60
CA ASN C 131 -9.46 -28.16 8.92
C ASN C 131 -10.32 -29.37 8.55
N GLU C 132 -11.63 -29.17 8.57
CA GLU C 132 -12.64 -30.20 8.33
C GLU C 132 -13.06 -31.00 9.57
N ARG C 133 -12.24 -30.95 10.61
CA ARG C 133 -12.53 -31.62 11.88
C ARG C 133 -12.64 -33.12 11.72
N MET C 134 -12.04 -33.66 10.68
CA MET C 134 -12.15 -35.08 10.42
C MET C 134 -11.19 -35.88 11.30
N LEU C 135 -10.17 -35.23 11.85
CA LEU C 135 -9.32 -35.89 12.84
C LEU C 135 -10.16 -36.38 14.02
N GLU C 136 -11.20 -35.64 14.38
CA GLU C 136 -12.07 -36.11 15.44
C GLU C 136 -12.73 -37.44 15.06
N SER C 137 -13.26 -37.54 13.83
CA SER C 137 -13.84 -38.79 13.39
C SER C 137 -12.83 -39.94 13.47
N TYR C 138 -11.61 -39.67 13.02
CA TYR C 138 -10.54 -40.66 13.10
C TYR C 138 -10.32 -41.13 14.56
N LEU C 139 -10.22 -40.18 15.49
CA LEU C 139 -10.05 -40.50 16.89
C LEU C 139 -11.27 -41.24 17.46
N HIS C 140 -12.45 -40.75 17.14
CA HIS C 140 -13.70 -41.38 17.50
C HIS C 140 -13.70 -42.85 17.12
N ALA C 141 -13.20 -43.16 15.93
CA ALA C 141 -13.22 -44.54 15.43
C ALA C 141 -12.47 -45.49 16.36
N LYS C 142 -11.68 -44.94 17.26
CA LYS C 142 -10.93 -45.79 18.17
C LYS C 142 -11.82 -46.68 19.04
N LYS C 143 -13.09 -46.35 19.15
CA LYS C 143 -14.00 -47.22 19.88
C LYS C 143 -14.05 -48.61 19.26
N TYR C 144 -13.62 -48.75 18.01
CA TYR C 144 -13.56 -50.07 17.39
C TYR C 144 -12.17 -50.69 17.47
N LEU C 145 -11.20 -49.98 18.04
CA LEU C 145 -9.83 -50.47 18.03
C LEU C 145 -9.56 -51.43 19.19
N LYS C 146 -9.08 -52.64 18.87
CA LYS C 146 -8.65 -53.58 19.89
C LYS C 146 -7.56 -52.96 20.76
N PRO C 147 -7.51 -53.36 22.03
CA PRO C 147 -6.46 -52.84 22.92
C PRO C 147 -5.11 -53.03 22.24
N SER C 148 -4.29 -51.99 22.26
CA SER C 148 -2.98 -52.04 21.64
C SER C 148 -3.06 -52.18 20.11
N GLY C 149 -4.23 -51.92 19.55
CA GLY C 149 -4.32 -51.78 18.10
C GLY C 149 -3.55 -50.56 17.62
N ASN C 150 -3.24 -50.52 16.34
CA ASN C 150 -2.43 -49.45 15.81
C ASN C 150 -3.24 -48.42 15.02
N MET C 151 -2.68 -47.22 14.88
CA MET C 151 -3.29 -46.13 14.11
C MET C 151 -2.35 -45.73 12.97
N PHE C 152 -2.85 -45.71 11.75
CA PHE C 152 -2.06 -45.31 10.59
C PHE C 152 -2.79 -44.18 9.93
N PRO C 153 -2.33 -42.93 10.10
CA PRO C 153 -1.08 -42.45 10.70
C PRO C 153 -1.12 -42.46 12.22
N THR C 154 0.05 -42.54 12.84
CA THR C 154 0.14 -42.72 14.28
C THR C 154 0.21 -41.37 15.01
N ILE C 155 0.96 -40.42 14.46
CA ILE C 155 1.01 -39.10 15.03
C ILE C 155 0.98 -38.00 13.98
N GLY C 156 0.70 -36.77 14.41
CA GLY C 156 0.73 -35.67 13.48
C GLY C 156 1.38 -34.46 14.12
N ASP C 157 2.28 -33.81 13.39
CA ASP C 157 2.91 -32.56 13.83
C ASP C 157 2.38 -31.41 12.98
N VAL C 158 1.91 -30.36 13.64
CA VAL C 158 1.71 -29.08 12.99
C VAL C 158 2.92 -28.19 13.22
N HIS C 159 3.42 -27.57 12.15
CA HIS C 159 4.50 -26.61 12.26
C HIS C 159 4.01 -25.19 11.99
N LEU C 160 4.48 -24.24 12.80
CA LEU C 160 4.29 -22.83 12.51
C LEU C 160 5.59 -22.07 12.63
N ALA C 161 5.73 -21.05 11.80
CA ALA C 161 6.95 -20.25 11.73
C ALA C 161 6.59 -18.86 11.21
N PRO C 162 7.25 -17.81 11.75
CA PRO C 162 7.02 -16.44 11.26
C PRO C 162 7.63 -16.25 9.85
N PHE C 163 7.00 -15.43 9.02
CA PHE C 163 7.50 -15.23 7.65
C PHE C 163 7.42 -13.79 7.19
N THR C 164 8.27 -13.43 6.25
CA THR C 164 8.16 -12.10 5.69
C THR C 164 7.79 -12.21 4.21
N ASP C 165 6.77 -11.46 3.79
CA ASP C 165 6.41 -11.53 2.38
C ASP C 165 5.64 -10.30 1.93
N GLU C 166 6.39 -9.27 1.54
CA GLU C 166 5.83 -7.96 1.22
C GLU C 166 4.78 -8.02 0.12
N GLN C 167 5.13 -8.74 -0.94
CA GLN C 167 4.25 -8.87 -2.07
C GLN C 167 2.90 -9.47 -1.66
N LEU C 168 2.91 -10.55 -0.84
CA LEU C 168 1.65 -11.16 -0.45
C LEU C 168 0.83 -10.15 0.34
N TYR C 169 1.48 -9.42 1.24
CA TYR C 169 0.78 -8.49 2.11
C TYR C 169 0.20 -7.30 1.34
N MET C 170 0.94 -6.81 0.36
CA MET C 170 0.46 -5.70 -0.47
C MET C 170 -0.66 -6.15 -1.39
N GLU C 171 -0.50 -7.35 -1.93
CA GLU C 171 -1.51 -7.92 -2.81
C GLU C 171 -2.88 -7.92 -2.11
N GLN C 172 -2.92 -8.43 -0.88
CA GLN C 172 -4.17 -8.43 -0.13
C GLN C 172 -4.56 -7.01 0.30
N PHE C 173 -3.58 -6.20 0.65
CA PHE C 173 -3.88 -4.83 1.10
C PHE C 173 -4.50 -4.01 -0.07
N THR C 174 -3.98 -4.20 -1.27
CA THR C 174 -4.50 -3.49 -2.44
C THR C 174 -5.98 -3.81 -2.65
N LYS C 175 -6.34 -5.11 -2.62
CA LYS C 175 -7.74 -5.53 -2.76
C LYS C 175 -8.65 -4.83 -1.74
N ALA C 176 -8.23 -4.85 -0.48
CA ALA C 176 -9.05 -4.26 0.56
C ALA C 176 -9.10 -2.76 0.37
N ASN C 177 -8.10 -2.21 -0.29
CA ASN C 177 -8.02 -0.77 -0.34
C ASN C 177 -8.97 -0.20 -1.36
N PHE C 178 -9.57 -1.08 -2.14
CA PHE C 178 -10.67 -0.72 -3.01
C PHE C 178 -11.69 0.04 -2.16
N TRP C 179 -11.82 -0.36 -0.90
CA TRP C 179 -12.79 0.23 0.02
C TRP C 179 -12.26 1.46 0.74
N TYR C 180 -11.03 1.85 0.42
CA TYR C 180 -10.49 3.10 0.94
C TYR C 180 -10.87 4.26 -0.02
N GLN C 181 -11.35 3.92 -1.21
CA GLN C 181 -11.48 4.98 -2.19
C GLN C 181 -12.72 5.85 -1.92
N PRO C 182 -12.52 7.19 -1.97
CA PRO C 182 -13.43 8.26 -1.53
C PRO C 182 -14.51 8.66 -2.53
N SER C 183 -14.26 8.37 -3.80
CA SER C 183 -15.19 8.78 -4.84
C SER C 183 -15.34 7.71 -5.95
N PHE C 184 -15.71 6.49 -5.54
CA PHE C 184 -15.96 5.40 -6.47
C PHE C 184 -17.25 5.71 -7.26
N HIS C 185 -17.11 6.05 -8.54
CA HIS C 185 -18.24 6.54 -9.32
C HIS C 185 -18.99 7.64 -8.55
N GLY C 186 -18.25 8.48 -7.84
CA GLY C 186 -18.87 9.56 -7.10
C GLY C 186 -19.22 9.21 -5.67
N VAL C 187 -18.95 7.98 -5.24
CA VAL C 187 -19.38 7.53 -3.92
C VAL C 187 -18.20 7.27 -2.99
N ASP C 188 -18.33 7.70 -1.73
CA ASP C 188 -17.25 7.58 -0.77
C ASP C 188 -17.39 6.24 -0.02
N LEU C 189 -16.45 5.33 -0.27
CA LEU C 189 -16.53 3.97 0.29
C LEU C 189 -15.77 3.86 1.60
N SER C 190 -15.03 4.92 1.92
CA SER C 190 -13.88 4.82 2.80
C SER C 190 -14.23 4.44 4.22
N ALA C 191 -15.49 4.58 4.61
CA ALA C 191 -15.84 4.21 5.98
C ALA C 191 -15.86 2.69 6.16
N LEU C 192 -15.93 1.94 5.07
CA LEU C 192 -15.92 0.48 5.14
C LEU C 192 -14.49 -0.08 5.08
N ARG C 193 -13.54 0.80 4.83
CA ARG C 193 -12.13 0.42 4.76
C ARG C 193 -11.70 -0.57 5.86
N GLY C 194 -11.92 -0.24 7.13
CA GLY C 194 -11.50 -1.14 8.17
C GLY C 194 -12.14 -2.52 8.09
N ALA C 195 -13.45 -2.57 7.86
CA ALA C 195 -14.16 -3.84 7.74
C ALA C 195 -13.66 -4.61 6.51
N ALA C 196 -13.24 -3.89 5.47
CA ALA C 196 -12.70 -4.53 4.29
C ALA C 196 -11.37 -5.20 4.60
N VAL C 197 -10.49 -4.50 5.30
CA VAL C 197 -9.20 -5.07 5.66
C VAL C 197 -9.39 -6.29 6.57
N ASP C 198 -10.28 -6.18 7.56
CA ASP C 198 -10.61 -7.33 8.41
C ASP C 198 -11.02 -8.54 7.57
N GLU C 199 -11.96 -8.34 6.66
CA GLU C 199 -12.46 -9.45 5.86
C GLU C 199 -11.31 -10.12 5.15
N TYR C 200 -10.47 -9.33 4.51
CA TYR C 200 -9.50 -9.92 3.62
C TYR C 200 -8.46 -10.62 4.45
N PHE C 201 -8.07 -10.00 5.55
CA PHE C 201 -7.04 -10.62 6.35
C PHE C 201 -7.53 -11.79 7.17
N ARG C 202 -8.86 -11.93 7.26
CA ARG C 202 -9.46 -13.13 7.83
C ARG C 202 -9.15 -14.38 6.99
N GLN C 203 -8.80 -14.23 5.72
CA GLN C 203 -8.69 -15.40 4.87
C GLN C 203 -7.32 -16.07 4.98
N PRO C 204 -7.27 -17.31 5.45
CA PRO C 204 -5.93 -17.92 5.42
C PRO C 204 -5.48 -18.08 3.97
N VAL C 205 -4.19 -17.93 3.72
CA VAL C 205 -3.68 -18.07 2.36
C VAL C 205 -3.08 -19.46 2.07
N VAL C 206 -3.71 -20.18 1.15
CA VAL C 206 -3.22 -21.48 0.72
C VAL C 206 -2.49 -21.33 -0.58
N ASP C 207 -1.18 -21.43 -0.50
CA ASP C 207 -0.36 -21.70 -1.68
C ASP C 207 1.00 -22.08 -1.16
N THR C 208 2.00 -22.16 -2.03
CA THR C 208 3.30 -22.56 -1.53
C THR C 208 4.24 -21.37 -1.63
N PHE C 209 5.45 -21.53 -1.12
CA PHE C 209 6.37 -20.39 -1.05
C PHE C 209 7.77 -20.89 -0.88
N ASP C 210 8.74 -20.01 -1.10
CA ASP C 210 10.16 -20.32 -0.89
C ASP C 210 10.51 -20.28 0.61
N ILE C 211 11.26 -21.25 1.10
CA ILE C 211 11.56 -21.30 2.52
C ILE C 211 12.40 -20.12 3.01
N ARG C 212 12.92 -19.34 2.06
CA ARG C 212 13.71 -18.16 2.41
C ARG C 212 12.85 -17.05 3.03
N ILE C 213 11.55 -17.23 3.10
CA ILE C 213 10.70 -16.19 3.66
C ILE C 213 10.51 -16.41 5.16
N LEU C 214 10.91 -17.58 5.62
CA LEU C 214 10.82 -17.91 7.03
C LEU C 214 11.91 -17.24 7.86
N MET C 215 11.51 -16.69 8.99
CA MET C 215 12.41 -15.92 9.82
C MET C 215 12.88 -16.61 11.11
N ALA C 216 12.37 -17.80 11.41
CA ALA C 216 12.88 -18.57 12.55
C ALA C 216 12.63 -20.08 12.38
N LYS C 217 13.20 -20.88 13.27
CA LYS C 217 12.92 -22.32 13.26
C LYS C 217 11.46 -22.54 13.68
N SER C 218 10.78 -23.46 13.01
CA SER C 218 9.38 -23.74 13.27
C SER C 218 9.21 -24.23 14.70
N VAL C 219 8.05 -23.93 15.27
CA VAL C 219 7.60 -24.54 16.50
C VAL C 219 6.64 -25.70 16.16
N LYS C 220 6.71 -26.76 16.96
CA LYS C 220 5.98 -28.00 16.66
C LYS C 220 4.89 -28.22 17.69
N TYR C 221 3.72 -28.60 17.20
CA TYR C 221 2.67 -29.07 18.10
C TYR C 221 2.26 -30.47 17.66
N THR C 222 2.27 -31.41 18.59
CA THR C 222 2.07 -32.80 18.25
C THR C 222 0.78 -33.40 18.77
N VAL C 223 0.11 -34.16 17.92
CA VAL C 223 -1.03 -34.96 18.33
C VAL C 223 -0.69 -36.43 18.17
N ASN C 224 -0.85 -37.17 19.25
CA ASN C 224 -0.60 -38.60 19.21
C ASN C 224 -1.94 -39.28 19.04
N PHE C 225 -2.19 -39.82 17.85
CA PHE C 225 -3.50 -40.40 17.57
C PHE C 225 -3.80 -41.63 18.43
N LEU C 226 -2.75 -42.30 18.89
CA LEU C 226 -2.91 -43.45 19.76
C LEU C 226 -3.50 -43.04 21.10
N GLU C 227 -3.26 -41.79 21.50
CA GLU C 227 -3.63 -41.35 22.85
C GLU C 227 -4.67 -40.26 22.95
N ALA C 228 -4.73 -39.39 21.95
CA ALA C 228 -5.63 -38.24 22.03
C ALA C 228 -7.10 -38.65 22.07
N LYS C 229 -7.94 -37.79 22.63
CA LYS C 229 -9.39 -37.93 22.51
C LYS C 229 -9.96 -36.86 21.59
N GLU C 230 -11.08 -37.17 20.93
CA GLU C 230 -11.84 -36.19 20.16
C GLU C 230 -11.78 -34.82 20.79
N GLY C 231 -12.12 -34.78 22.07
CA GLY C 231 -12.26 -33.50 22.74
C GLY C 231 -10.99 -32.69 22.75
N ASP C 232 -9.83 -33.35 22.70
CA ASP C 232 -8.56 -32.62 22.67
C ASP C 232 -8.39 -31.67 21.46
N LEU C 233 -9.29 -31.75 20.48
CA LEU C 233 -9.17 -30.95 19.25
C LEU C 233 -10.25 -29.89 19.15
N HIS C 234 -11.02 -29.72 20.22
CA HIS C 234 -12.04 -28.68 20.26
C HIS C 234 -11.45 -27.31 20.46
N ARG C 235 -10.37 -27.25 21.23
CA ARG C 235 -9.69 -26.01 21.54
C ARG C 235 -8.21 -26.35 21.59
N ILE C 236 -7.48 -25.95 20.56
CA ILE C 236 -6.07 -26.28 20.47
C ILE C 236 -5.25 -25.03 20.75
N GLU C 237 -4.46 -25.08 21.81
CA GLU C 237 -3.68 -23.91 22.18
C GLU C 237 -2.22 -24.19 21.88
N ILE C 238 -1.64 -23.37 21.02
CA ILE C 238 -0.26 -23.58 20.64
C ILE C 238 0.58 -22.35 21.04
N PRO C 239 1.25 -22.45 22.19
CA PRO C 239 2.14 -21.39 22.62
C PRO C 239 3.36 -21.42 21.71
N PHE C 240 3.97 -20.27 21.44
CA PHE C 240 5.23 -20.21 20.68
C PHE C 240 6.19 -19.11 21.17
N LYS C 241 7.48 -19.42 21.11
CA LYS C 241 8.50 -18.44 21.39
C LYS C 241 9.54 -18.56 20.27
N PHE C 242 9.49 -17.66 19.30
CA PHE C 242 10.40 -17.73 18.17
C PHE C 242 11.68 -16.96 18.42
N HIS C 243 12.82 -17.63 18.21
CA HIS C 243 14.05 -16.89 18.14
C HIS C 243 14.32 -16.42 16.72
N MET C 244 14.29 -15.11 16.52
CA MET C 244 14.36 -14.55 15.19
C MET C 244 15.75 -14.69 14.58
N LEU C 245 15.83 -15.31 13.41
CA LEU C 245 17.11 -15.51 12.76
C LEU C 245 17.44 -14.34 11.82
N HIS C 246 16.43 -13.56 11.46
CA HIS C 246 16.59 -12.46 10.51
C HIS C 246 15.82 -11.24 10.97
N SER C 247 16.31 -10.08 10.59
CA SER C 247 15.59 -8.84 10.82
C SER C 247 14.59 -8.62 9.67
N GLY C 248 13.45 -8.01 9.96
CA GLY C 248 12.49 -7.72 8.91
C GLY C 248 11.07 -7.61 9.45
N LEU C 249 10.11 -7.31 8.57
CA LEU C 249 8.70 -7.23 8.97
C LEU C 249 8.18 -8.64 9.04
N VAL C 250 7.64 -9.03 10.18
CA VAL C 250 6.93 -10.29 10.21
C VAL C 250 5.52 -10.04 9.76
N HIS C 251 5.16 -10.65 8.62
CA HIS C 251 3.83 -10.47 8.03
C HIS C 251 2.77 -11.51 8.48
N GLY C 252 3.22 -12.53 9.22
CA GLY C 252 2.30 -13.55 9.68
C GLY C 252 2.99 -14.86 10.01
N LEU C 253 2.21 -15.90 10.27
CA LEU C 253 2.76 -17.23 10.52
C LEU C 253 2.40 -18.18 9.37
N ALA C 254 3.38 -18.98 8.95
CA ALA C 254 3.12 -20.05 8.00
C ALA C 254 2.96 -21.39 8.75
N PHE C 255 2.11 -22.25 8.19
CA PHE C 255 1.75 -23.53 8.80
C PHE C 255 1.90 -24.64 7.77
N TRP C 256 2.35 -25.79 8.24
CA TRP C 256 2.32 -27.00 7.43
C TRP C 256 2.28 -28.16 8.41
N PHE C 257 2.28 -29.40 7.92
CA PHE C 257 2.16 -30.51 8.84
C PHE C 257 2.78 -31.76 8.26
N ASP C 258 3.23 -32.64 9.16
CA ASP C 258 3.76 -33.96 8.83
C ASP C 258 2.95 -34.96 9.63
N VAL C 259 2.82 -36.17 9.13
CA VAL C 259 2.28 -37.27 9.92
C VAL C 259 3.25 -38.42 9.81
N ALA C 260 3.21 -39.31 10.79
CA ALA C 260 4.12 -40.45 10.80
C ALA C 260 3.32 -41.71 10.94
N PHE C 261 3.70 -42.72 10.18
CA PHE C 261 3.15 -44.03 10.36
C PHE C 261 4.20 -44.86 11.09
N ILE C 262 3.94 -45.16 12.36
CA ILE C 262 4.88 -45.93 13.16
C ILE C 262 4.46 -47.40 13.12
N GLY C 263 5.01 -48.12 12.15
CA GLY C 263 4.69 -49.53 12.00
C GLY C 263 5.71 -50.44 12.66
N SER C 264 5.42 -51.73 12.69
CA SER C 264 6.26 -52.72 13.34
C SER C 264 7.60 -52.89 12.65
N ILE C 265 7.62 -52.66 11.34
CA ILE C 265 8.84 -52.80 10.57
C ILE C 265 9.59 -51.50 10.36
N MET C 266 8.86 -50.41 10.10
CA MET C 266 9.52 -49.11 10.00
C MET C 266 8.55 -47.95 10.11
N THR C 267 9.08 -46.81 10.52
CA THR C 267 8.31 -45.58 10.58
C THR C 267 8.43 -44.83 9.27
N VAL C 268 7.30 -44.41 8.72
CA VAL C 268 7.30 -43.66 7.46
C VAL C 268 6.63 -42.33 7.64
N TRP C 269 7.19 -41.31 7.01
CA TRP C 269 6.72 -39.94 7.15
C TRP C 269 6.09 -39.37 5.87
N LEU C 270 4.96 -38.71 6.04
CA LEU C 270 4.39 -37.91 4.97
C LEU C 270 4.49 -36.46 5.42
N SER C 271 5.24 -35.67 4.67
CA SER C 271 5.44 -34.25 4.99
C SER C 271 4.81 -33.28 3.97
N THR C 272 4.17 -32.22 4.43
CA THR C 272 3.72 -31.17 3.52
C THR C 272 4.51 -29.89 3.75
N ALA C 273 5.76 -30.04 4.20
CA ALA C 273 6.64 -28.89 4.42
C ALA C 273 7.07 -28.20 3.12
N PRO C 274 7.33 -26.87 3.19
CA PRO C 274 7.76 -26.09 2.02
C PRO C 274 9.16 -26.45 1.53
N THR C 275 9.91 -27.21 2.32
CA THR C 275 11.17 -27.82 1.89
C THR C 275 10.95 -29.13 1.12
N GLU C 276 9.72 -29.61 1.07
CA GLU C 276 9.43 -30.87 0.40
C GLU C 276 8.64 -30.64 -0.89
N PRO C 277 8.56 -31.66 -1.75
CA PRO C 277 7.75 -31.50 -2.98
C PRO C 277 6.30 -31.18 -2.66
N LEU C 278 5.69 -30.40 -3.53
CA LEU C 278 4.35 -29.88 -3.29
C LEU C 278 3.32 -31.02 -3.14
N THR C 279 2.36 -30.84 -2.23
CA THR C 279 1.21 -31.73 -2.15
C THR C 279 -0.08 -30.94 -2.38
N HIS C 280 -1.21 -31.63 -2.50
CA HIS C 280 -2.42 -30.90 -2.74
C HIS C 280 -2.80 -30.00 -1.54
N TRP C 281 -2.10 -30.15 -0.42
CA TRP C 281 -2.40 -29.30 0.72
C TRP C 281 -1.64 -28.00 0.65
N TYR C 282 -0.62 -27.95 -0.21
CA TYR C 282 0.22 -26.75 -0.25
C TYR C 282 0.70 -26.42 1.16
N GLN C 283 0.69 -25.12 1.49
CA GLN C 283 0.88 -24.66 2.87
C GLN C 283 -0.11 -23.54 3.17
N VAL C 284 -0.14 -23.09 4.43
CA VAL C 284 -1.13 -22.10 4.84
C VAL C 284 -0.44 -20.94 5.57
N ARG C 285 -0.80 -19.72 5.21
CA ARG C 285 -0.28 -18.56 5.89
C ARG C 285 -1.36 -17.69 6.48
N CYS C 286 -1.16 -17.28 7.73
CA CYS C 286 -2.07 -16.33 8.35
C CYS C 286 -1.39 -14.96 8.41
N LEU C 287 -1.95 -14.00 7.67
CA LEU C 287 -1.42 -12.64 7.67
C LEU C 287 -1.82 -11.85 8.91
N PHE C 288 -0.91 -11.00 9.34
CA PHE C 288 -1.22 -9.93 10.29
C PHE C 288 -1.61 -8.69 9.47
N GLN C 289 -2.71 -8.04 9.83
CA GLN C 289 -3.11 -6.75 9.23
C GLN C 289 -2.00 -5.71 9.28
N SER C 290 -1.20 -5.77 10.33
CA SER C 290 -0.05 -4.89 10.44
C SER C 290 1.12 -5.73 10.90
N PRO C 291 2.19 -5.77 10.10
CA PRO C 291 3.32 -6.62 10.46
C PRO C 291 4.13 -6.13 11.66
N LEU C 292 4.93 -7.01 12.22
CA LEU C 292 5.71 -6.66 13.39
C LEU C 292 7.17 -6.54 13.03
N PHE C 293 7.79 -5.49 13.54
CA PHE C 293 9.17 -5.20 13.21
C PHE C 293 10.08 -6.01 14.12
N ALA C 294 11.05 -6.69 13.53
CA ALA C 294 11.88 -7.59 14.32
C ALA C 294 13.31 -7.57 13.91
N LYS C 295 14.19 -7.54 14.90
CA LYS C 295 15.62 -7.66 14.67
C LYS C 295 16.00 -9.12 14.92
N ALA C 296 16.97 -9.62 14.17
CA ALA C 296 17.46 -10.97 14.42
C ALA C 296 17.95 -10.98 15.86
N GLY C 297 17.69 -12.08 16.56
CA GLY C 297 18.07 -12.19 17.95
C GLY C 297 16.91 -11.89 18.88
N ASP C 298 15.88 -11.21 18.40
CA ASP C 298 14.68 -10.97 19.18
C ASP C 298 13.92 -12.28 19.36
N THR C 299 13.15 -12.40 20.42
CA THR C 299 12.18 -13.49 20.49
C THR C 299 10.80 -12.94 20.21
N LEU C 300 10.06 -13.65 19.36
CA LEU C 300 8.67 -13.35 19.09
C LEU C 300 7.81 -14.41 19.77
N SER C 301 6.93 -13.97 20.66
CA SER C 301 6.19 -14.92 21.44
C SER C 301 4.70 -14.65 21.40
N GLY C 302 3.92 -15.69 21.69
CA GLY C 302 2.49 -15.54 21.75
C GLY C 302 1.78 -16.87 21.64
N THR C 303 0.54 -16.82 21.17
CA THR C 303 -0.29 -18.00 21.15
C THR C 303 -1.11 -18.06 19.89
N CYS C 304 -1.11 -19.23 19.29
CA CYS C 304 -2.02 -19.53 18.23
C CYS C 304 -3.12 -20.41 18.83
N LEU C 305 -4.35 -19.92 18.81
CA LEU C 305 -5.45 -20.64 19.44
C LEU C 305 -6.48 -21.03 18.40
N LEU C 306 -6.72 -22.34 18.26
CA LEU C 306 -7.64 -22.82 17.23
C LEU C 306 -8.91 -23.33 17.90
N ILE C 307 -10.03 -22.69 17.61
CA ILE C 307 -11.29 -23.05 18.25
C ILE C 307 -12.25 -23.69 17.23
N ALA C 308 -12.56 -24.97 17.44
CA ALA C 308 -13.37 -25.70 16.47
C ALA C 308 -14.77 -25.09 16.45
N ASN C 309 -15.38 -25.05 15.28
CA ASN C 309 -16.75 -24.55 15.18
C ASN C 309 -17.64 -25.59 14.51
N LYS C 310 -18.93 -25.28 14.41
CA LYS C 310 -19.91 -26.21 13.87
C LYS C 310 -19.94 -26.26 12.33
N ARG C 311 -19.07 -25.48 11.69
CA ARG C 311 -18.93 -25.52 10.23
C ARG C 311 -17.81 -26.44 9.82
N GLN C 312 -17.47 -27.39 10.69
CA GLN C 312 -16.37 -28.31 10.42
C GLN C 312 -15.07 -27.56 10.13
N SER C 313 -14.84 -26.47 10.83
CA SER C 313 -13.58 -25.75 10.66
C SER C 313 -13.19 -25.12 11.99
N TYR C 314 -12.30 -24.13 11.92
CA TYR C 314 -11.78 -23.47 13.11
C TYR C 314 -11.78 -21.96 12.95
N ASP C 315 -12.05 -21.29 14.04
CA ASP C 315 -11.69 -19.89 14.16
C ASP C 315 -10.30 -19.82 14.75
N ILE C 316 -9.43 -19.12 14.05
CA ILE C 316 -8.03 -19.03 14.41
C ILE C 316 -7.75 -17.71 15.11
N SER C 317 -7.11 -17.80 16.27
CA SER C 317 -6.72 -16.61 17.01
C SER C 317 -5.20 -16.59 17.11
N ILE C 318 -4.58 -15.50 16.69
CA ILE C 318 -3.14 -15.40 16.81
C ILE C 318 -2.77 -14.10 17.51
N VAL C 319 -2.07 -14.22 18.62
CA VAL C 319 -1.56 -13.07 19.31
C VAL C 319 -0.06 -13.25 19.33
N ALA C 320 0.68 -12.22 18.93
CA ALA C 320 2.14 -12.28 18.92
C ALA C 320 2.74 -10.95 19.35
N GLN C 321 3.90 -10.99 19.99
CA GLN C 321 4.57 -9.75 20.28
C GLN C 321 6.07 -9.90 20.08
N VAL C 322 6.72 -8.78 19.78
CA VAL C 322 8.17 -8.73 19.82
C VAL C 322 8.57 -8.36 21.23
N ASP C 323 9.12 -9.33 21.96
CA ASP C 323 9.36 -9.16 23.38
C ASP C 323 10.24 -7.94 23.66
N GLN C 324 11.20 -7.70 22.79
CA GLN C 324 12.15 -6.62 22.99
C GLN C 324 11.50 -5.22 22.96
N THR C 325 10.33 -5.09 22.34
CA THR C 325 9.76 -3.77 22.09
C THR C 325 8.32 -3.63 22.56
N GLY C 326 7.67 -4.77 22.83
CA GLY C 326 6.28 -4.74 23.25
C GLY C 326 5.35 -4.47 22.08
N SER C 327 5.87 -4.53 20.86
CA SER C 327 5.03 -4.46 19.68
C SER C 327 4.20 -5.74 19.53
N LYS C 328 2.89 -5.53 19.44
CA LYS C 328 1.92 -6.61 19.57
C LYS C 328 1.00 -6.67 18.35
N SER C 329 0.58 -7.87 17.98
CA SER C 329 -0.39 -8.05 16.91
C SER C 329 -1.40 -9.15 17.23
N SER C 330 -2.68 -8.78 17.19
CA SER C 330 -3.78 -9.72 17.42
C SER C 330 -4.49 -9.93 16.11
N ASN C 331 -4.80 -11.18 15.79
CA ASN C 331 -5.44 -11.49 14.51
C ASN C 331 -6.46 -12.59 14.67
N LEU C 332 -7.51 -12.53 13.86
CA LEU C 332 -8.52 -13.56 13.87
C LEU C 332 -8.87 -14.02 12.47
N LEU C 333 -8.83 -15.34 12.29
CA LEU C 333 -8.96 -15.92 10.96
C LEU C 333 -10.02 -17.00 10.88
N ASP C 334 -10.68 -17.01 9.74
CA ASP C 334 -11.79 -17.88 9.46
C ASP C 334 -11.28 -18.97 8.50
N LEU C 335 -10.97 -20.14 9.06
CA LEU C 335 -10.36 -21.21 8.29
C LEU C 335 -11.37 -21.85 7.35
N LYS C 336 -12.65 -21.74 7.67
CA LYS C 336 -13.68 -22.29 6.78
C LYS C 336 -13.60 -21.63 5.40
N ASN C 337 -13.13 -20.40 5.36
CA ASN C 337 -13.11 -19.65 4.12
C ASN C 337 -11.72 -19.25 3.61
N PRO C 338 -10.92 -20.22 3.12
CA PRO C 338 -9.53 -19.95 2.69
C PRO C 338 -9.43 -19.19 1.37
N PHE C 339 -8.33 -18.46 1.19
CA PHE C 339 -8.00 -17.86 -0.09
C PHE C 339 -7.01 -18.74 -0.83
N PHE C 340 -7.44 -19.35 -1.94
CA PHE C 340 -6.61 -20.22 -2.78
C PHE C 340 -5.82 -19.42 -3.80
N ARG C 341 -4.65 -18.96 -3.39
CA ARG C 341 -3.83 -18.02 -4.16
C ARG C 341 -3.03 -18.69 -5.28
N TYR C 342 -2.91 -20.01 -5.22
CA TYR C 342 -2.15 -20.70 -6.25
C TYR C 342 -2.92 -20.78 -7.57
N THR C 343 -4.18 -20.69 -7.58
N SER D 1 11.15 32.82 27.36
CA SER D 1 11.81 34.15 27.16
C SER D 1 13.30 34.12 27.41
N VAL D 2 13.74 33.37 28.41
CA VAL D 2 15.12 32.88 28.35
C VAL D 2 15.37 32.29 26.95
N PHE D 3 14.37 31.60 26.41
CA PHE D 3 14.47 31.07 25.06
C PHE D 3 14.44 32.15 23.98
N SER D 4 13.57 33.15 24.11
CA SER D 4 13.47 34.11 23.03
C SER D 4 14.63 35.11 23.12
N GLU D 5 15.19 35.27 24.32
CA GLU D 5 16.37 36.13 24.49
C GLU D 5 17.58 35.63 23.70
N ARG D 6 17.76 34.31 23.66
CA ARG D 6 18.91 33.70 23.03
C ARG D 6 18.65 33.25 21.59
N THR D 7 17.45 33.50 21.10
CA THR D 7 17.06 32.98 19.79
C THR D 7 16.46 34.05 18.88
N GLU D 8 17.04 34.24 17.68
CA GLU D 8 16.44 35.10 16.66
C GLU D 8 15.06 34.57 16.26
N GLU D 9 14.08 35.46 16.21
CA GLU D 9 12.72 35.01 15.96
C GLU D 9 12.66 34.17 14.69
N SER D 10 13.32 34.63 13.64
CA SER D 10 13.22 33.90 12.40
C SER D 10 13.67 32.47 12.65
N SER D 11 14.77 32.29 13.37
CA SER D 11 15.34 30.95 13.53
C SER D 11 14.38 29.99 14.21
N ALA D 12 13.60 30.51 15.16
CA ALA D 12 12.70 29.70 15.95
C ALA D 12 11.47 29.28 15.16
N VAL D 13 11.03 30.14 14.25
CA VAL D 13 9.86 29.83 13.43
C VAL D 13 10.23 28.66 12.53
N GLN D 14 11.32 28.80 11.81
CA GLN D 14 11.82 27.75 10.95
C GLN D 14 12.12 26.48 11.76
N TYR D 15 12.72 26.63 12.93
CA TYR D 15 13.05 25.49 13.77
C TYR D 15 11.83 24.68 14.20
N PHE D 16 10.81 25.33 14.75
CA PHE D 16 9.67 24.59 15.25
C PHE D 16 8.74 24.14 14.15
N GLN D 17 8.79 24.86 13.03
CA GLN D 17 8.05 24.44 11.86
C GLN D 17 8.61 23.09 11.39
N PHE D 18 9.92 22.95 11.45
CA PHE D 18 10.58 21.75 10.99
C PHE D 18 10.06 20.58 11.79
N TYR D 19 9.95 20.75 13.10
CA TYR D 19 9.53 19.65 13.98
C TYR D 19 8.01 19.41 13.95
N GLY D 20 7.29 20.29 13.26
CA GLY D 20 5.87 20.07 13.04
C GLY D 20 5.59 19.06 11.94
N TYR D 21 6.61 18.66 11.19
CA TYR D 21 6.39 17.66 10.17
C TYR D 21 6.47 16.27 10.78
N LEU D 22 5.42 15.49 10.56
CA LEU D 22 5.41 14.12 10.99
C LEU D 22 6.63 13.36 10.44
N SER D 23 7.04 13.66 9.22
CA SER D 23 8.14 12.94 8.59
C SER D 23 9.46 13.17 9.30
N GLN D 24 9.60 14.31 9.97
CA GLN D 24 10.82 14.57 10.71
C GLN D 24 10.80 13.91 12.10
N GLN D 25 9.62 13.85 12.71
CA GLN D 25 9.46 13.04 13.90
C GLN D 25 9.74 11.59 13.57
N GLN D 26 9.22 11.17 12.41
CA GLN D 26 9.38 9.82 11.96
C GLN D 26 10.86 9.48 11.78
N ASN D 27 11.63 10.44 11.25
CA ASN D 27 13.07 10.22 11.11
C ASN D 27 13.71 9.85 12.44
N MET D 28 13.26 10.47 13.53
CA MET D 28 13.82 10.13 14.84
C MET D 28 13.26 8.84 15.39
N MET D 29 11.96 8.67 15.27
CA MET D 29 11.34 7.46 15.77
C MET D 29 11.91 6.22 15.10
N GLN D 30 12.07 6.28 13.78
CA GLN D 30 12.58 5.16 12.95
C GLN D 30 14.00 4.75 13.32
N ASP D 31 14.75 5.66 13.93
CA ASP D 31 16.11 5.37 14.35
C ASP D 31 16.00 4.32 15.49
N TYR D 32 16.13 3.05 15.12
CA TYR D 32 15.83 2.00 16.04
C TYR D 32 16.76 2.01 17.23
N VAL D 33 18.04 2.23 17.01
CA VAL D 33 18.96 2.24 18.13
C VAL D 33 18.55 3.31 19.13
N ARG D 34 18.18 4.47 18.60
CA ARG D 34 17.84 5.62 19.44
C ARG D 34 16.57 5.29 20.21
N THR D 35 15.51 5.01 19.47
CA THR D 35 14.23 4.83 20.13
C THR D 35 14.24 3.59 21.03
N GLY D 36 14.84 2.52 20.53
CA GLY D 36 14.87 1.26 21.25
C GLY D 36 15.65 1.39 22.54
N THR D 37 16.75 2.14 22.49
CA THR D 37 17.56 2.29 23.68
C THR D 37 16.82 3.14 24.71
N TYR D 38 16.07 4.13 24.26
CA TYR D 38 15.35 4.96 25.22
C TYR D 38 14.31 4.12 25.96
N GLN D 39 13.55 3.33 25.20
CA GLN D 39 12.51 2.48 25.77
C GLN D 39 13.11 1.51 26.80
N ARG D 40 14.23 0.90 26.44
CA ARG D 40 14.86 -0.05 27.31
C ARG D 40 15.40 0.66 28.58
N ALA D 41 15.99 1.83 28.41
CA ALA D 41 16.57 2.55 29.54
C ALA D 41 15.46 2.86 30.52
N ILE D 42 14.29 3.19 29.99
CA ILE D 42 13.16 3.57 30.84
C ILE D 42 12.49 2.35 31.46
N LEU D 43 12.15 1.35 30.65
CA LEU D 43 11.50 0.14 31.16
C LEU D 43 12.38 -0.67 32.11
N GLN D 44 13.68 -0.68 31.89
CA GLN D 44 14.57 -1.42 32.77
C GLN D 44 14.93 -0.68 34.04
N ASN D 45 14.68 0.62 34.08
CA ASN D 45 14.75 1.33 35.34
C ASN D 45 13.37 1.72 35.84
N HIS D 46 12.46 0.74 35.84
CA HIS D 46 11.04 0.99 36.09
C HIS D 46 10.79 1.57 37.47
N THR D 47 11.70 1.30 38.39
CA THR D 47 11.52 1.84 39.73
C THR D 47 11.75 3.34 39.72
N ASP D 48 12.44 3.84 38.71
CA ASP D 48 12.62 5.28 38.58
C ASP D 48 11.37 5.95 38.03
N PHE D 49 10.42 5.16 37.55
CA PHE D 49 9.21 5.71 36.94
C PHE D 49 7.92 5.31 37.63
N LYS D 50 7.93 4.14 38.26
CA LYS D 50 6.71 3.62 38.89
C LYS D 50 6.14 4.63 39.87
N ASP D 51 4.92 5.10 39.56
CA ASP D 51 4.16 6.02 40.42
C ASP D 51 4.79 7.38 40.57
N LYS D 52 5.73 7.70 39.68
CA LYS D 52 6.44 8.96 39.72
C LYS D 52 5.78 10.01 38.83
N ILE D 53 6.22 11.26 39.01
CA ILE D 53 5.80 12.36 38.17
C ILE D 53 6.96 12.61 37.22
N VAL D 54 6.69 12.69 35.92
CA VAL D 54 7.78 12.94 34.98
C VAL D 54 7.48 14.09 34.03
N LEU D 55 8.55 14.77 33.63
CA LEU D 55 8.46 15.78 32.60
C LEU D 55 9.25 15.31 31.37
N ASP D 56 8.61 15.40 30.21
CA ASP D 56 9.21 15.05 28.93
C ASP D 56 9.44 16.37 28.21
N VAL D 57 10.69 16.78 28.11
CA VAL D 57 11.00 18.06 27.50
C VAL D 57 11.09 17.94 25.99
N GLY D 58 10.11 18.53 25.28
CA GLY D 58 10.11 18.42 23.83
C GLY D 58 9.61 17.06 23.37
N CYS D 59 8.37 16.73 23.71
CA CYS D 59 7.90 15.37 23.60
C CYS D 59 7.68 14.90 22.15
N GLY D 60 7.59 15.86 21.22
CA GLY D 60 7.41 15.51 19.83
C GLY D 60 6.17 14.67 19.68
N SER D 61 6.27 13.51 19.04
CA SER D 61 5.11 12.65 18.88
C SER D 61 4.54 12.23 20.23
N GLY D 62 5.36 12.33 21.27
CA GLY D 62 4.95 11.84 22.56
C GLY D 62 5.61 10.52 22.92
N ILE D 63 6.38 9.97 21.99
CA ILE D 63 6.87 8.63 22.13
C ILE D 63 7.54 8.31 23.46
N LEU D 64 8.36 9.23 23.98
CA LEU D 64 9.10 8.93 25.21
C LEU D 64 8.18 8.91 26.41
N SER D 65 7.14 9.73 26.36
CA SER D 65 6.14 9.76 27.44
C SER D 65 5.36 8.44 27.52
N PHE D 66 5.09 7.83 26.36
CA PHE D 66 4.42 6.54 26.34
C PHE D 66 5.32 5.48 26.96
N PHE D 67 6.63 5.66 26.81
CA PHE D 67 7.56 4.72 27.44
C PHE D 67 7.53 4.89 28.95
N ALA D 68 7.41 6.15 29.39
CA ALA D 68 7.30 6.42 30.82
C ALA D 68 5.97 5.85 31.32
N ALA D 69 4.94 5.90 30.48
CA ALA D 69 3.64 5.35 30.91
C ALA D 69 3.75 3.82 31.03
N GLN D 70 4.33 3.19 30.01
CA GLN D 70 4.53 1.74 30.05
C GLN D 70 5.31 1.32 31.29
N ALA D 71 6.14 2.22 31.82
CA ALA D 71 6.94 1.88 32.99
C ALA D 71 6.29 2.22 34.31
N GLY D 72 5.04 2.69 34.28
CA GLY D 72 4.30 2.92 35.51
C GLY D 72 4.18 4.33 36.06
N ALA D 73 4.75 5.31 35.36
CA ALA D 73 4.67 6.71 35.81
C ALA D 73 3.22 7.03 36.13
N ARG D 74 2.99 7.79 37.19
CA ARG D 74 1.62 8.17 37.54
C ARG D 74 1.13 9.36 36.70
N LYS D 75 2.02 10.32 36.47
CA LYS D 75 1.68 11.50 35.71
C LYS D 75 2.88 12.00 34.92
N ILE D 76 2.64 12.25 33.63
CA ILE D 76 3.70 12.71 32.74
C ILE D 76 3.28 13.99 32.04
N TYR D 77 4.05 15.05 32.24
CA TYR D 77 3.80 16.30 31.51
C TYR D 77 4.72 16.33 30.30
N ALA D 78 4.12 16.36 29.12
CA ALA D 78 4.85 16.28 27.86
C ALA D 78 4.82 17.64 27.20
N VAL D 79 5.94 18.33 27.21
CA VAL D 79 5.98 19.71 26.75
C VAL D 79 6.52 19.75 25.33
N GLU D 80 5.86 20.53 24.47
CA GLU D 80 6.23 20.56 23.06
C GLU D 80 5.84 21.89 22.40
N ALA D 81 6.82 22.51 21.75
CA ALA D 81 6.62 23.88 21.31
C ALA D 81 6.12 24.00 19.89
N SER D 82 6.34 22.98 19.07
CA SER D 82 5.83 23.02 17.69
C SER D 82 4.39 22.53 17.60
N THR D 83 3.80 22.61 16.42
CA THR D 83 2.43 22.12 16.26
C THR D 83 2.33 20.61 16.40
N MET D 84 3.47 19.90 16.44
CA MET D 84 3.46 18.48 16.70
C MET D 84 2.67 18.16 17.98
N ALA D 85 2.57 19.15 18.87
CA ALA D 85 1.90 18.97 20.16
C ALA D 85 0.46 18.51 19.99
N GLN D 86 -0.19 19.00 18.93
CA GLN D 86 -1.56 18.62 18.64
C GLN D 86 -1.69 17.16 18.26
N HIS D 87 -0.79 16.67 17.43
CA HIS D 87 -0.76 15.27 17.05
C HIS D 87 -0.49 14.39 18.26
N ALA D 88 0.35 14.88 19.17
CA ALA D 88 0.67 14.12 20.39
C ALA D 88 -0.57 13.96 21.25
N GLU D 89 -1.33 15.03 21.38
CA GLU D 89 -2.60 14.98 22.09
C GLU D 89 -3.55 13.93 21.49
N VAL D 90 -3.70 13.93 20.17
CA VAL D 90 -4.46 12.90 19.48
C VAL D 90 -3.97 11.50 19.88
N LEU D 91 -2.66 11.29 19.86
CA LEU D 91 -2.14 9.98 20.22
C LEU D 91 -2.46 9.59 21.66
N VAL D 92 -2.40 10.55 22.57
CA VAL D 92 -2.71 10.28 23.98
C VAL D 92 -4.16 9.86 24.16
N LYS D 93 -5.06 10.55 23.47
CA LYS D 93 -6.46 10.14 23.42
C LYS D 93 -6.64 8.76 22.80
N SER D 94 -6.14 8.56 21.59
CA SER D 94 -6.37 7.30 20.90
C SER D 94 -5.73 6.14 21.67
N ASN D 95 -4.78 6.44 22.56
CA ASN D 95 -4.13 5.38 23.30
C ASN D 95 -4.70 5.28 24.71
N ASN D 96 -5.73 6.08 24.99
CA ASN D 96 -6.46 5.99 26.25
C ASN D 96 -5.57 6.27 27.47
N LEU D 97 -4.74 7.29 27.35
CA LEU D 97 -3.83 7.61 28.43
C LEU D 97 -4.02 9.05 28.90
N THR D 98 -5.17 9.63 28.60
CA THR D 98 -5.44 11.02 29.00
C THR D 98 -5.34 11.21 30.52
N ASP D 99 -5.52 10.14 31.29
CA ASP D 99 -5.42 10.23 32.73
C ASP D 99 -3.97 10.31 33.21
N ARG D 100 -3.01 10.09 32.32
CA ARG D 100 -1.63 9.95 32.78
C ARG D 100 -0.61 10.78 32.01
N ILE D 101 -0.89 11.03 30.74
CA ILE D 101 -0.03 11.91 29.96
C ILE D 101 -0.75 13.19 29.68
N VAL D 102 -0.13 14.30 30.04
CA VAL D 102 -0.71 15.61 29.81
C VAL D 102 0.21 16.39 28.88
N VAL D 103 -0.30 16.68 27.70
CA VAL D 103 0.44 17.43 26.70
C VAL D 103 0.29 18.91 26.99
N ILE D 104 1.43 19.60 27.05
CA ILE D 104 1.43 21.04 27.29
C ILE D 104 2.17 21.74 26.15
N PRO D 105 1.42 22.47 25.30
CA PRO D 105 1.96 23.18 24.14
C PRO D 105 2.81 24.35 24.58
N GLY D 106 3.91 24.59 23.89
CA GLY D 106 4.73 25.72 24.22
C GLY D 106 6.14 25.33 24.58
N LYS D 107 6.96 26.35 24.81
CA LYS D 107 8.37 26.16 25.09
C LYS D 107 8.53 25.87 26.58
N VAL D 108 9.42 24.94 26.90
CA VAL D 108 9.59 24.54 28.27
C VAL D 108 10.05 25.75 29.07
N GLU D 109 10.58 26.78 28.40
CA GLU D 109 11.03 27.97 29.11
C GLU D 109 9.87 28.91 29.46
N GLU D 110 8.70 28.65 28.86
CA GLU D 110 7.60 29.59 28.92
C GLU D 110 6.31 29.05 29.49
N VAL D 111 6.18 27.74 29.64
CA VAL D 111 4.94 27.18 30.17
C VAL D 111 4.98 27.05 31.68
N SER D 112 3.89 26.58 32.28
CA SER D 112 3.82 26.32 33.71
C SER D 112 3.49 24.86 33.91
N LEU D 113 4.08 24.25 34.92
CA LEU D 113 3.68 22.92 35.33
C LEU D 113 2.98 22.99 36.67
N PRO D 114 1.87 22.27 36.80
CA PRO D 114 1.13 22.23 38.05
C PRO D 114 1.91 21.71 39.27
N GLU D 115 3.03 21.06 39.03
CA GLU D 115 3.79 20.46 40.13
C GLU D 115 5.24 20.17 39.73
N GLN D 116 6.08 19.88 40.73
CA GLN D 116 7.45 19.46 40.50
C GLN D 116 7.48 17.98 40.13
N VAL D 117 8.56 17.55 39.50
CA VAL D 117 8.60 16.22 38.94
C VAL D 117 9.75 15.45 39.56
N ASP D 118 9.64 14.13 39.52
CA ASP D 118 10.65 13.27 40.07
C ASP D 118 11.79 13.04 39.09
N ILE D 119 11.46 13.10 37.82
CA ILE D 119 12.46 12.79 36.81
C ILE D 119 12.11 13.49 35.51
N ILE D 120 13.12 14.08 34.87
CA ILE D 120 12.94 14.64 33.55
C ILE D 120 13.53 13.68 32.53
N ILE D 121 12.78 13.40 31.47
CA ILE D 121 13.34 12.69 30.33
C ILE D 121 13.32 13.60 29.10
N SER D 122 14.30 13.43 28.23
CA SER D 122 14.32 14.19 27.00
C SER D 122 15.22 13.52 26.01
N GLU D 123 15.00 13.81 24.73
CA GLU D 123 15.97 13.46 23.71
C GLU D 123 16.28 14.73 22.91
N PRO D 124 17.16 15.59 23.47
CA PRO D 124 17.52 16.91 22.98
C PRO D 124 18.78 16.97 22.14
N MET D 125 19.45 15.84 21.96
CA MET D 125 20.77 15.82 21.35
C MET D 125 20.72 16.13 19.87
N GLY D 126 21.61 17.02 19.43
CA GLY D 126 21.74 17.34 18.01
C GLY D 126 23.05 16.79 17.45
N TYR D 127 23.30 17.10 16.17
CA TYR D 127 24.56 16.76 15.54
C TYR D 127 25.68 17.25 16.43
N MET D 128 26.70 16.42 16.65
CA MET D 128 27.80 16.87 17.48
C MET D 128 27.32 17.09 18.91
N LEU D 129 26.23 16.42 19.28
CA LEU D 129 25.61 16.59 20.59
C LEU D 129 24.91 17.95 20.75
N PHE D 130 25.65 19.04 20.56
CA PHE D 130 25.19 20.37 20.99
C PHE D 130 24.35 21.15 19.99
N ASN D 131 24.34 20.75 18.72
CA ASN D 131 23.60 21.52 17.74
C ASN D 131 22.16 21.65 18.13
N GLU D 132 21.56 22.80 17.76
CA GLU D 132 20.19 23.13 18.11
C GLU D 132 20.04 23.83 19.47
N ARG D 133 21.03 23.65 20.35
CA ARG D 133 21.04 24.32 21.65
C ARG D 133 19.87 23.88 22.49
N MET D 134 19.38 22.67 22.25
CA MET D 134 18.24 22.21 23.02
C MET D 134 18.66 21.63 24.37
N LEU D 135 19.94 21.26 24.49
CA LEU D 135 20.45 20.86 25.78
C LEU D 135 20.21 21.96 26.83
N GLU D 136 20.23 23.22 26.39
CA GLU D 136 19.98 24.30 27.32
C GLU D 136 18.54 24.23 27.82
N SER D 137 17.61 23.93 26.92
CA SER D 137 16.22 23.76 27.32
C SER D 137 16.09 22.64 28.33
N TYR D 138 16.77 21.55 28.08
CA TYR D 138 16.72 20.40 28.96
C TYR D 138 17.26 20.84 30.33
N LEU D 139 18.40 21.53 30.35
CA LEU D 139 18.98 21.98 31.61
C LEU D 139 18.07 23.00 32.29
N HIS D 140 17.47 23.86 31.47
CA HIS D 140 16.56 24.86 31.99
C HIS D 140 15.37 24.25 32.71
N ALA D 141 14.89 23.13 32.17
CA ALA D 141 13.77 22.40 32.74
C ALA D 141 13.99 21.99 34.19
N LYS D 142 15.24 21.96 34.65
CA LYS D 142 15.54 21.54 36.01
C LYS D 142 14.87 22.41 37.07
N LYS D 143 14.37 23.58 36.68
CA LYS D 143 13.61 24.38 37.62
C LYS D 143 12.34 23.67 38.08
N TYR D 144 11.99 22.56 37.42
CA TYR D 144 10.82 21.79 37.82
C TYR D 144 11.20 20.49 38.53
N LEU D 145 12.51 20.25 38.67
CA LEU D 145 12.96 18.99 39.21
C LEU D 145 13.04 19.06 40.75
N LYS D 146 12.33 18.15 41.41
CA LYS D 146 12.47 17.99 42.86
C LYS D 146 13.93 17.75 43.26
N PRO D 147 14.30 18.17 44.48
CA PRO D 147 15.67 17.95 44.94
C PRO D 147 15.97 16.47 44.82
N SER D 148 17.16 16.15 44.31
CA SER D 148 17.53 14.75 44.11
C SER D 148 16.65 14.01 43.09
N GLY D 149 15.88 14.76 42.31
CA GLY D 149 15.24 14.18 41.14
C GLY D 149 16.28 13.74 40.11
N ASN D 150 15.88 12.91 39.17
CA ASN D 150 16.83 12.37 38.21
C ASN D 150 16.65 12.97 36.80
N MET D 151 17.72 12.88 35.99
CA MET D 151 17.71 13.28 34.57
C MET D 151 18.03 12.05 33.71
N PHE D 152 17.21 11.83 32.70
CA PHE D 152 17.34 10.75 31.72
C PHE D 152 17.28 11.40 30.33
N PRO D 153 18.43 11.52 29.66
CA PRO D 153 19.78 11.06 30.04
C PRO D 153 20.43 11.84 31.18
N THR D 154 21.42 11.22 31.83
CA THR D 154 22.03 11.79 33.02
C THR D 154 23.34 12.52 32.66
N ILE D 155 24.08 12.01 31.69
CA ILE D 155 25.30 12.68 31.28
C ILE D 155 25.50 12.51 29.78
N GLY D 156 26.28 13.41 29.19
CA GLY D 156 26.67 13.25 27.80
C GLY D 156 28.15 13.46 27.56
N ASP D 157 28.75 12.59 26.74
CA ASP D 157 30.16 12.69 26.36
C ASP D 157 30.22 13.08 24.91
N VAL D 158 30.95 14.13 24.58
CA VAL D 158 31.38 14.37 23.20
C VAL D 158 32.80 13.83 23.00
N HIS D 159 32.99 13.08 21.93
CA HIS D 159 34.31 12.61 21.56
C HIS D 159 34.81 13.37 20.34
N LEU D 160 36.10 13.67 20.33
CA LEU D 160 36.76 14.12 19.12
C LEU D 160 38.05 13.39 18.92
N ALA D 161 38.41 13.18 17.67
CA ALA D 161 39.64 12.46 17.32
C ALA D 161 40.14 12.94 15.97
N PRO D 162 41.47 13.04 15.81
CA PRO D 162 42.00 13.44 14.50
C PRO D 162 41.77 12.32 13.47
N PHE D 163 41.55 12.71 12.23
CA PHE D 163 41.41 11.71 11.18
C PHE D 163 42.24 12.07 9.97
N THR D 164 42.58 11.06 9.20
CA THR D 164 43.18 11.27 7.90
C THR D 164 42.22 10.73 6.87
N ASP D 165 41.90 11.55 5.89
CA ASP D 165 41.00 11.12 4.81
C ASP D 165 41.34 12.03 3.62
N GLU D 166 42.32 11.58 2.81
CA GLU D 166 42.90 12.40 1.75
C GLU D 166 41.85 12.73 0.68
N GLN D 167 41.00 11.77 0.37
CA GLN D 167 39.97 12.02 -0.63
C GLN D 167 38.96 13.10 -0.18
N LEU D 168 38.49 13.06 1.06
CA LEU D 168 37.53 14.06 1.53
C LEU D 168 38.13 15.44 1.44
N TYR D 169 39.40 15.58 1.81
CA TYR D 169 40.09 16.87 1.72
C TYR D 169 40.13 17.37 0.27
N MET D 170 40.69 16.57 -0.61
CA MET D 170 40.93 17.04 -1.97
C MET D 170 39.59 17.33 -2.63
N GLU D 171 38.55 16.60 -2.24
CA GLU D 171 37.21 16.79 -2.82
C GLU D 171 36.79 18.27 -2.74
N GLN D 172 37.17 18.93 -1.65
CA GLN D 172 36.82 20.32 -1.43
C GLN D 172 37.32 21.18 -2.58
N PHE D 173 38.56 20.93 -3.01
CA PHE D 173 39.16 21.68 -4.13
C PHE D 173 38.64 21.25 -5.49
N THR D 174 38.42 19.95 -5.64
CA THR D 174 37.90 19.46 -6.89
C THR D 174 36.62 20.23 -7.21
N LYS D 175 35.81 20.48 -6.17
CA LYS D 175 34.52 21.13 -6.35
C LYS D 175 34.71 22.61 -6.61
N ALA D 176 35.56 23.23 -5.81
CA ALA D 176 35.79 24.66 -5.93
C ALA D 176 36.42 25.02 -7.27
N ASN D 177 37.14 24.07 -7.86
CA ASN D 177 37.81 24.34 -9.14
C ASN D 177 36.80 24.52 -10.25
N PHE D 178 35.53 24.20 -9.98
CA PHE D 178 34.51 24.63 -10.93
C PHE D 178 34.76 26.09 -11.36
N TRP D 179 35.19 26.92 -10.40
CA TRP D 179 35.31 28.34 -10.62
C TRP D 179 36.64 28.68 -11.28
N TYR D 180 37.59 27.74 -11.26
CA TYR D 180 38.89 28.00 -11.83
C TYR D 180 38.89 27.66 -13.29
N GLN D 181 38.20 28.48 -14.05
CA GLN D 181 38.31 28.37 -15.47
C GLN D 181 38.12 29.71 -16.14
N PRO D 182 38.95 29.96 -17.16
CA PRO D 182 39.22 31.27 -17.72
C PRO D 182 38.17 31.72 -18.73
N SER D 183 37.40 30.77 -19.26
CA SER D 183 36.31 31.13 -20.17
C SER D 183 35.10 30.22 -20.08
N PHE D 184 34.33 30.40 -19.01
CA PHE D 184 33.07 29.71 -18.81
C PHE D 184 32.01 30.50 -19.54
N HIS D 185 31.57 29.96 -20.67
CA HIS D 185 30.73 30.71 -21.59
C HIS D 185 31.32 32.07 -21.85
N GLY D 186 32.64 32.15 -21.84
CA GLY D 186 33.28 33.40 -22.18
C GLY D 186 33.62 34.25 -20.97
N VAL D 187 33.52 33.67 -19.78
CA VAL D 187 33.69 34.46 -18.57
C VAL D 187 34.72 33.84 -17.64
N ASP D 188 35.68 34.65 -17.22
CA ASP D 188 36.76 34.13 -16.40
C ASP D 188 36.26 34.11 -14.96
N LEU D 189 36.15 32.90 -14.39
CA LEU D 189 35.54 32.72 -13.07
C LEU D 189 36.56 32.63 -11.97
N SER D 190 37.83 32.59 -12.32
CA SER D 190 38.86 32.13 -11.39
C SER D 190 39.01 33.00 -10.12
N ALA D 191 38.63 34.26 -10.23
CA ALA D 191 38.75 35.20 -9.13
C ALA D 191 37.94 34.74 -7.91
N LEU D 192 37.04 33.78 -8.10
CA LEU D 192 36.15 33.39 -7.03
C LEU D 192 36.52 32.04 -6.46
N ARG D 193 37.65 31.50 -6.86
CA ARG D 193 37.93 30.12 -6.54
C ARG D 193 38.21 29.99 -5.04
N GLY D 194 38.99 30.94 -4.53
CA GLY D 194 39.22 31.03 -3.10
C GLY D 194 37.94 31.11 -2.29
N ALA D 195 37.06 32.02 -2.68
CA ALA D 195 35.79 32.17 -1.98
C ALA D 195 35.09 30.82 -1.92
N ALA D 196 35.05 30.11 -3.04
CA ALA D 196 34.36 28.84 -3.08
C ALA D 196 35.04 27.81 -2.15
N VAL D 197 36.38 27.82 -2.11
CA VAL D 197 37.13 27.00 -1.15
C VAL D 197 36.76 27.32 0.31
N ASP D 198 36.81 28.59 0.68
CA ASP D 198 36.44 29.00 2.01
C ASP D 198 35.02 28.56 2.33
N GLU D 199 34.10 28.76 1.40
CA GLU D 199 32.72 28.34 1.60
C GLU D 199 32.59 26.86 1.99
N TYR D 200 33.19 25.97 1.22
CA TYR D 200 33.11 24.56 1.55
C TYR D 200 33.78 24.22 2.87
N PHE D 201 34.83 24.93 3.25
CA PHE D 201 35.52 24.58 4.48
C PHE D 201 34.81 25.01 5.75
N ARG D 202 33.94 26.01 5.64
CA ARG D 202 33.13 26.45 6.76
C ARG D 202 32.02 25.46 7.12
N GLN D 203 31.74 24.48 6.26
CA GLN D 203 30.68 23.53 6.59
C GLN D 203 31.23 22.27 7.25
N PRO D 204 30.73 21.95 8.45
CA PRO D 204 30.99 20.63 9.02
C PRO D 204 30.38 19.54 8.12
N VAL D 205 31.09 18.42 7.97
CA VAL D 205 30.61 17.30 7.16
C VAL D 205 29.88 16.24 8.01
N VAL D 206 28.61 16.00 7.71
CA VAL D 206 27.80 14.99 8.38
C VAL D 206 27.75 13.77 7.46
N ASP D 207 28.29 12.66 7.94
CA ASP D 207 28.13 11.35 7.32
C ASP D 207 28.93 10.41 8.21
N THR D 208 28.97 9.13 7.88
CA THR D 208 29.79 8.23 8.68
C THR D 208 31.00 7.86 7.87
N PHE D 209 31.85 7.02 8.43
CA PHE D 209 33.15 6.75 7.86
C PHE D 209 33.74 5.58 8.63
N ASP D 210 34.75 4.94 8.04
CA ASP D 210 35.40 3.79 8.64
C ASP D 210 36.37 4.21 9.74
N ILE D 211 36.39 3.44 10.82
CA ILE D 211 37.12 3.81 12.03
C ILE D 211 38.62 3.79 11.85
N ARG D 212 39.08 3.57 10.61
CA ARG D 212 40.50 3.49 10.37
C ARG D 212 41.08 4.82 9.90
N ILE D 213 40.19 5.80 9.67
CA ILE D 213 40.66 7.13 9.36
C ILE D 213 41.14 7.83 10.64
N LEU D 214 40.81 7.25 11.79
CA LEU D 214 41.14 7.90 13.06
C LEU D 214 42.58 7.63 13.43
N MET D 215 43.27 8.67 13.87
CA MET D 215 44.72 8.61 14.11
C MET D 215 45.15 8.61 15.57
N ALA D 216 44.22 8.89 16.48
CA ALA D 216 44.49 8.79 17.93
C ALA D 216 43.24 8.39 18.67
N LYS D 217 43.41 8.02 19.94
CA LYS D 217 42.27 7.77 20.81
C LYS D 217 41.51 9.07 21.04
N SER D 218 40.19 8.99 21.04
CA SER D 218 39.35 10.16 21.19
C SER D 218 39.64 10.86 22.51
N VAL D 219 39.41 12.17 22.53
CA VAL D 219 39.35 12.93 23.77
C VAL D 219 37.89 13.18 24.10
N LYS D 220 37.59 13.22 25.39
CA LYS D 220 36.23 13.25 25.86
C LYS D 220 35.93 14.56 26.56
N TYR D 221 34.79 15.16 26.21
CA TYR D 221 34.27 16.25 27.01
C TYR D 221 32.91 15.92 27.58
N THR D 222 32.74 16.05 28.89
CA THR D 222 31.53 15.57 29.55
C THR D 222 30.65 16.68 30.09
N VAL D 223 29.35 16.51 29.90
CA VAL D 223 28.37 17.37 30.52
C VAL D 223 27.54 16.53 31.47
N ASN D 224 27.44 16.96 32.71
CA ASN D 224 26.62 16.28 33.69
C ASN D 224 25.30 17.02 33.84
N PHE D 225 24.23 16.44 33.29
CA PHE D 225 22.98 17.17 33.22
C PHE D 225 22.40 17.41 34.61
N LEU D 226 22.76 16.57 35.57
CA LEU D 226 22.33 16.77 36.95
C LEU D 226 22.95 18.06 37.51
N GLU D 227 24.12 18.44 37.02
CA GLU D 227 24.82 19.56 37.63
C GLU D 227 24.96 20.81 36.81
N ALA D 228 25.02 20.68 35.49
CA ALA D 228 25.36 21.81 34.64
C ALA D 228 24.26 22.87 34.66
N LYS D 229 24.63 24.11 34.33
CA LYS D 229 23.66 25.18 34.11
C LYS D 229 23.63 25.56 32.64
N GLU D 230 22.46 26.03 32.19
CA GLU D 230 22.31 26.59 30.84
C GLU D 230 23.56 27.32 30.38
N GLY D 231 24.08 28.20 31.23
CA GLY D 231 25.14 29.09 30.82
C GLY D 231 26.42 28.36 30.53
N ASP D 232 26.61 27.17 31.09
CA ASP D 232 27.82 26.40 30.81
C ASP D 232 27.94 26.02 29.34
N LEU D 233 26.87 26.17 28.56
CA LEU D 233 26.90 25.72 27.16
C LEU D 233 26.94 26.89 26.20
N HIS D 234 27.07 28.10 26.73
CA HIS D 234 27.24 29.28 25.88
C HIS D 234 28.58 29.36 25.22
N ARG D 235 29.58 28.87 25.93
CA ARG D 235 30.94 28.88 25.45
C ARG D 235 31.57 27.59 25.92
N ILE D 236 31.75 26.65 25.00
CA ILE D 236 32.30 25.35 25.35
C ILE D 236 33.73 25.26 24.88
N GLU D 237 34.68 25.21 25.82
CA GLU D 237 36.09 25.09 25.47
C GLU D 237 36.55 23.66 25.69
N ILE D 238 36.98 23.01 24.61
CA ILE D 238 37.46 21.64 24.71
C ILE D 238 38.94 21.55 24.34
N PRO D 239 39.82 21.53 25.35
CA PRO D 239 41.25 21.39 25.09
C PRO D 239 41.53 19.95 24.66
N PHE D 240 42.53 19.74 23.84
CA PHE D 240 42.91 18.40 23.46
C PHE D 240 44.41 18.22 23.29
N LYS D 241 44.89 17.06 23.74
CA LYS D 241 46.23 16.64 23.40
C LYS D 241 46.04 15.23 22.88
N PHE D 242 46.38 15.01 21.61
CA PHE D 242 46.29 13.66 21.05
C PHE D 242 47.67 13.09 20.96
N HIS D 243 47.83 11.86 21.39
CA HIS D 243 49.06 11.14 21.09
C HIS D 243 48.76 10.31 19.84
N MET D 244 49.55 10.51 18.80
CA MET D 244 49.23 9.94 17.50
C MET D 244 49.63 8.48 17.43
N LEU D 245 48.64 7.64 17.13
CA LEU D 245 48.87 6.22 17.03
C LEU D 245 49.35 5.87 15.63
N HIS D 246 49.19 6.78 14.68
CA HIS D 246 49.62 6.56 13.30
C HIS D 246 50.21 7.82 12.68
N SER D 247 51.24 7.64 11.85
CA SER D 247 51.82 8.73 11.10
C SER D 247 50.94 9.03 9.87
N GLY D 248 50.89 10.29 9.47
CA GLY D 248 50.05 10.62 8.34
C GLY D 248 49.67 12.10 8.33
N LEU D 249 48.80 12.46 7.40
CA LEU D 249 48.34 13.83 7.28
C LEU D 249 47.00 13.97 7.96
N VAL D 250 46.95 14.73 9.04
CA VAL D 250 45.69 14.99 9.71
C VAL D 250 44.92 16.03 8.90
N HIS D 251 43.67 15.73 8.60
CA HIS D 251 42.90 16.61 7.73
C HIS D 251 41.81 17.32 8.53
N GLY D 252 41.59 16.87 9.76
CA GLY D 252 40.55 17.47 10.60
C GLY D 252 40.29 16.76 11.93
N LEU D 253 39.19 17.11 12.59
CA LEU D 253 38.72 16.36 13.75
C LEU D 253 37.33 15.76 13.49
N ALA D 254 37.14 14.53 13.97
CA ALA D 254 35.85 13.86 13.91
C ALA D 254 35.21 13.96 15.28
N PHE D 255 33.88 14.09 15.29
CA PHE D 255 33.10 14.19 16.53
C PHE D 255 32.00 13.15 16.53
N TRP D 256 31.68 12.64 17.71
CA TRP D 256 30.47 11.86 17.97
C TRP D 256 30.16 11.98 19.47
N PHE D 257 29.09 11.34 19.94
CA PHE D 257 28.69 11.51 21.33
C PHE D 257 27.97 10.30 21.84
N ASP D 258 28.06 10.09 23.15
CA ASP D 258 27.30 9.06 23.86
C ASP D 258 26.55 9.77 24.98
N VAL D 259 25.40 9.24 25.38
CA VAL D 259 24.74 9.67 26.62
C VAL D 259 24.45 8.44 27.47
N ALA D 260 24.38 8.63 28.79
CA ALA D 260 24.16 7.53 29.72
C ALA D 260 22.94 7.82 30.58
N PHE D 261 22.11 6.81 30.76
CA PHE D 261 20.98 6.95 31.62
C PHE D 261 21.38 6.21 32.88
N ILE D 262 21.65 6.95 33.94
CA ILE D 262 22.08 6.35 35.20
C ILE D 262 20.87 6.15 36.11
N GLY D 263 20.24 4.99 35.99
CA GLY D 263 19.05 4.68 36.75
C GLY D 263 19.33 3.91 38.02
N SER D 264 18.29 3.73 38.83
CA SER D 264 18.45 3.08 40.11
C SER D 264 18.82 1.60 39.93
N ILE D 265 18.27 0.99 38.89
CA ILE D 265 18.55 -0.41 38.65
C ILE D 265 19.75 -0.65 37.76
N MET D 266 19.94 0.17 36.74
CA MET D 266 21.14 0.05 35.89
C MET D 266 21.42 1.26 35.01
N THR D 267 22.68 1.43 34.65
CA THR D 267 23.08 2.45 33.71
C THR D 267 23.05 1.90 32.27
N VAL D 268 22.38 2.63 31.38
CA VAL D 268 22.27 2.26 29.97
C VAL D 268 22.84 3.35 29.10
N TRP D 269 23.56 2.95 28.05
CA TRP D 269 24.27 3.88 27.17
C TRP D 269 23.63 3.96 25.79
N LEU D 270 23.56 5.16 25.23
CA LEU D 270 23.24 5.36 23.82
C LEU D 270 24.48 5.96 23.14
N SER D 271 25.08 5.24 22.20
CA SER D 271 26.30 5.72 21.57
C SER D 271 26.12 5.99 20.10
N THR D 272 26.66 7.11 19.62
CA THR D 272 26.62 7.38 18.17
C THR D 272 28.02 7.25 17.59
N ALA D 273 28.87 6.46 18.26
CA ALA D 273 30.27 6.30 17.83
C ALA D 273 30.35 5.56 16.51
N PRO D 274 31.43 5.81 15.73
CA PRO D 274 31.63 5.13 14.43
C PRO D 274 31.93 3.63 14.56
N THR D 275 32.27 3.18 15.77
CA THR D 275 32.39 1.77 16.05
C THR D 275 31.02 1.13 16.30
N GLU D 276 29.97 1.94 16.39
CA GLU D 276 28.64 1.42 16.71
C GLU D 276 27.73 1.48 15.48
N PRO D 277 26.62 0.73 15.50
CA PRO D 277 25.72 0.82 14.35
C PRO D 277 25.22 2.24 14.12
N LEU D 278 24.99 2.58 12.86
CA LEU D 278 24.67 3.93 12.45
C LEU D 278 23.39 4.45 13.11
N THR D 279 23.35 5.74 13.45
CA THR D 279 22.13 6.38 13.96
C THR D 279 21.82 7.54 13.05
N HIS D 280 20.69 8.20 13.26
CA HIS D 280 20.32 9.30 12.38
C HIS D 280 21.22 10.53 12.58
N TRP D 281 22.09 10.47 13.58
CA TRP D 281 23.05 11.55 13.83
C TRP D 281 24.33 11.36 13.04
N TYR D 282 24.55 10.15 12.54
CA TYR D 282 25.80 9.86 11.87
C TYR D 282 26.97 10.28 12.76
N GLN D 283 28.02 10.84 12.15
CA GLN D 283 29.07 11.56 12.87
C GLN D 283 29.37 12.86 12.12
N VAL D 284 30.25 13.68 12.69
CA VAL D 284 30.49 15.01 12.15
C VAL D 284 31.99 15.21 12.04
N ARG D 285 32.43 15.78 10.92
CA ARG D 285 33.84 16.06 10.75
C ARG D 285 34.06 17.49 10.36
N CYS D 286 35.09 18.08 10.96
CA CYS D 286 35.51 19.45 10.68
C CYS D 286 36.92 19.41 10.12
N LEU D 287 37.08 19.82 8.87
CA LEU D 287 38.39 19.81 8.22
C LEU D 287 39.32 20.93 8.68
N PHE D 288 40.61 20.66 8.64
CA PHE D 288 41.58 21.71 8.92
C PHE D 288 41.81 22.44 7.62
N GLN D 289 42.03 23.75 7.72
CA GLN D 289 42.24 24.56 6.54
C GLN D 289 43.39 23.97 5.73
N SER D 290 44.45 23.56 6.41
CA SER D 290 45.55 22.85 5.79
C SER D 290 45.95 21.69 6.70
N PRO D 291 46.24 20.53 6.11
CA PRO D 291 46.59 19.36 6.93
C PRO D 291 47.84 19.57 7.75
N LEU D 292 48.00 18.75 8.79
CA LEU D 292 49.20 18.73 9.60
C LEU D 292 49.82 17.33 9.56
N PHE D 293 51.11 17.25 9.27
CA PHE D 293 51.79 15.97 9.30
C PHE D 293 52.20 15.59 10.71
N ALA D 294 51.93 14.35 11.09
CA ALA D 294 52.32 13.87 12.40
C ALA D 294 52.97 12.51 12.26
N LYS D 295 53.93 12.24 13.14
CA LYS D 295 54.43 10.87 13.32
C LYS D 295 53.67 10.19 14.43
N ALA D 296 53.41 8.90 14.30
CA ALA D 296 52.93 8.17 15.46
C ALA D 296 53.92 8.49 16.58
N GLY D 297 53.41 8.78 17.78
CA GLY D 297 54.26 9.21 18.88
C GLY D 297 54.22 10.70 19.17
N ASP D 298 54.21 11.53 18.11
CA ASP D 298 54.04 12.98 18.27
C ASP D 298 52.76 13.30 19.02
N THR D 299 52.61 14.56 19.42
CA THR D 299 51.35 15.01 20.00
C THR D 299 50.76 16.16 19.20
N LEU D 300 49.46 16.07 18.95
CA LEU D 300 48.73 17.12 18.26
C LEU D 300 47.89 17.80 19.32
N SER D 301 48.10 19.09 19.50
CA SER D 301 47.42 19.79 20.58
C SER D 301 46.69 21.06 20.11
N GLY D 302 45.71 21.46 20.89
CA GLY D 302 45.01 22.69 20.58
C GLY D 302 43.66 22.74 21.24
N THR D 303 42.77 23.53 20.67
CA THR D 303 41.51 23.80 21.29
C THR D 303 40.42 23.73 20.23
N CYS D 304 39.32 23.05 20.59
CA CYS D 304 38.08 23.20 19.86
C CYS D 304 37.15 24.08 20.69
N LEU D 305 36.78 25.24 20.16
CA LEU D 305 36.00 26.20 20.92
C LEU D 305 34.63 26.38 20.28
N LEU D 306 33.56 26.06 21.00
CA LEU D 306 32.21 26.17 20.44
C LEU D 306 31.48 27.37 21.04
N ILE D 307 31.11 28.33 20.20
CA ILE D 307 30.53 29.56 20.69
C ILE D 307 29.09 29.64 20.23
N ALA D 308 28.15 29.59 21.18
CA ALA D 308 26.75 29.50 20.80
C ALA D 308 26.35 30.80 20.12
N ASN D 309 25.43 30.71 19.17
CA ASN D 309 24.90 31.91 18.54
C ASN D 309 23.38 31.92 18.60
N LYS D 310 22.79 33.00 18.11
CA LYS D 310 21.36 33.21 18.18
C LYS D 310 20.57 32.48 17.09
N ARG D 311 21.27 31.69 16.27
CA ARG D 311 20.61 30.83 15.28
C ARG D 311 20.44 29.42 15.80
N GLN D 312 20.43 29.27 17.12
CA GLN D 312 20.31 27.96 17.73
C GLN D 312 21.39 27.00 17.27
N SER D 313 22.61 27.51 17.13
CA SER D 313 23.72 26.65 16.76
C SER D 313 25.00 27.21 17.34
N TYR D 314 26.12 26.80 16.77
CA TYR D 314 27.43 27.24 17.25
C TYR D 314 28.36 27.64 16.13
N ASP D 315 29.22 28.60 16.42
CA ASP D 315 30.38 28.86 15.60
C ASP D 315 31.53 28.05 16.18
N ILE D 316 32.13 27.23 15.33
CA ILE D 316 33.17 26.32 15.72
C ILE D 316 34.55 26.88 15.39
N SER D 317 35.40 26.93 16.39
CA SER D 317 36.76 27.39 16.19
C SER D 317 37.70 26.27 16.55
N ILE D 318 38.55 25.89 15.60
CA ILE D 318 39.51 24.85 15.88
C ILE D 318 40.92 25.31 15.58
N VAL D 319 41.78 25.18 16.58
CA VAL D 319 43.20 25.48 16.42
C VAL D 319 43.95 24.22 16.80
N ALA D 320 44.95 23.85 15.99
CA ALA D 320 45.71 22.64 16.26
C ALA D 320 47.18 22.81 15.84
N GLN D 321 48.09 22.16 16.56
CA GLN D 321 49.50 22.13 16.17
C GLN D 321 50.11 20.79 16.47
N VAL D 322 51.07 20.38 15.66
CA VAL D 322 51.89 19.23 16.03
C VAL D 322 53.05 19.73 16.85
N ASP D 323 53.09 19.35 18.12
CA ASP D 323 53.99 19.99 19.07
C ASP D 323 55.44 19.84 18.69
N GLN D 324 55.79 18.71 18.11
CA GLN D 324 57.18 18.48 17.78
C GLN D 324 57.67 19.39 16.66
N THR D 325 56.80 19.76 15.72
CA THR D 325 57.23 20.59 14.59
C THR D 325 56.77 22.05 14.69
N GLY D 326 55.72 22.30 15.47
CA GLY D 326 55.18 23.64 15.55
C GLY D 326 54.31 23.99 14.35
N SER D 327 54.21 23.06 13.40
CA SER D 327 53.19 23.14 12.38
C SER D 327 51.81 23.30 13.00
N LYS D 328 51.03 24.21 12.43
CA LYS D 328 49.73 24.50 12.99
C LYS D 328 48.66 24.80 11.95
N SER D 329 47.42 24.60 12.35
CA SER D 329 46.30 24.87 11.50
C SER D 329 45.15 25.43 12.31
N SER D 330 44.22 26.08 11.63
CA SER D 330 43.00 26.54 12.27
C SER D 330 41.81 26.46 11.28
N ASN D 331 40.60 26.21 11.77
CA ASN D 331 39.44 26.37 10.92
C ASN D 331 38.31 27.03 11.70
N LEU D 332 37.43 27.70 10.97
CA LEU D 332 36.22 28.29 11.52
C LEU D 332 35.03 27.73 10.76
N LEU D 333 34.04 27.20 11.48
CA LEU D 333 32.91 26.52 10.82
C LEU D 333 31.54 26.94 11.37
N ASP D 334 30.51 26.96 10.51
CA ASP D 334 29.14 27.25 10.94
C ASP D 334 28.36 25.95 11.15
N LEU D 335 28.14 25.57 12.40
CA LEU D 335 27.46 24.31 12.65
C LEU D 335 25.99 24.41 12.24
N LYS D 336 25.54 25.61 11.88
CA LYS D 336 24.13 25.79 11.52
C LYS D 336 23.85 25.47 10.06
N ASN D 337 24.93 25.28 9.31
CA ASN D 337 24.81 25.01 7.89
C ASN D 337 25.71 23.83 7.49
N PRO D 338 25.40 22.63 8.01
CA PRO D 338 26.17 21.40 7.80
C PRO D 338 26.12 20.94 6.33
N PHE D 339 27.19 20.30 5.87
CA PHE D 339 27.15 19.60 4.58
C PHE D 339 26.87 18.11 4.74
N PHE D 340 25.72 17.66 4.24
CA PHE D 340 25.31 16.26 4.34
C PHE D 340 25.92 15.43 3.21
N ARG D 341 27.08 14.87 3.50
CA ARG D 341 27.85 14.17 2.48
C ARG D 341 27.25 12.80 2.22
N TYR D 342 26.53 12.25 3.19
CA TYR D 342 26.01 10.89 3.05
C TYR D 342 24.84 10.68 2.03
N THR D 343 24.15 11.67 1.63
N SAH E . -27.36 -3.86 -6.06
CA SAH E . -25.91 -4.31 -5.83
CB SAH E . -25.88 -5.82 -5.55
CG SAH E . -26.44 -6.66 -6.73
SD SAH E . -26.13 -8.42 -6.47
C SAH E . -25.05 -3.91 -7.07
O SAH E . -25.67 -3.67 -8.10
OXT SAH E . -23.83 -3.89 -6.87
C5' SAH E . -27.69 -8.97 -5.72
C4' SAH E . -27.94 -8.47 -4.30
O4' SAH E . -29.30 -8.65 -4.00
C3' SAH E . -27.11 -9.17 -3.20
O3' SAH E . -26.55 -8.25 -2.25
C2' SAH E . -28.13 -10.12 -2.55
O2' SAH E . -27.94 -10.54 -1.21
C1' SAH E . -29.41 -9.35 -2.77
N9 SAH E . -30.63 -10.16 -2.86
C8 SAH E . -30.92 -11.31 -3.58
N7 SAH E . -32.15 -11.79 -3.43
C5 SAH E . -32.75 -10.97 -2.58
C6 SAH E . -34.01 -10.95 -2.03
N6 SAH E . -35.01 -11.84 -2.28
N1 SAH E . -34.25 -9.88 -1.15
C2 SAH E . -33.31 -8.97 -0.86
N3 SAH E . -32.03 -8.97 -1.39
C4 SAH E . -31.84 -9.99 -2.21
N1 845 F . -18.44 -13.32 -9.29
C2 845 F . -17.75 -14.53 -9.10
C3 845 F . -16.49 -14.35 -9.65
C4 845 F . -16.43 -13.05 -10.18
N5 845 F . -17.63 -12.45 -9.94
C6 845 F . -19.64 -13.02 -8.94
C7 845 F . -19.83 -12.33 -7.70
C8 845 F . -21.12 -11.96 -7.31
C9 845 F . -22.22 -12.27 -8.12
C10 845 F . -22.06 -12.96 -9.37
C11 845 F . -20.77 -13.34 -9.79
C12 845 F . -18.16 -15.75 -8.50
C13 845 F . -23.31 -13.28 -10.26
N14 845 F . -24.58 -12.56 -9.90
C15 845 F . -15.26 -12.38 -10.90
F16 845 F . -14.07 -12.64 -10.32
F17 845 F . -15.45 -11.04 -10.90
F18 845 F . -15.21 -12.81 -12.17
C19 845 F . -24.76 -11.23 -10.09
C20 845 F . -25.93 -10.54 -9.33
O21 845 F . -24.03 -10.56 -10.82
N22 845 F . -26.44 -9.45 -10.16
C23 845 F . -27.11 -11.50 -9.01
N24 845 F . -17.44 -16.57 -7.67
N25 845 F . -18.22 -17.63 -7.35
C26 845 F . -19.44 -17.49 -7.98
O27 845 F . -19.37 -16.32 -8.68
C28 845 F . -20.55 -18.35 -7.95
C29 845 F . -20.34 -19.78 -7.93
C30 845 F . -21.43 -20.72 -7.92
C31 845 F . -22.76 -20.29 -7.96
C32 845 F . -23.02 -18.87 -7.98
C33 845 F . -21.94 -17.90 -7.98
C34 845 F . -22.53 -16.64 -8.01
C35 845 F . -23.92 -16.84 -8.03
N36 845 F . -24.25 -18.22 -8.01
CL CL G . -24.09 -18.67 -3.79
N SAH H . 20.95 35.64 -12.98
CA SAH H . 21.64 34.44 -12.36
CB SAH H . 20.92 34.02 -11.04
CG SAH H . 19.43 33.62 -11.23
SD SAH H . 18.75 32.86 -9.73
C SAH H . 21.72 33.28 -13.44
O SAH H . 20.87 33.32 -14.36
OXT SAH H . 22.61 32.45 -13.23
C5' SAH H . 17.83 34.23 -8.96
C4' SAH H . 18.73 35.38 -8.48
O4' SAH H . 17.96 36.55 -8.29
C3' SAH H . 19.47 35.08 -7.15
O3' SAH H . 20.82 35.54 -7.16
C2' SAH H . 18.61 35.84 -6.12
O2' SAH H . 19.17 36.15 -4.86
C1' SAH H . 18.17 37.03 -6.96
N9 SAH H . 16.92 37.68 -6.57
C8 SAH H . 15.66 37.15 -6.28
N7 SAH H . 14.72 38.00 -5.97
C5 SAH H . 15.31 39.21 -6.03
C6 SAH H . 14.85 40.52 -5.81
N6 SAH H . 13.58 40.89 -5.45
N1 SAH H . 15.82 41.52 -6.01
C2 SAH H . 17.07 41.23 -6.35
N3 SAH H . 17.54 39.94 -6.56
C4 SAH H . 16.63 39.02 -6.39
N1 845 I . 18.91 23.85 -7.33
C2 845 I . 18.76 22.98 -6.22
C3 845 I . 19.34 21.76 -6.55
C4 845 I . 19.85 21.89 -7.85
N5 845 I . 19.57 23.18 -8.30
C6 845 I . 18.50 25.07 -7.42
C7 845 I . 19.38 26.12 -6.99
C8 845 I . 18.97 27.46 -7.07
C9 845 I . 17.69 27.79 -7.58
C10 845 I . 16.80 26.78 -8.02
C11 845 I . 17.22 25.42 -7.94
C12 845 I . 18.12 23.20 -4.97
C13 845 I . 15.39 27.16 -8.59
N14 845 I . 15.20 28.56 -9.04
C15 845 I . 20.59 20.81 -8.67
F16 845 I . 21.19 19.90 -7.86
F17 845 I . 21.53 21.38 -9.46
F18 845 I . 19.71 20.16 -9.45
C19 845 I . 15.89 29.11 -10.09
C20 845 I . 15.99 30.65 -10.16
O21 845 I . 16.47 28.41 -10.95
N22 845 I . 16.02 31.09 -11.57
C23 845 I . 14.80 31.32 -9.43
N24 845 I . 18.51 22.82 -3.71
N25 845 I . 17.58 23.25 -2.84
C26 845 I . 16.59 23.92 -3.54
O27 845 I . 16.95 23.88 -4.86
C28 845 I . 15.41 24.53 -3.06
C29 845 I . 14.65 23.86 -2.04
C30 845 I . 13.43 24.41 -1.52
C31 845 I . 12.92 25.63 -1.99
C32 845 I . 13.64 26.34 -3.00
C33 845 I . 14.87 25.81 -3.55
C34 845 I . 15.31 26.72 -4.50
C35 845 I . 14.38 27.75 -4.52
N36 845 I . 13.33 27.53 -3.61
CL CL J . 15.14 28.97 -0.14
N SAH K . -9.45 -42.32 2.10
CA SAH K . -9.59 -41.63 0.75
CB SAH K . -10.42 -40.34 0.88
CG SAH K . -9.81 -39.40 1.96
SD SAH K . -10.60 -37.78 2.00
C SAH K . -8.17 -41.38 0.17
O SAH K . -7.22 -41.41 0.99
OXT SAH K . -8.17 -41.17 -1.06
C5' SAH K . -11.80 -37.98 3.36
C4' SAH K . -12.99 -38.93 3.08
O4' SAH K . -13.57 -39.28 4.32
C3' SAH K . -14.11 -38.33 2.16
O3' SAH K . -14.54 -39.27 1.20
C2' SAH K . -15.23 -38.02 3.14
O2' SAH K . -16.57 -37.97 2.66
C1' SAH K . -14.99 -39.07 4.23
N9 SAH K . -15.46 -38.69 5.57
C8 SAH K . -15.23 -37.56 6.31
N7 SAH K . -15.79 -37.52 7.50
C5 SAH K . -16.45 -38.68 7.61
C6 SAH K . -17.24 -39.23 8.64
N6 SAH K . -17.54 -38.67 9.84
N1 SAH K . -17.76 -40.50 8.35
C2 SAH K . -17.51 -41.11 7.18
N3 SAH K . -16.73 -40.56 6.15
C4 SAH K . -16.26 -39.38 6.45
N1 845 L . -8.34 -30.20 -3.09
C2 845 L . -8.85 -28.95 -3.56
C3 845 L . -8.02 -28.55 -4.59
C4 845 L . -7.03 -29.53 -4.76
N5 845 L . -7.25 -30.52 -3.84
C6 845 L . -8.78 -30.96 -2.15
C7 845 L . -9.64 -32.06 -2.48
C8 845 L . -10.12 -32.93 -1.48
C9 845 L . -9.77 -32.71 -0.14
C10 845 L . -8.91 -31.62 0.24
C11 845 L . -8.42 -30.74 -0.77
C12 845 L . -9.94 -28.14 -3.14
C13 845 L . -8.52 -31.40 1.71
N14 845 L . -8.69 -32.56 2.63
C15 845 L . -5.91 -29.50 -5.77
F16 845 L . -6.23 -28.72 -6.81
F17 845 L . -5.64 -30.75 -6.23
F18 845 L . -4.79 -28.99 -5.20
C19 845 L . -8.11 -33.78 2.47
C20 845 L . -8.80 -35.00 3.17
O21 845 L . -7.12 -33.97 1.77
N22 845 L . -7.77 -35.94 3.63
C23 845 L . -9.67 -34.60 4.38
N24 845 L . -10.79 -27.37 -3.90
N25 845 L . -11.64 -26.74 -3.07
C26 845 L . -11.33 -27.10 -1.75
O27 845 L . -10.27 -27.97 -1.84
C28 845 L . -11.93 -26.67 -0.54
C29 845 L . -12.48 -25.33 -0.48
C30 845 L . -13.07 -24.78 0.69
C31 845 L . -13.15 -25.54 1.87
C32 845 L . -12.63 -26.87 1.88
C33 845 L . -12.01 -27.45 0.70
C34 845 L . -11.62 -28.75 1.06
C35 845 L . -11.99 -28.93 2.40
N36 845 L . -12.61 -27.78 2.94
CL CL M . -16.32 -28.70 1.66
N SAH N . 10.77 13.49 22.29
CA SAH N . 10.61 13.14 20.81
CB SAH N . 11.05 14.36 19.98
CG SAH N . 12.54 14.70 20.25
SD SAH N . 13.21 15.86 19.05
C SAH N . 11.47 11.85 20.52
O SAH N . 12.31 11.56 21.39
OXT SAH N . 11.21 11.30 19.42
C5' SAH N . 13.16 17.42 20.00
C4' SAH N . 11.73 17.97 20.24
O4' SAH N . 11.78 18.98 21.22
C3' SAH N . 11.04 18.57 18.97
O3' SAH N . 9.73 18.09 18.83
C2' SAH N . 11.05 20.06 19.26
O2' SAH N . 10.13 20.92 18.62
C1' SAH N . 11.00 20.07 20.78
N9 SAH N . 11.58 21.25 21.40
C8 SAH N . 12.78 21.90 21.13
N7 SAH N . 13.05 22.96 21.88
C5 SAH N . 12.01 23.06 22.72
C6 SAH N . 11.71 23.96 23.73
N6 SAH N . 12.49 25.00 24.14
N1 SAH N . 10.50 23.72 24.40
C2 SAH N . 9.70 22.70 24.05
N3 SAH N . 9.97 21.78 23.03
C4 SAH N . 11.11 22.05 22.44
N1 845 O . 17.15 14.09 10.63
C2 845 O . 17.55 14.71 9.42
C3 845 O . 17.77 13.68 8.50
C4 845 O . 17.50 12.47 9.16
N5 845 O . 17.13 12.75 10.46
C6 845 O . 16.85 14.66 11.71
C7 845 O . 15.47 14.95 11.99
C8 845 O . 15.11 15.59 13.19
C9 845 O . 16.10 15.93 14.12
C10 845 O . 17.48 15.65 13.87
C11 845 O . 17.85 15.01 12.67
C12 845 O . 17.74 16.09 9.08
C13 845 O . 18.57 16.03 14.89
N14 845 O . 18.10 16.34 16.25
C15 845 O . 17.58 11.06 8.56
F16 845 O . 17.27 11.07 7.22
F17 845 O . 16.70 10.24 9.19
F18 845 O . 18.80 10.54 8.72
C19 845 O . 17.60 15.41 17.08
C20 845 O . 16.71 15.91 18.21
O21 845 O . 17.82 14.19 16.93
N22 845 O . 16.93 15.06 19.40
C23 845 O . 17.01 17.39 18.58
N24 845 O . 17.41 16.71 7.91
N25 845 O . 17.74 17.99 7.99
C26 845 O . 18.31 18.24 9.23
O27 845 O . 18.29 17.04 9.90
C28 845 O . 18.81 19.44 9.72
C29 845 O . 19.54 20.30 8.82
C30 845 O . 20.10 21.54 9.21
C31 845 O . 19.96 21.99 10.54
C32 845 O . 19.24 21.18 11.49
C33 845 O . 18.66 19.92 11.09
C34 845 O . 18.05 19.39 12.23
C35 845 O . 18.25 20.32 13.26
N36 845 O . 18.98 21.43 12.82
CL CL P . 15.79 23.46 11.32
#